data_8QP5
#
_entry.id   8QP5
#
_cell.length_a   1.00
_cell.length_b   1.00
_cell.length_c   1.00
_cell.angle_alpha   90.00
_cell.angle_beta   90.00
_cell.angle_gamma   90.00
#
_symmetry.space_group_name_H-M   'P 1'
#
loop_
_entity.id
_entity.type
_entity.pdbx_description
1 polymer 'Outer membrane protein assembly factor BamA'
2 polymer 'Outer membrane protein assembly factor BamB'
3 polymer 'Outer membrane protein assembly factor BamC'
4 polymer 'Outer membrane protein assembly factor BamD'
5 polymer 'Outer membrane protein assembly factor BamE'
6 polymer 'Chaperone SurA,Serine protease EspP'
#
loop_
_entity_poly.entity_id
_entity_poly.type
_entity_poly.pdbx_seq_one_letter_code
_entity_poly.pdbx_strand_id
1 'polypeptide(L)'
;AEGFVVKDIHFEGLQRVAVGAALLSMPVRTGDTVNDEDISNTIRALFATGNFEDVRVLRDGDTLLVQVKERPTIASITFS
GNKSVKDDMLKQNLEASGVRVGESLDRTTIADIEKGLEDFYYSVGKYSASVKAVVTPLPRNRVDLKLVFQEGVSAEIQQI
NIVGNHAFTTDELISHFQLRDEVPWWNVVGDRKYQKQKLAGDLETLRSYYLDRGYARFNIDSTQVSLTPDKKGIYVTVNI
TEGDQYKLSGVEVSGNLAGHSAEIEQLTKIEPGELYNGTKVTKMEDDIKKLLGRYGYAYPRVQSMPEINDADKTVKLRVN
VDAGNRFYVRKIRFEGNDTSKDAVLRREMRQMEGAWLGSDLVDQGKERLNRLGFFETVDTDTQRVPGSPDQVDVVYKVKE
RNTGCFNFGIGYGTESGVSFQAGVQQDNWLGTGYAVGINGTKNDYQTYAELSVTNPYFTVDGVSLGGRLFYNDFQADDAD
LSDYTNKSYGTDVTLGFPINEYNSLRAGLGYVHNSLSNMQPQVAMWRYLYSMGEHPSTSDQDNSFKTDDFTFNYGWTYNK
LDRGYFPTDGSRVNLTGKVTIPGSDNEYYKVTLDTATYVPIDDDHKWVVLGRTRWGYGDGLGGKEMPFYENFYAGGSSTV
RGFQSNTIGPKAVYFPHQASNYDPDYDYECATQDGAKDLCKSDDAVGGNAMAVASLEFITPTPFISDKYANSVRTSFFWD
MGTVWDTNWDSSQYSGYPDYSDPSNIRMSAGIALQWMSPLGPLVFSYAQPFKKYDGDKAEQFQFNIGKTW
;
A
2 'polypeptide(L)'
;CSLFNSEEDVVKMSPLPTVENQFTPTTAWSTSVGSGIGNFYSNLHPALADNVVYAADRAGLVKALNADDGKEIWSVSLAE
KDGWFSKEPALLSGGVTVSGGHVYIGSEKAQVYALNTSDGTVAWQTKVAGEALSRPVVSDGLVLIHTSNGQLQALNEADG
AVKWTVNLDMPSLSLRGESAPTTAFGAAVVGGDNGRVSAVLMEQGQMIWQQRISQATGSTEIDRLSDVDTTPVVVNGVVF
ALAYNGNLTALDLRSGQIMWKRELGSVNDFIVDGNRIYLVDQNDRVMALTIDGGVTLWTQSDLLHRLLTSPVLYNGNLVV
GDSEGYLHWINVEDGRFVAQQKVDSSGFQTEPVAADGKLLIQAKDGTVYSITR
;
B
3 'polypeptide(L)'
;CSSDSRYKRQVSGDEAYLEAAPLAELHAPAGMILPVTSGDYAIPVTNGSGAVGKALDIRPPAQPLALVSGARTQFTGDTA
SLLVENGRGNTLWPQVVSVLQAKNYTITQRDDAGQTLTTDWVQWNRLDEDEQYRGRYQISVKPQGYQQAVTVKLLNLEQA
GKPVADAASMQRYSTEMMNVISAGLDKSATDAANAAQNRASTTMDVQSAADDTGLPMLVVRGPFNVVWQRLPAALEKVGM
KVTDSTRSQGNMAVTYKPLSDSDWQELGASDPGLASGDYKLQVGDLDNRSSLQFIDPKGHTLTQSQNDALVAVFQAAFSK
;
C
4 'polypeptide(L)'
;CSGSKEEVPDNPPNEIYATAQQKLQDGNWRQAITQLEALDNRYPFGPYSQQVQLDLIYAYYKNADLPLAQAAIDRFIRLN
PTHPNIDYVMYMRGLTNMALDDSALQGFFGVDRSDRDPQHARAAFSDFSKLVRGYPNSQYTTDATKRLVFLKDRLAKYEY
SVAEYYTERGAWVAVVNRVEGMLRDYPDTQATRDALPLMENAYRQMQMNAQAEKVAKIIAANSSNT
;
D
5 'polypeptide(L)'
;CSTLERVVYRPDINQGNYLTANDVSKIRVGMTQQQVAYALGTPLMSDPFGTNTWFYVFRQQPGHEGVTQQTLTLTFNSSG
VLTNIDNKPALSGNGGHHHHHHHH
;
E
6 'polypeptide(L)'
;GSSAWSHPQFEKGGGSGGGSGGSAWSHPQFEKSSGENLYFQGAPQVVDCVAAVVNNGVVLESDVDGLMQSVKLNAAQARQ
QLPDDATLRHQIMERLIMDQIILQMGQKMGVKISDEQLDQAIANIAKQNNMTLDQMRSRLAYDGLNYNTYRNQIRKEMII
SEVRNNEVRRRITILPQEVESLAQQVGNQNDASTELNLSHILIPLPENPTSDQVNEAESQARAIVDQARNGADFGKLAIA
HSADQQALNGGQMGWGRIQELPGIFAQALSTAKKGDIVGPIRSGVGFHILKVNDLRGESKNISVTEVHARHILLKPSPIM
TDEQARVKLEQIAADIKSGKTTFAAAAKEFSQDPGSANQGGDLGWATPDIFDPAFRDALTRLNKGQMSAPVHSSFGWHLI
ELLDTRNVDKTDAAQKDRAYRMLMNRKFSEEAASWMQEQRASAYVKILSNGGNIELVSAPKDTNENVFKASKQTIGFSDV
TPVITTRETGENLYFQGGDDKITWSLTGYNTVANKEATRNAAALFSVDYKAFLNEVNNLNKRMGDLRDINGEAGAWARIM
SGTGSASGGFSDNYTHVQVGVDKKHELDGLDLFTGFTVTHTDSSASADVFSGKTKSVGAGLYASAMFDSGAYIDLIGKYV
HHDNEYTATFAGLGTRDYSTHSWYAGAEAGYRYHVTEDAWIEPQAELVYGSVSGKQFAWKDQGMHLSMKDKDYNPLIGRT
GVDVGKSFSGKDWKVTARAGLGYQFDLLANGETVLRDASGEKRIKGEKDSRMLMSVGLNAEIRDNVRFGLEFEKSAFGKY
NVDNAVNANFRYCF
;
P
#
# COMPACT_ATOMS: atom_id res chain seq x y z
N GLU A 156 -21.30 14.09 -14.37
CA GLU A 156 -21.85 13.56 -13.14
C GLU A 156 -23.14 12.81 -13.39
N ILE A 157 -23.27 11.63 -12.77
CA ILE A 157 -24.46 10.81 -12.97
C ILE A 157 -25.64 11.42 -12.22
N GLN A 158 -26.83 11.25 -12.78
CA GLN A 158 -28.03 11.84 -12.19
C GLN A 158 -29.06 10.79 -11.75
N GLN A 159 -29.49 9.90 -12.64
CA GLN A 159 -30.62 9.02 -12.33
C GLN A 159 -30.38 7.60 -12.83
N ILE A 160 -30.87 6.64 -12.05
CA ILE A 160 -30.86 5.22 -12.39
C ILE A 160 -32.28 4.72 -12.32
N ASN A 161 -32.72 3.96 -13.32
CA ASN A 161 -34.04 3.37 -13.28
C ASN A 161 -34.01 1.93 -13.77
N ILE A 162 -34.82 1.10 -13.12
CA ILE A 162 -34.91 -0.33 -13.37
C ILE A 162 -36.32 -0.63 -13.87
N VAL A 163 -36.88 0.32 -14.63
CA VAL A 163 -38.24 0.16 -15.16
C VAL A 163 -38.39 -1.18 -15.87
N GLY A 164 -39.56 -1.77 -15.73
CA GLY A 164 -39.82 -3.10 -16.23
C GLY A 164 -39.93 -4.18 -15.17
N ASN A 165 -40.00 -3.80 -13.89
CA ASN A 165 -40.14 -4.75 -12.80
C ASN A 165 -41.42 -4.47 -12.01
N HIS A 166 -42.01 -5.54 -11.47
CA HIS A 166 -43.20 -5.42 -10.64
C HIS A 166 -43.13 -6.37 -9.44
N ALA A 167 -41.93 -6.63 -8.96
CA ALA A 167 -41.74 -7.51 -7.80
C ALA A 167 -41.02 -6.85 -6.64
N PHE A 168 -40.09 -5.94 -6.90
CA PHE A 168 -39.32 -5.28 -5.85
C PHE A 168 -39.24 -3.79 -6.14
N THR A 169 -39.03 -3.01 -5.08
CA THR A 169 -38.93 -1.56 -5.23
C THR A 169 -37.58 -1.18 -5.83
N THR A 170 -37.59 -0.06 -6.56
CA THR A 170 -36.38 0.40 -7.23
C THR A 170 -35.28 0.75 -6.23
N ASP A 171 -35.65 1.39 -5.12
CA ASP A 171 -34.66 1.94 -4.20
C ASP A 171 -33.79 0.85 -3.59
N GLU A 172 -34.43 -0.22 -3.09
CA GLU A 172 -33.64 -1.27 -2.45
C GLU A 172 -32.80 -2.03 -3.48
N LEU A 173 -33.29 -2.16 -4.71
CA LEU A 173 -32.49 -2.77 -5.76
C LEU A 173 -31.24 -1.95 -6.05
N ILE A 174 -31.40 -0.63 -6.21
CA ILE A 174 -30.23 0.19 -6.51
C ILE A 174 -29.35 0.36 -5.29
N SER A 175 -29.86 0.06 -4.09
CA SER A 175 -29.04 0.17 -2.88
C SER A 175 -27.82 -0.75 -2.96
N HIS A 176 -27.98 -1.93 -3.54
CA HIS A 176 -26.87 -2.86 -3.66
C HIS A 176 -25.87 -2.46 -4.74
N PHE A 177 -26.21 -1.49 -5.58
CA PHE A 177 -25.26 -1.01 -6.58
C PHE A 177 -24.11 -0.28 -5.94
N GLN A 178 -22.89 -0.60 -6.36
CA GLN A 178 -21.75 0.25 -6.00
C GLN A 178 -21.93 1.65 -6.59
N LEU A 179 -22.37 1.73 -7.84
CA LEU A 179 -22.66 3.01 -8.45
C LEU A 179 -23.86 3.67 -7.76
N ARG A 180 -23.76 4.98 -7.53
CA ARG A 180 -24.75 5.72 -6.77
C ARG A 180 -25.29 6.86 -7.62
N ASP A 181 -26.59 7.12 -7.51
CA ASP A 181 -27.24 8.14 -8.33
C ASP A 181 -27.37 9.48 -7.62
N GLU A 182 -27.39 9.49 -6.30
CA GLU A 182 -27.52 10.75 -5.56
C GLU A 182 -26.90 10.59 -4.18
N VAL A 183 -26.28 11.66 -3.69
CA VAL A 183 -25.62 11.64 -2.39
C VAL A 183 -26.68 11.81 -1.30
N PRO A 184 -26.64 11.00 -0.25
CA PRO A 184 -27.52 11.25 0.91
C PRO A 184 -27.10 12.51 1.65
N TRP A 185 -28.05 13.04 2.44
CA TRP A 185 -27.91 14.37 3.02
C TRP A 185 -26.73 14.45 3.99
N TRP A 186 -26.81 13.73 5.10
CA TRP A 186 -25.92 13.98 6.23
C TRP A 186 -24.67 13.10 6.20
N ASN A 187 -24.00 13.06 5.05
CA ASN A 187 -22.76 12.30 4.88
C ASN A 187 -22.17 12.50 3.49
N VAL A 188 -20.86 12.30 3.37
CA VAL A 188 -20.14 12.47 2.10
C VAL A 188 -19.45 11.14 1.80
N VAL A 189 -20.09 10.04 2.18
CA VAL A 189 -19.47 8.72 2.07
C VAL A 189 -19.17 8.38 0.61
N GLY A 190 -20.13 8.64 -0.29
CA GLY A 190 -20.04 8.18 -1.66
C GLY A 190 -19.98 9.32 -2.67
N ASP A 191 -19.63 8.93 -3.91
CA ASP A 191 -19.49 9.86 -5.03
C ASP A 191 -20.55 9.59 -6.08
N ARG A 192 -20.65 10.49 -7.05
CA ARG A 192 -21.76 10.54 -7.99
C ARG A 192 -21.27 10.74 -9.42
N LYS A 193 -20.27 9.96 -9.82
CA LYS A 193 -19.77 9.99 -11.19
C LYS A 193 -20.30 8.80 -11.96
N TYR A 194 -19.84 8.64 -13.21
CA TYR A 194 -20.27 7.56 -14.08
C TYR A 194 -19.07 6.73 -14.51
N GLN A 195 -19.18 5.41 -14.35
CA GLN A 195 -18.12 4.47 -14.71
C GLN A 195 -18.76 3.25 -15.35
N LYS A 196 -18.42 2.98 -16.61
CA LYS A 196 -19.08 1.91 -17.35
C LYS A 196 -18.74 0.53 -16.79
N GLN A 197 -17.48 0.33 -16.40
CA GLN A 197 -17.06 -0.99 -15.92
C GLN A 197 -17.81 -1.36 -14.65
N LYS A 198 -17.96 -0.42 -13.73
CA LYS A 198 -18.71 -0.73 -12.52
C LYS A 198 -20.21 -0.76 -12.79
N LEU A 199 -20.67 -0.10 -13.86
CA LEU A 199 -22.04 -0.30 -14.30
C LEU A 199 -22.25 -1.76 -14.70
N ALA A 200 -21.32 -2.34 -15.44
CA ALA A 200 -21.42 -3.76 -15.79
C ALA A 200 -21.33 -4.63 -14.55
N GLY A 201 -20.46 -4.27 -13.61
CA GLY A 201 -20.37 -5.04 -12.38
C GLY A 201 -21.65 -5.04 -11.59
N ASP A 202 -22.25 -3.86 -11.43
CA ASP A 202 -23.53 -3.76 -10.74
C ASP A 202 -24.64 -4.48 -11.51
N LEU A 203 -24.54 -4.50 -12.84
CA LEU A 203 -25.48 -5.28 -13.64
C LEU A 203 -25.38 -6.76 -13.30
N GLU A 204 -24.15 -7.27 -13.18
CA GLU A 204 -23.97 -8.66 -12.78
C GLU A 204 -24.54 -8.92 -11.40
N THR A 205 -24.31 -7.98 -10.46
CA THR A 205 -24.87 -8.13 -9.12
C THR A 205 -26.39 -8.15 -9.15
N LEU A 206 -27.00 -7.32 -9.99
CA LEU A 206 -28.45 -7.32 -10.15
C LEU A 206 -28.94 -8.67 -10.70
N ARG A 207 -28.21 -9.21 -11.68
CA ARG A 207 -28.56 -10.52 -12.20
C ARG A 207 -28.52 -11.57 -11.11
N SER A 208 -27.49 -11.53 -10.27
CA SER A 208 -27.41 -12.47 -9.15
C SER A 208 -28.57 -12.28 -8.18
N TYR A 209 -28.90 -11.02 -7.88
CA TYR A 209 -29.93 -10.74 -6.89
C TYR A 209 -31.34 -11.03 -7.41
N TYR A 210 -31.51 -11.21 -8.71
CA TYR A 210 -32.75 -11.84 -9.16
C TYR A 210 -32.67 -13.37 -9.18
N LEU A 211 -31.57 -13.94 -9.67
CA LEU A 211 -31.54 -15.39 -9.82
C LEU A 211 -31.50 -16.10 -8.47
N ASP A 212 -31.15 -15.40 -7.39
CA ASP A 212 -30.98 -16.09 -6.11
C ASP A 212 -32.30 -16.48 -5.45
N ARG A 213 -33.45 -16.00 -5.92
CA ARG A 213 -34.73 -16.36 -5.30
C ARG A 213 -35.69 -16.93 -6.33
N GLY A 214 -35.22 -17.90 -7.11
CA GLY A 214 -36.12 -18.66 -7.95
C GLY A 214 -36.64 -17.93 -9.16
N TYR A 215 -36.05 -16.80 -9.51
CA TYR A 215 -36.39 -16.11 -10.75
C TYR A 215 -35.45 -16.54 -11.86
N ALA A 216 -35.39 -17.86 -12.10
CA ALA A 216 -34.43 -18.40 -13.06
C ALA A 216 -34.68 -17.86 -14.46
N ARG A 217 -35.94 -17.79 -14.87
CA ARG A 217 -36.25 -17.25 -16.19
C ARG A 217 -36.12 -15.73 -16.17
N PHE A 218 -34.90 -15.25 -15.97
CA PHE A 218 -34.60 -13.82 -15.97
C PHE A 218 -33.49 -13.55 -16.96
N ASN A 219 -33.61 -12.44 -17.70
CA ASN A 219 -32.57 -12.02 -18.61
C ASN A 219 -32.67 -10.51 -18.81
N ILE A 220 -31.52 -9.87 -18.94
CA ILE A 220 -31.49 -8.42 -19.16
C ILE A 220 -31.89 -8.17 -20.60
N ASP A 221 -33.07 -7.57 -20.80
CA ASP A 221 -33.50 -7.25 -22.16
C ASP A 221 -32.58 -6.21 -22.77
N SER A 222 -32.27 -5.14 -22.03
CA SER A 222 -31.30 -4.16 -22.51
C SER A 222 -30.95 -3.20 -21.39
N THR A 223 -29.86 -2.45 -21.63
CA THR A 223 -29.42 -1.37 -20.76
C THR A 223 -29.03 -0.20 -21.64
N GLN A 224 -29.50 1.00 -21.30
CA GLN A 224 -29.19 2.20 -22.05
C GLN A 224 -28.54 3.23 -21.15
N VAL A 225 -27.47 3.83 -21.63
CA VAL A 225 -26.85 4.99 -21.00
C VAL A 225 -26.97 6.17 -21.96
N SER A 226 -27.30 7.34 -21.42
CA SER A 226 -27.59 8.49 -22.24
C SER A 226 -26.92 9.71 -21.63
N LEU A 227 -27.24 10.88 -22.18
CA LEU A 227 -26.66 12.12 -21.70
C LEU A 227 -27.66 13.24 -21.94
N THR A 228 -27.62 14.24 -21.06
CA THR A 228 -28.40 15.45 -21.26
C THR A 228 -27.83 16.21 -22.46
N PRO A 229 -28.63 17.04 -23.12
CA PRO A 229 -28.08 17.88 -24.18
C PRO A 229 -27.31 19.07 -23.59
N ASP A 230 -26.54 18.78 -22.55
CA ASP A 230 -25.61 19.73 -21.95
C ASP A 230 -24.30 19.09 -21.55
N LYS A 231 -24.18 17.76 -21.63
CA LYS A 231 -22.96 17.03 -21.27
C LYS A 231 -22.58 17.26 -19.81
N LYS A 232 -23.58 17.25 -18.92
CA LYS A 232 -23.30 17.34 -17.49
C LYS A 232 -24.04 16.32 -16.64
N GLY A 233 -25.18 15.80 -17.08
CA GLY A 233 -25.92 14.83 -16.31
C GLY A 233 -26.31 13.63 -17.15
N ILE A 234 -26.23 12.46 -16.52
CA ILE A 234 -26.35 11.18 -17.21
C ILE A 234 -27.43 10.34 -16.55
N TYR A 235 -28.31 9.77 -17.36
CA TYR A 235 -29.34 8.85 -16.90
C TYR A 235 -29.03 7.45 -17.41
N VAL A 236 -29.29 6.44 -16.59
CA VAL A 236 -29.07 5.05 -16.96
C VAL A 236 -30.33 4.26 -16.70
N THR A 237 -30.80 3.55 -17.72
CA THR A 237 -32.02 2.75 -17.62
C THR A 237 -31.72 1.30 -17.93
N VAL A 238 -32.45 0.40 -17.29
CA VAL A 238 -32.37 -1.02 -17.55
C VAL A 238 -33.77 -1.57 -17.74
N ASN A 239 -34.02 -2.27 -18.83
CA ASN A 239 -35.28 -2.96 -19.04
C ASN A 239 -35.03 -4.46 -19.06
N ILE A 240 -35.85 -5.19 -18.29
CA ILE A 240 -35.57 -6.55 -17.87
C ILE A 240 -36.76 -7.44 -18.17
N THR A 241 -36.67 -8.70 -17.75
CA THR A 241 -37.79 -9.62 -17.73
C THR A 241 -37.70 -10.41 -16.42
N GLU A 242 -38.61 -10.11 -15.48
CA GLU A 242 -38.56 -10.77 -14.18
C GLU A 242 -38.74 -12.28 -14.31
N GLY A 243 -39.67 -12.72 -15.16
CA GLY A 243 -40.01 -14.12 -15.22
C GLY A 243 -41.02 -14.50 -14.17
N ASP A 244 -40.73 -15.54 -13.39
CA ASP A 244 -41.62 -15.99 -12.33
C ASP A 244 -40.82 -16.72 -11.27
N GLN A 245 -41.44 -16.91 -10.11
CA GLN A 245 -40.83 -17.67 -9.03
C GLN A 245 -40.72 -19.15 -9.42
N TYR A 246 -39.72 -19.82 -8.86
CA TYR A 246 -39.52 -21.24 -9.14
C TYR A 246 -39.00 -21.93 -7.89
N LYS A 247 -39.17 -23.25 -7.86
CA LYS A 247 -38.80 -24.08 -6.72
C LYS A 247 -37.77 -25.10 -7.14
N LEU A 248 -36.80 -25.35 -6.26
CA LEU A 248 -35.73 -26.31 -6.51
C LEU A 248 -36.30 -27.72 -6.54
N SER A 249 -36.50 -28.27 -7.74
CA SER A 249 -37.10 -29.59 -7.87
C SER A 249 -36.24 -30.66 -7.20
N GLY A 250 -34.94 -30.61 -7.43
CA GLY A 250 -34.05 -31.59 -6.83
C GLY A 250 -32.67 -31.53 -7.46
N VAL A 251 -31.79 -32.35 -6.92
CA VAL A 251 -30.39 -32.41 -7.34
C VAL A 251 -30.02 -33.85 -7.62
N GLU A 252 -29.23 -34.06 -8.67
CA GLU A 252 -28.69 -35.37 -8.99
C GLU A 252 -27.22 -35.20 -9.38
N VAL A 253 -26.45 -36.27 -9.21
CA VAL A 253 -25.02 -36.26 -9.49
C VAL A 253 -24.71 -37.32 -10.53
N SER A 254 -23.60 -37.11 -11.24
CA SER A 254 -23.21 -38.03 -12.31
C SER A 254 -21.76 -37.77 -12.68
N GLY A 255 -21.17 -38.72 -13.38
CA GLY A 255 -19.83 -38.61 -13.90
C GLY A 255 -18.93 -39.72 -13.40
N ASN A 256 -17.68 -39.67 -13.87
CA ASN A 256 -16.67 -40.65 -13.46
C ASN A 256 -16.08 -40.24 -12.11
N LEU A 257 -16.96 -40.01 -11.14
CA LEU A 257 -16.54 -39.60 -9.81
C LEU A 257 -15.78 -40.72 -9.10
N ALA A 258 -14.90 -40.32 -8.19
CA ALA A 258 -14.08 -41.26 -7.45
C ALA A 258 -14.90 -41.95 -6.36
N GLY A 259 -14.26 -42.90 -5.68
CA GLY A 259 -14.95 -43.71 -4.70
C GLY A 259 -15.45 -42.96 -3.47
N HIS A 260 -15.34 -41.64 -3.50
CA HIS A 260 -15.80 -40.80 -2.39
C HIS A 260 -17.24 -40.34 -2.58
N SER A 261 -18.06 -41.08 -3.33
CA SER A 261 -19.40 -40.63 -3.69
C SER A 261 -20.23 -40.28 -2.46
N ALA A 262 -19.98 -40.94 -1.33
CA ALA A 262 -20.77 -40.69 -0.12
C ALA A 262 -20.61 -39.24 0.33
N GLU A 263 -19.38 -38.72 0.30
CA GLU A 263 -19.16 -37.35 0.75
C GLU A 263 -19.86 -36.34 -0.15
N ILE A 264 -19.77 -36.53 -1.47
CA ILE A 264 -20.48 -35.62 -2.38
C ILE A 264 -21.99 -35.71 -2.16
N GLU A 265 -22.51 -36.92 -2.02
CA GLU A 265 -23.95 -37.07 -1.84
C GLU A 265 -24.41 -36.40 -0.55
N GLN A 266 -23.67 -36.58 0.54
CA GLN A 266 -24.03 -35.91 1.80
C GLN A 266 -23.93 -34.40 1.66
N LEU A 267 -22.88 -33.92 0.99
CA LEU A 267 -22.66 -32.49 0.89
C LEU A 267 -23.65 -31.81 -0.04
N THR A 268 -24.29 -32.57 -0.93
CA THR A 268 -25.24 -32.02 -1.88
C THR A 268 -26.67 -31.98 -1.33
N LYS A 269 -26.91 -32.60 -0.18
CA LYS A 269 -28.27 -32.69 0.36
C LYS A 269 -28.85 -31.30 0.62
N ILE A 270 -30.07 -31.08 0.12
CA ILE A 270 -30.77 -29.83 0.28
C ILE A 270 -32.17 -30.12 0.82
N GLU A 271 -32.63 -29.27 1.74
CA GLU A 271 -33.97 -29.42 2.29
C GLU A 271 -35.00 -29.34 1.16
N PRO A 272 -35.91 -30.31 1.04
CA PRO A 272 -36.90 -30.27 -0.03
C PRO A 272 -37.93 -29.18 0.19
N GLY A 273 -38.57 -28.79 -0.91
CA GLY A 273 -39.60 -27.78 -0.87
C GLY A 273 -39.10 -26.35 -0.95
N GLU A 274 -37.79 -26.14 -1.02
CA GLU A 274 -37.21 -24.80 -1.04
C GLU A 274 -36.96 -24.35 -2.48
N LEU A 275 -36.90 -23.04 -2.65
CA LEU A 275 -36.75 -22.43 -3.95
C LEU A 275 -35.29 -22.41 -4.38
N TYR A 276 -35.07 -22.12 -5.66
CA TYR A 276 -33.72 -22.06 -6.21
C TYR A 276 -32.96 -20.87 -5.64
N ASN A 277 -31.63 -21.02 -5.59
CA ASN A 277 -30.75 -19.95 -5.16
C ASN A 277 -29.36 -20.22 -5.74
N GLY A 278 -28.90 -19.35 -6.63
CA GLY A 278 -27.64 -19.58 -7.30
C GLY A 278 -26.44 -19.50 -6.38
N THR A 279 -26.55 -18.78 -5.26
CA THR A 279 -25.44 -18.66 -4.34
C THR A 279 -25.08 -20.03 -3.75
N LYS A 280 -26.08 -20.77 -3.29
CA LYS A 280 -25.77 -22.08 -2.72
C LYS A 280 -25.24 -23.02 -3.78
N VAL A 281 -25.72 -22.91 -5.02
CA VAL A 281 -25.25 -23.78 -6.09
C VAL A 281 -23.77 -23.50 -6.36
N THR A 282 -23.41 -22.22 -6.51
CA THR A 282 -22.02 -21.86 -6.73
C THR A 282 -21.16 -22.35 -5.57
N LYS A 283 -21.66 -22.21 -4.34
CA LYS A 283 -20.98 -22.78 -3.20
C LYS A 283 -20.78 -24.28 -3.37
N MET A 284 -21.78 -24.97 -3.93
CA MET A 284 -21.66 -26.41 -4.16
C MET A 284 -20.51 -26.72 -5.10
N GLU A 285 -20.43 -26.04 -6.24
CA GLU A 285 -19.30 -26.34 -7.13
C GLU A 285 -17.97 -26.03 -6.45
N ASP A 286 -17.89 -24.88 -5.79
CA ASP A 286 -16.62 -24.48 -5.18
C ASP A 286 -16.17 -25.48 -4.12
N ASP A 287 -17.06 -25.86 -3.22
CA ASP A 287 -16.65 -26.71 -2.12
C ASP A 287 -16.58 -28.18 -2.53
N ILE A 288 -17.29 -28.60 -3.58
CA ILE A 288 -17.06 -29.93 -4.12
C ILE A 288 -15.68 -30.00 -4.75
N LYS A 289 -15.26 -28.95 -5.45
CA LYS A 289 -13.89 -28.89 -5.95
C LYS A 289 -12.89 -28.94 -4.80
N LYS A 290 -13.18 -28.20 -3.72
CA LYS A 290 -12.30 -28.23 -2.56
C LYS A 290 -12.23 -29.62 -1.94
N LEU A 291 -13.38 -30.30 -1.85
CA LEU A 291 -13.41 -31.66 -1.33
C LEU A 291 -12.57 -32.60 -2.18
N LEU A 292 -12.78 -32.59 -3.49
CA LEU A 292 -12.02 -33.46 -4.37
C LEU A 292 -10.54 -33.12 -4.33
N GLY A 293 -10.21 -31.86 -4.07
CA GLY A 293 -8.81 -31.49 -3.89
C GLY A 293 -8.22 -31.92 -2.56
N ARG A 294 -9.05 -32.13 -1.54
CA ARG A 294 -8.54 -32.59 -0.26
C ARG A 294 -7.93 -33.98 -0.38
N TYR A 295 -8.56 -34.85 -1.16
CA TYR A 295 -7.98 -36.17 -1.41
C TYR A 295 -6.96 -36.16 -2.54
N GLY A 296 -6.73 -35.01 -3.17
CA GLY A 296 -5.67 -34.90 -4.15
C GLY A 296 -6.10 -34.97 -5.60
N TYR A 297 -7.13 -34.22 -5.95
CA TYR A 297 -7.55 -34.06 -7.34
C TYR A 297 -7.62 -32.56 -7.60
N ALA A 298 -6.47 -31.98 -7.98
CA ALA A 298 -6.37 -30.54 -8.14
C ALA A 298 -7.13 -30.03 -9.34
N TYR A 299 -7.31 -30.84 -10.37
CA TYR A 299 -7.94 -30.40 -11.62
C TYR A 299 -9.09 -31.32 -12.01
N PRO A 300 -10.20 -31.26 -11.29
CA PRO A 300 -11.45 -31.84 -11.80
C PRO A 300 -12.26 -30.78 -12.53
N ARG A 301 -13.14 -31.25 -13.41
CA ARG A 301 -14.02 -30.35 -14.15
C ARG A 301 -15.47 -30.67 -13.82
N VAL A 302 -16.22 -29.65 -13.42
CA VAL A 302 -17.61 -29.80 -13.01
C VAL A 302 -18.49 -28.91 -13.87
N GLN A 303 -19.69 -29.41 -14.17
CA GLN A 303 -20.67 -28.67 -14.94
C GLN A 303 -22.01 -28.75 -14.24
N SER A 304 -22.80 -27.68 -14.37
CA SER A 304 -24.12 -27.60 -13.76
C SER A 304 -25.15 -27.20 -14.81
N MET A 305 -26.24 -27.96 -14.87
CA MET A 305 -27.34 -27.68 -15.79
C MET A 305 -28.63 -27.52 -15.02
N PRO A 306 -29.20 -26.31 -14.95
CA PRO A 306 -30.52 -26.14 -14.32
C PRO A 306 -31.68 -26.40 -15.27
N GLU A 307 -32.08 -27.66 -15.43
CA GLU A 307 -33.30 -27.97 -16.16
C GLU A 307 -34.48 -27.32 -15.45
N ILE A 308 -35.41 -26.76 -16.23
CA ILE A 308 -36.56 -26.05 -15.65
C ILE A 308 -37.83 -26.57 -16.30
N ASN A 309 -38.80 -26.93 -15.47
CA ASN A 309 -40.16 -27.25 -15.90
C ASN A 309 -41.06 -26.13 -15.41
N ASP A 310 -41.43 -25.24 -16.32
CA ASP A 310 -42.27 -24.10 -15.95
C ASP A 310 -43.70 -24.55 -15.65
N ALA A 311 -44.18 -25.56 -16.36
CA ALA A 311 -45.54 -26.05 -16.13
C ALA A 311 -45.73 -26.59 -14.73
N ASP A 312 -44.65 -26.91 -14.03
CA ASP A 312 -44.71 -27.35 -12.64
C ASP A 312 -43.99 -26.41 -11.69
N LYS A 313 -43.46 -25.29 -12.18
CA LYS A 313 -42.72 -24.33 -11.35
C LYS A 313 -41.57 -24.99 -10.62
N THR A 314 -40.79 -25.79 -11.35
CA THR A 314 -39.72 -26.58 -10.74
C THR A 314 -38.42 -26.38 -11.50
N VAL A 315 -37.31 -26.45 -10.78
CA VAL A 315 -35.98 -26.44 -11.37
C VAL A 315 -35.15 -27.55 -10.74
N LYS A 316 -34.62 -28.42 -11.59
CA LYS A 316 -33.74 -29.50 -11.18
C LYS A 316 -32.32 -29.20 -11.63
N LEU A 317 -31.34 -29.52 -10.79
CA LEU A 317 -29.94 -29.31 -11.11
C LEU A 317 -29.26 -30.63 -11.41
N ARG A 318 -28.60 -30.72 -12.57
CA ARG A 318 -27.78 -31.86 -12.93
C ARG A 318 -26.33 -31.42 -12.89
N VAL A 319 -25.56 -32.01 -11.98
CA VAL A 319 -24.15 -31.66 -11.82
C VAL A 319 -23.31 -32.85 -12.24
N ASN A 320 -22.41 -32.61 -13.19
CA ASN A 320 -21.48 -33.61 -13.69
C ASN A 320 -20.10 -33.29 -13.16
N VAL A 321 -19.43 -34.30 -12.60
CA VAL A 321 -18.12 -34.15 -12.00
C VAL A 321 -17.13 -35.08 -12.70
N ASP A 322 -15.96 -34.55 -13.03
CA ASP A 322 -14.89 -35.32 -13.66
C ASP A 322 -13.64 -35.16 -12.82
N ALA A 323 -13.33 -36.19 -12.02
CA ALA A 323 -12.20 -36.10 -11.11
C ALA A 323 -10.89 -35.92 -11.86
N GLY A 324 -10.72 -36.65 -12.96
CA GLY A 324 -9.50 -36.56 -13.74
C GLY A 324 -8.51 -37.63 -13.31
N ASN A 325 -7.30 -37.21 -12.95
CA ASN A 325 -6.23 -38.12 -12.60
C ASN A 325 -5.66 -37.77 -11.24
N ARG A 326 -4.98 -38.74 -10.64
CA ARG A 326 -4.25 -38.50 -9.40
C ARG A 326 -3.22 -37.41 -9.62
N PHE A 327 -2.78 -36.77 -8.54
CA PHE A 327 -1.73 -35.76 -8.64
C PHE A 327 -0.68 -35.96 -7.56
N TYR A 328 0.57 -35.78 -7.94
CA TYR A 328 1.70 -35.95 -7.04
C TYR A 328 2.60 -34.73 -7.13
N VAL A 329 3.28 -34.43 -6.02
CA VAL A 329 4.19 -33.30 -5.96
C VAL A 329 5.60 -33.80 -6.22
N ARG A 330 6.25 -33.22 -7.23
CA ARG A 330 7.62 -33.63 -7.55
C ARG A 330 8.62 -32.90 -6.66
N LYS A 331 8.49 -31.58 -6.56
CA LYS A 331 9.41 -30.77 -5.78
C LYS A 331 8.63 -29.70 -5.05
N ILE A 332 9.24 -29.17 -3.99
CA ILE A 332 8.74 -28.00 -3.29
C ILE A 332 9.88 -27.00 -3.20
N ARG A 333 9.77 -25.90 -3.93
CA ARG A 333 10.83 -24.91 -4.05
C ARG A 333 10.36 -23.59 -3.46
N PHE A 334 11.19 -23.00 -2.62
CA PHE A 334 10.93 -21.69 -2.05
C PHE A 334 11.58 -20.61 -2.90
N GLU A 335 11.06 -19.39 -2.79
CA GLU A 335 11.61 -18.25 -3.49
C GLU A 335 11.46 -17.01 -2.64
N GLY A 336 12.50 -16.18 -2.63
CA GLY A 336 12.48 -14.91 -1.93
C GLY A 336 13.21 -14.89 -0.60
N ASN A 337 13.51 -16.04 -0.03
CA ASN A 337 14.18 -16.07 1.25
C ASN A 337 15.65 -15.68 1.09
N ASP A 338 15.94 -14.39 1.16
CA ASP A 338 17.31 -13.94 0.97
C ASP A 338 18.23 -14.42 2.08
N THR A 339 17.76 -14.39 3.32
CA THR A 339 18.60 -14.64 4.48
C THR A 339 18.25 -15.94 5.21
N SER A 340 16.98 -16.12 5.57
CA SER A 340 16.60 -17.30 6.33
C SER A 340 16.91 -18.57 5.56
N LYS A 341 17.54 -19.52 6.23
CA LYS A 341 17.94 -20.75 5.57
C LYS A 341 16.73 -21.58 5.16
N ASP A 342 16.92 -22.41 4.13
CA ASP A 342 15.82 -23.22 3.64
C ASP A 342 15.27 -24.13 4.71
N ALA A 343 16.09 -24.49 5.70
CA ALA A 343 15.64 -25.41 6.74
C ALA A 343 14.47 -24.84 7.51
N VAL A 344 14.53 -23.56 7.88
CA VAL A 344 13.49 -22.98 8.73
C VAL A 344 12.15 -22.94 7.99
N LEU A 345 12.17 -22.71 6.69
CA LEU A 345 10.92 -22.69 5.94
C LEU A 345 10.42 -24.10 5.68
N ARG A 346 11.34 -25.03 5.42
CA ARG A 346 10.93 -26.39 5.08
C ARG A 346 10.39 -27.13 6.29
N ARG A 347 10.90 -26.85 7.48
CA ARG A 347 10.48 -27.61 8.65
C ARG A 347 9.05 -27.28 9.08
N GLU A 348 8.44 -26.24 8.51
CA GLU A 348 7.09 -25.87 8.87
C GLU A 348 6.04 -26.49 7.97
N MET A 349 6.44 -27.27 6.97
CA MET A 349 5.50 -27.76 5.99
C MET A 349 4.64 -28.88 6.54
N ARG A 350 3.53 -29.14 5.86
CA ARG A 350 2.68 -30.28 6.16
C ARG A 350 2.33 -31.09 4.91
N GLN A 351 2.66 -30.59 3.73
CA GLN A 351 2.51 -31.35 2.49
C GLN A 351 3.87 -31.92 2.16
N MET A 352 4.08 -33.20 2.51
CA MET A 352 5.39 -33.80 2.38
C MET A 352 5.72 -34.03 0.92
N GLU A 353 6.95 -33.67 0.52
CA GLU A 353 7.34 -33.83 -0.88
C GLU A 353 7.39 -35.31 -1.24
N GLY A 354 7.04 -35.62 -2.48
CA GLY A 354 6.99 -36.98 -2.94
C GLY A 354 5.86 -37.76 -2.30
N ALA A 355 4.63 -37.36 -2.61
CA ALA A 355 3.43 -38.00 -2.10
C ALA A 355 2.25 -37.46 -2.90
N TRP A 356 1.06 -37.89 -2.54
CA TRP A 356 -0.14 -37.40 -3.21
C TRP A 356 -0.54 -36.05 -2.63
N LEU A 357 -0.88 -35.11 -3.52
CA LEU A 357 -1.12 -33.74 -3.11
C LEU A 357 -2.32 -33.63 -2.19
N GLY A 358 -2.25 -32.72 -1.24
CA GLY A 358 -3.41 -32.33 -0.45
C GLY A 358 -3.54 -30.82 -0.38
N SER A 359 -4.61 -30.28 -0.95
CA SER A 359 -4.78 -28.84 -0.98
C SER A 359 -4.84 -28.27 0.44
N ASP A 360 -5.54 -28.97 1.34
CA ASP A 360 -5.57 -28.54 2.73
C ASP A 360 -4.17 -28.51 3.33
N LEU A 361 -3.33 -29.46 2.95
CA LEU A 361 -1.97 -29.47 3.47
C LEU A 361 -1.19 -28.24 3.02
N VAL A 362 -1.32 -27.87 1.75
CA VAL A 362 -0.65 -26.66 1.25
C VAL A 362 -1.19 -25.43 1.98
N ASP A 363 -2.50 -25.38 2.19
CA ASP A 363 -3.08 -24.24 2.88
C ASP A 363 -2.55 -24.14 4.30
N GLN A 364 -2.49 -25.26 5.02
CA GLN A 364 -1.93 -25.24 6.36
C GLN A 364 -0.47 -24.85 6.36
N GLY A 365 0.28 -25.24 5.32
CA GLY A 365 1.67 -24.83 5.23
C GLY A 365 1.81 -23.33 5.09
N LYS A 366 1.02 -22.73 4.21
CA LYS A 366 1.09 -21.27 4.07
C LYS A 366 0.63 -20.58 5.35
N GLU A 367 -0.36 -21.15 6.04
CA GLU A 367 -0.78 -20.57 7.31
C GLU A 367 0.34 -20.63 8.34
N ARG A 368 1.07 -21.73 8.38
CA ARG A 368 2.15 -21.84 9.36
C ARG A 368 3.29 -20.89 9.03
N LEU A 369 3.62 -20.74 7.75
CA LEU A 369 4.61 -19.73 7.38
C LEU A 369 4.15 -18.34 7.79
N ASN A 370 2.87 -18.04 7.64
CA ASN A 370 2.36 -16.77 8.12
C ASN A 370 2.54 -16.63 9.63
N ARG A 371 2.21 -17.69 10.37
CA ARG A 371 2.26 -17.60 11.83
C ARG A 371 3.68 -17.57 12.38
N LEU A 372 4.68 -17.96 11.57
CA LEU A 372 6.05 -17.84 12.05
C LEU A 372 6.38 -16.41 12.46
N GLY A 373 5.82 -15.43 11.76
CA GLY A 373 5.88 -14.06 12.21
C GLY A 373 7.04 -13.23 11.72
N PHE A 374 7.77 -13.69 10.70
CA PHE A 374 8.79 -12.85 10.08
C PHE A 374 8.71 -12.96 8.56
N PHE A 375 7.50 -12.84 8.03
CA PHE A 375 7.29 -12.75 6.58
C PHE A 375 6.12 -11.83 6.33
N GLU A 376 6.36 -10.72 5.64
CA GLU A 376 5.30 -9.74 5.45
C GLU A 376 4.23 -10.25 4.51
N THR A 377 4.60 -11.09 3.54
CA THR A 377 3.61 -11.64 2.62
C THR A 377 4.10 -12.97 2.08
N VAL A 378 3.16 -13.90 1.91
CA VAL A 378 3.44 -15.25 1.45
C VAL A 378 2.29 -15.69 0.54
N ASP A 379 2.64 -16.26 -0.61
CA ASP A 379 1.66 -16.62 -1.64
C ASP A 379 2.01 -18.00 -2.16
N THR A 380 1.07 -18.93 -2.08
CA THR A 380 1.30 -20.25 -2.63
C THR A 380 0.96 -20.26 -4.13
N ASP A 381 1.55 -21.21 -4.83
CA ASP A 381 1.27 -21.38 -6.26
C ASP A 381 1.56 -22.80 -6.66
N THR A 382 0.57 -23.48 -7.20
CA THR A 382 0.70 -24.87 -7.63
C THR A 382 0.58 -24.95 -9.14
N GLN A 383 1.61 -25.44 -9.80
CA GLN A 383 1.64 -25.47 -11.26
C GLN A 383 2.14 -26.81 -11.74
N ARG A 384 1.52 -27.33 -12.80
CA ARG A 384 1.86 -28.66 -13.28
C ARG A 384 3.08 -28.63 -14.18
N VAL A 385 3.91 -29.65 -14.06
CA VAL A 385 5.11 -29.74 -14.91
C VAL A 385 4.68 -29.98 -16.35
N PRO A 386 5.38 -29.40 -17.33
CA PRO A 386 5.00 -29.63 -18.73
C PRO A 386 5.38 -31.03 -19.22
N GLY A 387 5.80 -31.89 -18.29
CA GLY A 387 6.24 -33.23 -18.65
C GLY A 387 5.16 -34.28 -18.48
N SER A 388 5.24 -35.04 -17.39
CA SER A 388 4.33 -36.16 -17.18
C SER A 388 2.89 -35.67 -17.06
N PRO A 389 1.92 -36.50 -17.45
CA PRO A 389 0.52 -36.07 -17.38
C PRO A 389 0.06 -35.68 -15.98
N ASP A 390 0.53 -36.37 -14.94
CA ASP A 390 0.08 -36.11 -13.57
C ASP A 390 1.28 -35.96 -12.64
N GLN A 391 1.84 -34.75 -12.60
CA GLN A 391 2.83 -34.35 -11.62
C GLN A 391 2.78 -32.84 -11.53
N VAL A 392 2.81 -32.31 -10.30
CA VAL A 392 2.65 -30.88 -10.08
C VAL A 392 3.72 -30.39 -9.13
N ASP A 393 4.36 -29.28 -9.49
CA ASP A 393 5.30 -28.58 -8.63
C ASP A 393 4.55 -27.56 -7.79
N VAL A 394 5.09 -27.26 -6.61
CA VAL A 394 4.48 -26.35 -5.66
C VAL A 394 5.53 -25.35 -5.21
N VAL A 395 5.17 -24.06 -5.21
CA VAL A 395 6.10 -22.99 -4.88
C VAL A 395 5.44 -22.10 -3.83
N TYR A 396 6.25 -21.63 -2.88
CA TYR A 396 5.79 -20.74 -1.81
C TYR A 396 6.54 -19.41 -1.96
N LYS A 397 6.00 -18.50 -2.76
CA LYS A 397 6.65 -17.21 -3.00
C LYS A 397 6.46 -16.34 -1.77
N VAL A 398 7.56 -16.10 -1.05
CA VAL A 398 7.53 -15.28 0.15
C VAL A 398 8.16 -13.93 -0.17
N LYS A 399 8.05 -13.00 0.77
CA LYS A 399 8.84 -11.77 0.69
C LYS A 399 9.34 -11.45 2.09
N GLU A 400 10.63 -11.62 2.32
CA GLU A 400 11.19 -11.48 3.65
C GLU A 400 11.11 -10.02 4.11
N ARG A 401 10.96 -9.85 5.41
CA ARG A 401 10.77 -8.55 6.02
C ARG A 401 11.89 -8.28 7.02
N ASN A 402 11.76 -7.17 7.73
CA ASN A 402 12.72 -6.82 8.77
C ASN A 402 12.30 -7.41 10.11
N THR A 403 13.30 -7.66 10.96
CA THR A 403 13.06 -8.07 12.33
C THR A 403 14.33 -7.84 13.12
N GLY A 404 14.17 -7.55 14.40
CA GLY A 404 15.32 -7.32 15.26
C GLY A 404 15.94 -5.95 15.11
N CYS A 405 16.53 -5.44 16.19
CA CYS A 405 17.12 -4.11 16.19
C CYS A 405 18.32 -4.11 17.12
N PHE A 406 19.39 -3.43 16.70
CA PHE A 406 20.50 -3.14 17.59
C PHE A 406 20.50 -1.67 17.95
N ASN A 407 20.42 -1.36 19.24
CA ASN A 407 20.33 0.01 19.70
C ASN A 407 21.43 0.30 20.69
N PHE A 408 21.78 1.59 20.77
CA PHE A 408 22.95 2.06 21.50
C PHE A 408 22.71 3.51 21.92
N GLY A 409 23.24 3.90 23.07
CA GLY A 409 23.06 5.26 23.54
C GLY A 409 23.88 5.54 24.78
N ILE A 410 24.22 6.82 24.95
CA ILE A 410 24.99 7.31 26.09
C ILE A 410 24.31 8.56 26.62
N GLY A 411 24.25 8.67 27.94
CA GLY A 411 23.51 9.74 28.59
C GLY A 411 24.32 10.68 29.46
N TYR A 412 25.47 11.13 28.97
CA TYR A 412 26.32 12.05 29.72
C TYR A 412 25.55 13.30 30.11
N GLY A 413 25.32 13.50 31.41
CA GLY A 413 24.58 14.63 31.88
C GLY A 413 24.94 14.96 33.32
N THR A 414 24.69 16.21 33.70
CA THR A 414 25.10 16.67 35.03
C THR A 414 24.30 15.98 36.13
N GLU A 415 22.98 15.92 35.98
CA GLU A 415 22.12 15.40 37.04
C GLU A 415 22.19 13.89 37.19
N SER A 416 22.81 13.18 36.24
CA SER A 416 22.87 11.72 36.30
C SER A 416 24.26 11.17 36.03
N GLY A 417 25.27 12.02 35.87
CA GLY A 417 26.60 11.54 35.56
C GLY A 417 26.68 10.93 34.18
N VAL A 418 26.81 9.61 34.12
CA VAL A 418 26.92 8.88 32.86
C VAL A 418 25.90 7.75 32.87
N SER A 419 25.10 7.66 31.82
CA SER A 419 24.16 6.56 31.62
C SER A 419 24.44 5.90 30.28
N PHE A 420 24.55 4.58 30.29
CA PHE A 420 24.97 3.79 29.14
C PHE A 420 23.91 2.75 28.85
N GLN A 421 23.53 2.61 27.58
CA GLN A 421 22.47 1.69 27.20
C GLN A 421 22.83 1.04 25.86
N ALA A 422 22.63 -0.28 25.78
CA ALA A 422 22.85 -0.98 24.52
C ALA A 422 22.06 -2.28 24.51
N GLY A 423 21.85 -2.81 23.31
CA GLY A 423 21.21 -4.11 23.20
C GLY A 423 20.70 -4.52 21.83
N VAL A 424 20.60 -5.82 21.60
CA VAL A 424 20.00 -6.38 20.40
C VAL A 424 18.87 -7.30 20.82
N GLN A 425 17.90 -7.48 19.93
CA GLN A 425 16.80 -8.40 20.18
C GLN A 425 16.23 -8.83 18.83
N GLN A 426 16.59 -10.03 18.39
CA GLN A 426 16.03 -10.61 17.18
C GLN A 426 15.22 -11.85 17.54
N ASP A 427 14.09 -12.01 16.85
CA ASP A 427 13.33 -13.26 16.91
C ASP A 427 13.79 -14.23 15.84
N ASN A 428 14.72 -13.83 14.98
CA ASN A 428 15.27 -14.69 13.93
C ASN A 428 16.70 -14.23 13.69
N TRP A 429 17.65 -14.97 14.27
CA TRP A 429 19.05 -14.54 14.25
C TRP A 429 19.71 -14.97 12.95
N LEU A 430 19.95 -14.00 12.07
CA LEU A 430 20.68 -14.23 10.83
C LEU A 430 20.03 -15.31 9.98
N GLY A 431 18.76 -15.57 10.19
CA GLY A 431 18.09 -16.66 9.51
C GLY A 431 18.31 -18.02 10.12
N THR A 432 19.10 -18.12 11.18
CA THR A 432 19.32 -19.41 11.81
C THR A 432 18.05 -19.96 12.44
N GLY A 433 17.06 -19.11 12.67
CA GLY A 433 15.83 -19.52 13.32
C GLY A 433 15.83 -19.37 14.83
N TYR A 434 16.98 -19.05 15.43
CA TYR A 434 17.03 -18.84 16.86
C TYR A 434 16.28 -17.57 17.22
N ALA A 435 16.19 -17.32 18.53
CA ALA A 435 15.69 -16.05 19.04
C ALA A 435 16.63 -15.59 20.14
N VAL A 436 17.29 -14.47 19.93
CA VAL A 436 18.34 -14.00 20.82
C VAL A 436 18.01 -12.58 21.26
N GLY A 437 17.91 -12.38 22.56
CA GLY A 437 17.72 -11.04 23.10
C GLY A 437 18.69 -10.75 24.21
N ILE A 438 19.57 -9.76 24.01
CA ILE A 438 20.53 -9.37 25.03
C ILE A 438 20.48 -7.86 25.15
N ASN A 439 20.55 -7.35 26.37
CA ASN A 439 20.60 -5.91 26.54
C ASN A 439 21.19 -5.57 27.90
N GLY A 440 21.63 -4.32 28.01
CA GLY A 440 22.24 -3.85 29.24
C GLY A 440 22.23 -2.34 29.33
N THR A 441 22.32 -1.86 30.56
CA THR A 441 22.40 -0.44 30.88
C THR A 441 23.13 -0.28 32.20
N LYS A 442 23.92 0.78 32.29
CA LYS A 442 24.70 1.08 33.48
C LYS A 442 24.53 2.56 33.82
N ASN A 443 24.41 2.84 35.12
CA ASN A 443 24.14 4.19 35.58
C ASN A 443 24.56 4.29 37.04
N ASP A 444 24.67 5.54 37.52
CA ASP A 444 24.91 5.73 38.94
C ASP A 444 23.74 5.27 39.79
N TYR A 445 22.57 5.08 39.17
CA TYR A 445 21.41 4.53 39.85
C TYR A 445 21.02 3.15 39.33
N GLN A 446 21.55 2.73 38.18
CA GLN A 446 21.09 1.52 37.53
C GLN A 446 22.27 0.70 37.01
N THR A 447 22.17 -0.62 37.15
CA THR A 447 23.07 -1.57 36.49
C THR A 447 22.23 -2.80 36.22
N TYR A 448 21.67 -2.86 35.01
CA TYR A 448 20.72 -3.89 34.61
C TYR A 448 21.26 -4.57 33.37
N ALA A 449 21.13 -5.89 33.31
CA ALA A 449 21.56 -6.61 32.12
C ALA A 449 20.83 -7.94 32.06
N GLU A 450 20.49 -8.37 30.85
CA GLU A 450 19.90 -9.69 30.70
C GLU A 450 20.23 -10.26 29.34
N LEU A 451 20.18 -11.58 29.27
CA LEU A 451 20.59 -12.36 28.11
C LEU A 451 19.64 -13.54 27.99
N SER A 452 19.20 -13.83 26.78
CA SER A 452 18.26 -14.93 26.58
C SER A 452 18.41 -15.48 25.17
N VAL A 453 18.42 -16.81 25.07
CA VAL A 453 18.52 -17.48 23.78
C VAL A 453 17.57 -18.66 23.77
N THR A 454 16.81 -18.79 22.67
CA THR A 454 15.87 -19.89 22.49
C THR A 454 16.00 -20.46 21.09
N ASN A 455 16.00 -21.80 21.01
CA ASN A 455 15.89 -22.49 19.73
C ASN A 455 14.53 -23.15 19.67
N PRO A 456 13.67 -22.76 18.72
CA PRO A 456 12.33 -23.37 18.65
C PRO A 456 12.33 -24.79 18.12
N TYR A 457 13.45 -25.27 17.57
CA TYR A 457 13.50 -26.58 16.92
C TYR A 457 14.74 -27.34 17.36
N PHE A 458 14.92 -27.44 18.68
CA PHE A 458 16.04 -28.22 19.23
C PHE A 458 16.10 -29.62 18.62
N THR A 459 14.94 -30.25 18.44
CA THR A 459 14.82 -31.45 17.64
C THR A 459 13.72 -31.21 16.61
N VAL A 460 13.74 -31.98 15.53
CA VAL A 460 12.77 -31.71 14.48
C VAL A 460 11.49 -32.46 14.80
N ASP A 461 10.74 -31.94 15.76
CA ASP A 461 9.33 -32.25 15.94
C ASP A 461 8.52 -31.02 16.35
N GLY A 462 9.14 -30.00 16.93
CA GLY A 462 8.46 -28.88 17.52
C GLY A 462 9.02 -28.55 18.88
N VAL A 463 9.93 -29.39 19.36
CA VAL A 463 10.50 -29.22 20.69
C VAL A 463 11.42 -28.01 20.71
N SER A 464 11.22 -27.13 21.70
CA SER A 464 11.97 -25.90 21.82
C SER A 464 12.74 -25.89 23.14
N LEU A 465 13.88 -25.21 23.15
CA LEU A 465 14.71 -25.10 24.33
C LEU A 465 15.21 -23.68 24.47
N GLY A 466 15.00 -23.06 25.62
CA GLY A 466 15.37 -21.67 25.81
C GLY A 466 15.79 -21.36 27.22
N GLY A 467 16.77 -20.47 27.35
CA GLY A 467 17.27 -20.09 28.66
C GLY A 467 17.56 -18.61 28.73
N ARG A 468 17.65 -18.11 29.96
CA ARG A 468 18.00 -16.71 30.18
C ARG A 468 18.75 -16.54 31.50
N LEU A 469 19.51 -15.45 31.56
CA LEU A 469 20.24 -15.00 32.74
C LEU A 469 20.05 -13.50 32.87
N PHE A 470 20.16 -13.01 34.10
CA PHE A 470 19.98 -11.57 34.32
C PHE A 470 20.68 -11.14 35.61
N TYR A 471 21.21 -9.92 35.57
CA TYR A 471 21.87 -9.26 36.69
C TYR A 471 21.23 -7.89 36.90
N ASN A 472 20.76 -7.64 38.12
CA ASN A 472 19.94 -6.47 38.44
C ASN A 472 20.41 -5.84 39.74
N ASP A 473 21.70 -5.49 39.82
CA ASP A 473 22.24 -4.74 40.97
C ASP A 473 22.29 -3.26 40.60
N PHE A 474 21.12 -2.63 40.63
CA PHE A 474 21.05 -1.22 40.22
C PHE A 474 21.56 -0.28 41.31
N GLN A 475 21.29 -0.59 42.58
CA GLN A 475 21.78 0.19 43.72
C GLN A 475 21.29 1.64 43.67
N ALA A 476 19.97 1.77 43.80
CA ALA A 476 19.35 3.10 43.88
C ALA A 476 19.49 3.63 45.31
N ASP A 477 20.24 4.72 45.45
CA ASP A 477 20.58 5.26 46.77
C ASP A 477 20.09 6.68 46.98
N ASP A 478 20.31 7.57 46.02
CA ASP A 478 20.18 9.00 46.26
C ASP A 478 18.72 9.40 46.46
N ALA A 479 18.51 10.36 47.37
CA ALA A 479 17.26 11.06 47.61
C ALA A 479 16.21 10.19 48.29
N ASP A 480 16.48 8.90 48.42
CA ASP A 480 15.62 7.97 49.15
C ASP A 480 14.14 8.13 48.78
N LEU A 481 13.88 8.15 47.48
CA LEU A 481 12.54 8.40 46.95
C LEU A 481 11.88 7.07 46.62
N SER A 482 11.27 6.45 47.64
CA SER A 482 10.52 5.20 47.50
C SER A 482 11.37 4.13 46.83
N ASP A 483 12.65 4.06 47.22
CA ASP A 483 13.58 3.12 46.63
C ASP A 483 14.38 2.45 47.73
N TYR A 484 14.87 1.25 47.43
CA TYR A 484 15.65 0.46 48.37
C TYR A 484 16.78 -0.23 47.62
N THR A 485 17.91 -0.41 48.31
CA THR A 485 19.05 -1.06 47.70
C THR A 485 18.71 -2.49 47.35
N ASN A 486 19.00 -2.90 46.12
CA ASN A 486 18.57 -4.21 45.67
C ASN A 486 19.50 -4.74 44.59
N LYS A 487 19.90 -6.00 44.76
CA LYS A 487 20.61 -6.77 43.74
C LYS A 487 19.84 -8.06 43.51
N SER A 488 19.36 -8.26 42.30
CA SER A 488 18.63 -9.47 41.93
C SER A 488 19.32 -10.14 40.76
N TYR A 489 19.88 -11.33 40.98
CA TYR A 489 20.54 -12.06 39.92
C TYR A 489 19.93 -13.44 39.79
N GLY A 490 19.70 -13.87 38.56
CA GLY A 490 19.03 -15.15 38.40
C GLY A 490 19.14 -15.67 36.99
N THR A 491 18.58 -16.87 36.81
CA THR A 491 18.60 -17.56 35.53
C THR A 491 17.49 -18.60 35.50
N ASP A 492 17.17 -19.05 34.31
CA ASP A 492 16.29 -20.21 34.19
C ASP A 492 16.49 -20.86 32.83
N VAL A 493 16.05 -22.12 32.75
CA VAL A 493 16.13 -22.91 31.53
C VAL A 493 14.84 -23.71 31.38
N THR A 494 14.33 -23.77 30.16
CA THR A 494 13.03 -24.38 29.89
C THR A 494 13.08 -25.14 28.58
N LEU A 495 12.24 -26.18 28.50
CA LEU A 495 11.99 -26.92 27.27
C LEU A 495 10.50 -27.07 27.09
N GLY A 496 10.09 -27.21 25.83
CA GLY A 496 8.68 -27.30 25.50
C GLY A 496 8.46 -28.18 24.27
N PHE A 497 7.21 -28.57 24.09
CA PHE A 497 6.86 -29.46 22.99
C PHE A 497 5.40 -29.25 22.65
N PRO A 498 5.00 -29.53 21.41
CA PRO A 498 3.58 -29.46 21.06
C PRO A 498 2.85 -30.74 21.41
N ILE A 499 1.57 -30.58 21.76
CA ILE A 499 0.70 -31.71 22.02
C ILE A 499 -0.23 -32.02 20.86
N ASN A 500 -0.47 -31.06 19.97
CA ASN A 500 -1.24 -31.29 18.76
C ASN A 500 -0.83 -30.23 17.75
N GLU A 501 -1.62 -30.09 16.69
CA GLU A 501 -1.27 -29.14 15.64
C GLU A 501 -1.27 -27.70 16.13
N TYR A 502 -2.02 -27.39 17.20
CA TYR A 502 -2.25 -26.00 17.57
C TYR A 502 -1.92 -25.66 19.02
N ASN A 503 -1.65 -26.64 19.88
CA ASN A 503 -1.41 -26.38 21.29
C ASN A 503 -0.03 -26.86 21.69
N SER A 504 0.67 -26.03 22.47
CA SER A 504 2.01 -26.35 22.92
C SER A 504 2.12 -26.20 24.43
N LEU A 505 2.81 -27.15 25.05
CA LEU A 505 3.16 -27.08 26.46
C LEU A 505 4.63 -26.71 26.61
N ARG A 506 4.97 -26.13 27.74
CA ARG A 506 6.34 -25.78 28.06
C ARG A 506 6.54 -25.86 29.56
N ALA A 507 7.76 -26.16 29.98
CA ALA A 507 8.07 -26.30 31.39
C ALA A 507 9.55 -26.02 31.58
N GLY A 508 9.96 -25.84 32.82
CA GLY A 508 11.35 -25.61 33.09
C GLY A 508 11.61 -25.24 34.53
N LEU A 509 12.89 -24.98 34.81
CA LEU A 509 13.36 -24.71 36.15
C LEU A 509 14.09 -23.39 36.18
N GLY A 510 14.20 -22.82 37.38
CA GLY A 510 14.83 -21.52 37.53
C GLY A 510 15.44 -21.34 38.90
N TYR A 511 16.52 -20.57 38.94
CA TYR A 511 17.18 -20.13 40.16
C TYR A 511 17.15 -18.62 40.22
N VAL A 512 16.81 -18.07 41.38
CA VAL A 512 16.86 -16.63 41.56
C VAL A 512 17.51 -16.33 42.91
N HIS A 513 18.14 -15.17 43.02
CA HIS A 513 18.64 -14.69 44.29
C HIS A 513 18.41 -13.20 44.36
N ASN A 514 17.96 -12.73 45.52
CA ASN A 514 17.62 -11.33 45.72
C ASN A 514 18.14 -10.87 47.08
N SER A 515 18.83 -9.73 47.07
CA SER A 515 19.38 -9.12 48.28
C SER A 515 18.91 -7.68 48.32
N LEU A 516 18.14 -7.33 49.34
CA LEU A 516 17.58 -5.99 49.46
C LEU A 516 17.85 -5.43 50.85
N SER A 517 18.32 -4.19 50.88
CA SER A 517 18.70 -3.53 52.11
C SER A 517 18.19 -2.09 52.11
N ASN A 518 18.00 -1.56 53.31
CA ASN A 518 17.56 -0.18 53.53
C ASN A 518 16.18 0.06 52.90
N MET A 519 15.21 -0.70 53.40
CA MET A 519 13.86 -0.67 52.87
C MET A 519 13.04 0.43 53.54
N GLN A 520 12.40 1.26 52.74
CA GLN A 520 11.50 2.27 53.29
C GLN A 520 10.33 1.59 53.99
N PRO A 521 9.87 2.12 55.11
CA PRO A 521 8.79 1.46 55.87
C PRO A 521 7.43 1.61 55.20
N GLN A 522 6.71 0.50 55.08
CA GLN A 522 5.29 0.54 54.74
C GLN A 522 4.65 -0.78 55.16
N VAL A 523 3.35 -0.71 55.46
CA VAL A 523 2.69 -1.79 56.18
C VAL A 523 2.76 -3.11 55.43
N ALA A 524 2.58 -3.08 54.10
CA ALA A 524 2.52 -4.32 53.33
C ALA A 524 3.83 -5.09 53.41
N MET A 525 4.95 -4.41 53.19
CA MET A 525 6.23 -5.10 53.25
C MET A 525 6.58 -5.53 54.67
N TRP A 526 6.16 -4.76 55.68
CA TRP A 526 6.40 -5.22 57.06
C TRP A 526 5.61 -6.49 57.35
N ARG A 527 4.37 -6.57 56.87
CA ARG A 527 3.61 -7.80 57.03
C ARG A 527 4.28 -8.96 56.30
N TYR A 528 4.80 -8.70 55.10
CA TYR A 528 5.52 -9.73 54.36
C TYR A 528 6.72 -10.22 55.15
N LEU A 529 7.50 -9.30 55.71
CA LEU A 529 8.68 -9.68 56.48
C LEU A 529 8.29 -10.44 57.75
N TYR A 530 7.20 -10.02 58.39
CA TYR A 530 6.72 -10.72 59.58
C TYR A 530 6.34 -12.15 59.23
N SER A 531 5.68 -12.34 58.08
CA SER A 531 5.41 -13.69 57.62
C SER A 531 6.70 -14.47 57.37
N MET A 532 7.75 -13.78 56.94
CA MET A 532 9.05 -14.41 56.76
C MET A 532 9.70 -14.80 58.07
N GLY A 533 9.22 -14.29 59.19
CA GLY A 533 9.81 -14.57 60.49
C GLY A 533 10.79 -13.53 60.98
N GLU A 534 10.84 -12.35 60.37
CA GLU A 534 11.74 -11.29 60.77
C GLU A 534 10.93 -10.11 61.32
N HIS A 535 11.39 -9.55 62.43
CA HIS A 535 10.71 -8.46 63.12
C HIS A 535 11.67 -7.30 63.34
N PRO A 536 11.93 -6.48 62.32
CA PRO A 536 12.78 -5.31 62.49
C PRO A 536 11.99 -4.09 62.94
N SER A 537 12.72 -3.02 63.22
CA SER A 537 12.12 -1.78 63.70
C SER A 537 11.26 -1.16 62.61
N THR A 538 10.19 -0.49 63.04
CA THR A 538 9.25 0.13 62.11
C THR A 538 9.75 1.48 61.59
N SER A 539 10.16 2.38 62.49
CA SER A 539 10.59 3.70 62.07
C SER A 539 11.97 3.69 61.42
N ASP A 540 12.83 2.75 61.80
CA ASP A 540 14.17 2.68 61.27
C ASP A 540 14.22 1.84 60.00
N GLN A 541 15.12 2.23 59.08
CA GLN A 541 15.28 1.55 57.79
C GLN A 541 16.76 1.25 57.59
N ASP A 542 17.21 0.12 58.15
CA ASP A 542 18.60 -0.29 57.97
C ASP A 542 18.76 -1.79 57.75
N ASN A 543 17.68 -2.57 57.79
CA ASN A 543 17.81 -4.01 57.73
C ASN A 543 18.17 -4.48 56.31
N SER A 544 18.78 -5.66 56.25
CA SER A 544 19.13 -6.29 54.99
C SER A 544 18.58 -7.71 54.97
N PHE A 545 18.20 -8.17 53.77
CA PHE A 545 17.59 -9.48 53.59
C PHE A 545 18.19 -10.13 52.35
N LYS A 546 18.77 -11.31 52.55
CA LYS A 546 19.30 -12.14 51.47
C LYS A 546 18.40 -13.35 51.30
N THR A 547 18.07 -13.68 50.05
CA THR A 547 17.24 -14.84 49.80
C THR A 547 17.62 -15.47 48.46
N ASP A 548 17.43 -16.79 48.38
CA ASP A 548 17.62 -17.54 47.15
C ASP A 548 16.45 -18.50 46.99
N ASP A 549 16.02 -18.71 45.75
CA ASP A 549 14.84 -19.52 45.48
C ASP A 549 15.11 -20.46 44.31
N PHE A 550 14.74 -21.73 44.51
CA PHE A 550 14.56 -22.69 43.44
C PHE A 550 13.10 -22.63 43.02
N THR A 551 12.84 -22.76 41.72
CA THR A 551 11.46 -22.64 41.26
C THR A 551 11.24 -23.46 40.00
N PHE A 552 9.98 -23.83 39.77
CA PHE A 552 9.57 -24.57 38.60
C PHE A 552 8.44 -23.82 37.91
N ASN A 553 8.56 -23.62 36.60
CA ASN A 553 7.59 -22.85 35.85
C ASN A 553 7.09 -23.65 34.65
N TYR A 554 5.95 -23.24 34.12
CA TYR A 554 5.25 -24.00 33.10
C TYR A 554 4.32 -23.07 32.34
N GLY A 555 3.86 -23.54 31.18
CA GLY A 555 3.02 -22.72 30.33
C GLY A 555 2.30 -23.55 29.28
N TRP A 556 1.15 -23.02 28.87
CA TRP A 556 0.26 -23.66 27.90
C TRP A 556 -0.18 -22.61 26.89
N THR A 557 0.07 -22.86 25.60
CA THR A 557 -0.21 -21.86 24.58
C THR A 557 -1.11 -22.46 23.50
N TYR A 558 -2.14 -21.70 23.14
CA TYR A 558 -3.00 -21.99 22.00
C TYR A 558 -2.87 -20.81 21.05
N ASN A 559 -2.61 -21.09 19.77
CA ASN A 559 -2.37 -20.04 18.79
C ASN A 559 -3.03 -20.42 17.47
N LYS A 560 -3.99 -19.60 17.03
CA LYS A 560 -4.57 -19.75 15.69
C LYS A 560 -4.81 -18.35 15.16
N LEU A 561 -3.82 -17.81 14.46
CA LEU A 561 -3.88 -16.44 13.96
C LEU A 561 -3.66 -16.45 12.46
N ASP A 562 -4.42 -15.65 11.73
CA ASP A 562 -4.27 -15.59 10.29
C ASP A 562 -2.91 -15.03 9.88
N ARG A 563 -2.31 -14.19 10.71
CA ARG A 563 -1.00 -13.61 10.40
C ARG A 563 -0.17 -13.59 11.67
N GLY A 564 1.09 -13.19 11.53
CA GLY A 564 2.01 -13.28 12.65
C GLY A 564 2.04 -12.08 13.57
N TYR A 565 1.51 -10.95 13.11
CA TYR A 565 1.56 -9.73 13.88
C TYR A 565 0.43 -8.79 13.43
N PHE A 566 -0.33 -8.30 14.42
CA PHE A 566 -1.64 -7.67 14.23
C PHE A 566 -2.42 -8.38 13.14
N PRO A 567 -2.88 -9.60 13.42
CA PRO A 567 -3.63 -10.40 12.45
C PRO A 567 -5.06 -9.91 12.26
N THR A 568 -5.86 -10.71 11.55
CA THR A 568 -7.24 -10.38 11.30
C THR A 568 -8.17 -11.58 11.51
N ASP A 569 -7.82 -12.49 12.42
CA ASP A 569 -8.63 -13.66 12.70
C ASP A 569 -8.05 -14.38 13.91
N GLY A 570 -8.71 -15.46 14.32
CA GLY A 570 -8.18 -16.40 15.27
C GLY A 570 -8.14 -15.91 16.71
N SER A 571 -7.42 -16.67 17.53
CA SER A 571 -7.26 -16.36 18.94
C SER A 571 -5.96 -16.96 19.45
N ARG A 572 -5.36 -16.29 20.42
CA ARG A 572 -4.13 -16.74 21.05
C ARG A 572 -4.26 -16.60 22.56
N VAL A 573 -4.11 -17.71 23.28
CA VAL A 573 -4.15 -17.70 24.73
C VAL A 573 -2.86 -18.31 25.26
N ASN A 574 -2.43 -17.83 26.42
CA ASN A 574 -1.17 -18.26 27.02
C ASN A 574 -1.30 -18.23 28.53
N LEU A 575 -1.13 -19.40 29.14
CA LEU A 575 -1.16 -19.56 30.59
C LEU A 575 0.25 -19.82 31.09
N THR A 576 0.67 -19.07 32.11
CA THR A 576 2.01 -19.21 32.69
C THR A 576 1.88 -19.40 34.19
N GLY A 577 2.37 -20.54 34.68
CA GLY A 577 2.36 -20.85 36.10
C GLY A 577 3.78 -20.89 36.63
N LYS A 578 3.96 -20.42 37.87
CA LYS A 578 5.29 -20.20 38.44
C LYS A 578 5.21 -20.60 39.91
N VAL A 579 5.67 -21.81 40.23
CA VAL A 579 5.56 -22.33 41.58
C VAL A 579 6.96 -22.45 42.17
N THR A 580 7.05 -22.38 43.49
CA THR A 580 8.29 -22.70 44.16
C THR A 580 8.39 -24.19 44.41
N ILE A 581 9.56 -24.62 44.88
CA ILE A 581 9.78 -26.02 45.24
C ILE A 581 10.50 -26.04 46.59
N PRO A 582 10.39 -27.15 47.32
CA PRO A 582 11.04 -27.23 48.63
C PRO A 582 12.55 -27.03 48.52
N GLY A 583 13.11 -26.39 49.55
CA GLY A 583 14.49 -25.97 49.53
C GLY A 583 14.70 -24.51 49.22
N SER A 584 13.62 -23.76 48.97
CA SER A 584 13.68 -22.33 48.70
C SER A 584 13.23 -21.55 49.93
N ASP A 585 13.82 -20.36 50.10
CA ASP A 585 13.43 -19.51 51.23
C ASP A 585 11.99 -19.05 51.10
N ASN A 586 11.56 -18.69 49.89
CA ASN A 586 10.19 -18.29 49.64
C ASN A 586 9.35 -19.51 49.26
N GLU A 587 8.10 -19.51 49.70
CA GLU A 587 7.15 -20.56 49.40
C GLU A 587 5.86 -19.92 48.88
N TYR A 588 5.60 -20.09 47.58
CA TYR A 588 4.46 -19.43 46.95
C TYR A 588 4.28 -19.99 45.54
N TYR A 589 3.25 -19.50 44.87
CA TYR A 589 3.02 -19.76 43.46
C TYR A 589 2.19 -18.62 42.88
N LYS A 590 2.28 -18.49 41.55
CA LYS A 590 1.69 -17.37 40.83
C LYS A 590 1.27 -17.83 39.45
N VAL A 591 0.02 -17.54 39.08
CA VAL A 591 -0.55 -17.96 37.81
C VAL A 591 -1.05 -16.74 37.06
N THR A 592 -0.59 -16.58 35.81
CA THR A 592 -1.01 -15.49 34.96
C THR A 592 -1.53 -16.06 33.64
N LEU A 593 -2.40 -15.28 32.98
CA LEU A 593 -3.06 -15.76 31.78
C LEU A 593 -3.36 -14.58 30.86
N ASP A 594 -3.08 -14.77 29.58
CA ASP A 594 -3.32 -13.75 28.56
C ASP A 594 -4.17 -14.34 27.46
N THR A 595 -5.03 -13.51 26.88
CA THR A 595 -5.89 -13.94 25.78
C THR A 595 -6.12 -12.79 24.82
N ALA A 596 -6.04 -13.09 23.53
CA ALA A 596 -6.29 -12.11 22.48
C ALA A 596 -7.10 -12.78 21.38
N THR A 597 -8.33 -12.32 21.18
CA THR A 597 -9.22 -12.90 20.18
C THR A 597 -9.53 -11.86 19.11
N TYR A 598 -9.32 -12.23 17.85
CA TYR A 598 -9.59 -11.38 16.71
C TYR A 598 -10.79 -11.93 15.95
N VAL A 599 -11.79 -11.09 15.71
CA VAL A 599 -12.91 -11.53 14.88
C VAL A 599 -13.26 -10.42 13.89
N PRO A 600 -13.24 -10.70 12.61
CA PRO A 600 -13.56 -9.67 11.62
C PRO A 600 -15.07 -9.54 11.47
N ILE A 601 -15.48 -8.65 10.57
CA ILE A 601 -16.89 -8.46 10.26
C ILE A 601 -17.23 -8.76 8.81
N ASP A 602 -16.23 -8.90 7.93
CA ASP A 602 -16.47 -9.24 6.54
C ASP A 602 -15.23 -9.91 5.98
N ASP A 603 -15.39 -10.52 4.80
CA ASP A 603 -14.28 -11.25 4.18
C ASP A 603 -13.13 -10.34 3.78
N ASP A 604 -13.35 -9.03 3.69
CA ASP A 604 -12.28 -8.12 3.30
C ASP A 604 -11.16 -8.07 4.33
N HIS A 605 -11.46 -8.38 5.60
CA HIS A 605 -10.47 -8.42 6.67
C HIS A 605 -9.72 -7.10 6.78
N LYS A 606 -10.45 -6.00 6.69
CA LYS A 606 -9.92 -4.67 6.97
C LYS A 606 -10.52 -4.02 8.20
N TRP A 607 -11.73 -4.42 8.58
CA TRP A 607 -12.39 -3.97 9.79
C TRP A 607 -12.54 -5.16 10.72
N VAL A 608 -12.09 -5.03 11.97
CA VAL A 608 -12.07 -6.19 12.85
C VAL A 608 -12.26 -5.74 14.29
N VAL A 609 -12.81 -6.63 15.12
CA VAL A 609 -12.95 -6.40 16.55
C VAL A 609 -11.92 -7.26 17.28
N LEU A 610 -11.40 -6.73 18.37
CA LEU A 610 -10.29 -7.33 19.11
C LEU A 610 -10.63 -7.36 20.59
N GLY A 611 -10.45 -8.53 21.20
CA GLY A 611 -10.66 -8.67 22.62
C GLY A 611 -9.41 -9.11 23.35
N ARG A 612 -8.90 -8.27 24.25
CA ARG A 612 -7.74 -8.59 25.07
C ARG A 612 -8.19 -8.80 26.50
N THR A 613 -7.73 -9.90 27.11
CA THR A 613 -8.00 -10.15 28.52
C THR A 613 -6.72 -10.60 29.20
N ARG A 614 -6.46 -10.05 30.39
CA ARG A 614 -5.32 -10.45 31.19
C ARG A 614 -5.78 -10.73 32.61
N TRP A 615 -5.32 -11.84 33.17
CA TRP A 615 -5.69 -12.26 34.51
C TRP A 615 -4.43 -12.71 35.24
N GLY A 616 -4.44 -12.56 36.57
CA GLY A 616 -3.30 -12.99 37.36
C GLY A 616 -3.60 -13.07 38.83
N TYR A 617 -3.17 -14.15 39.47
CA TYR A 617 -3.47 -14.38 40.88
C TYR A 617 -2.47 -15.38 41.43
N GLY A 618 -2.19 -15.28 42.73
CA GLY A 618 -1.27 -16.22 43.35
C GLY A 618 -1.31 -16.07 44.85
N ASP A 619 -0.52 -16.92 45.52
CA ASP A 619 -0.37 -16.82 46.97
C ASP A 619 0.70 -17.76 47.49
N GLY A 620 1.05 -17.61 48.77
CA GLY A 620 1.94 -18.53 49.43
C GLY A 620 1.20 -19.70 50.04
N LEU A 621 1.98 -20.67 50.52
CA LEU A 621 1.44 -21.89 51.09
C LEU A 621 2.14 -22.18 52.41
N GLY A 622 1.44 -22.91 53.26
CA GLY A 622 1.95 -23.17 54.60
C GLY A 622 2.03 -21.93 55.46
N GLY A 623 1.01 -21.07 55.40
CA GLY A 623 1.01 -19.84 56.18
C GLY A 623 2.07 -18.84 55.77
N LYS A 624 2.26 -18.62 54.47
CA LYS A 624 3.27 -17.68 54.00
C LYS A 624 2.69 -16.76 52.92
N GLU A 625 3.54 -15.94 52.32
CA GLU A 625 3.11 -15.01 51.28
C GLU A 625 4.30 -14.67 50.40
N MET A 626 4.03 -14.39 49.12
CA MET A 626 5.13 -14.15 48.19
C MET A 626 5.81 -12.82 48.50
N PRO A 627 7.03 -12.65 48.02
CA PRO A 627 7.66 -11.32 48.10
C PRO A 627 6.90 -10.31 47.26
N PHE A 628 6.93 -9.07 47.71
CA PHE A 628 6.24 -8.00 46.99
C PHE A 628 6.90 -7.70 45.65
N TYR A 629 8.21 -7.93 45.53
CA TYR A 629 8.91 -7.54 44.31
C TYR A 629 8.55 -8.40 43.11
N GLU A 630 7.81 -9.49 43.31
CA GLU A 630 7.30 -10.31 42.21
C GLU A 630 5.78 -10.25 42.12
N ASN A 631 5.22 -9.06 42.30
CA ASN A 631 3.79 -8.87 42.28
C ASN A 631 3.36 -8.22 40.97
N PHE A 632 2.08 -8.34 40.66
CA PHE A 632 1.54 -7.80 39.42
C PHE A 632 1.52 -6.27 39.45
N TYR A 633 1.29 -5.69 38.28
CA TYR A 633 1.22 -4.25 38.13
C TYR A 633 0.26 -3.95 36.99
N ALA A 634 -0.25 -2.73 36.95
CA ALA A 634 -1.18 -2.34 35.90
C ALA A 634 -0.95 -0.88 35.54
N GLY A 635 -1.29 -0.53 34.31
CA GLY A 635 -1.12 0.83 33.83
C GLY A 635 -0.08 0.95 32.74
N GLY A 636 -0.45 1.60 31.64
CA GLY A 636 0.44 1.81 30.51
C GLY A 636 0.06 0.93 29.33
N SER A 637 0.84 1.06 28.26
CA SER A 637 0.64 0.25 27.08
C SER A 637 0.74 -1.23 27.44
N SER A 638 0.11 -2.06 26.61
CA SER A 638 -0.08 -3.49 26.86
C SER A 638 -0.96 -3.74 28.09
N THR A 639 -1.48 -2.68 28.69
CA THR A 639 -2.36 -2.75 29.84
C THR A 639 -3.42 -1.68 29.64
N VAL A 640 -4.12 -1.32 30.72
CA VAL A 640 -5.00 -0.16 30.66
C VAL A 640 -4.22 1.04 30.16
N ARG A 641 -4.76 1.70 29.15
CA ARG A 641 -4.04 2.72 28.40
C ARG A 641 -4.28 4.10 28.98
N GLY A 642 -3.24 4.94 28.96
CA GLY A 642 -3.37 6.35 29.21
C GLY A 642 -3.23 6.78 30.66
N PHE A 643 -3.34 5.86 31.62
CA PHE A 643 -3.31 6.28 33.00
C PHE A 643 -1.91 6.75 33.41
N GLN A 644 -0.97 5.81 33.46
CA GLN A 644 0.43 6.06 33.75
C GLN A 644 1.14 4.71 33.75
N SER A 645 2.45 4.74 33.58
CA SER A 645 3.24 3.53 33.67
C SER A 645 3.21 2.99 35.09
N ASN A 646 2.48 1.89 35.30
CA ASN A 646 2.42 1.19 36.59
C ASN A 646 1.91 2.12 37.70
N THR A 647 0.64 2.50 37.56
CA THR A 647 0.02 3.41 38.51
C THR A 647 -1.16 2.85 39.29
N ILE A 648 -1.84 1.82 38.78
CA ILE A 648 -3.02 1.29 39.45
C ILE A 648 -2.60 0.30 40.52
N GLY A 649 -3.31 0.32 41.64
CA GLY A 649 -3.13 -0.69 42.66
C GLY A 649 -3.11 -0.13 44.06
N PRO A 650 -2.90 -0.99 45.05
CA PRO A 650 -2.74 -0.52 46.42
C PRO A 650 -1.53 0.41 46.53
N LYS A 651 -1.69 1.43 47.38
CA LYS A 651 -0.65 2.43 47.59
C LYS A 651 -0.05 2.23 48.98
N ALA A 652 1.28 2.33 49.03
CA ALA A 652 2.00 2.06 50.28
C ALA A 652 1.59 3.07 51.36
N VAL A 653 1.52 2.58 52.60
CA VAL A 653 1.18 3.39 53.75
C VAL A 653 2.47 3.62 54.54
N TYR A 654 2.98 4.84 54.49
CA TYR A 654 4.27 5.16 55.11
C TYR A 654 4.10 5.33 56.62
N PHE A 655 4.96 4.69 57.39
CA PHE A 655 5.06 4.99 58.80
C PHE A 655 5.70 6.37 59.01
N PRO A 656 5.39 7.03 60.13
CA PRO A 656 6.04 8.32 60.41
C PRO A 656 7.53 8.13 60.67
N HIS A 657 8.30 9.17 60.35
CA HIS A 657 9.74 9.12 60.47
C HIS A 657 10.30 10.38 61.13
N ASP A 678 1.14 10.41 62.21
CA ASP A 678 1.30 8.96 62.14
C ASP A 678 1.50 8.48 60.70
N LEU A 679 0.61 7.61 60.24
CA LEU A 679 0.73 7.04 58.91
C LEU A 679 0.54 8.11 57.84
N CYS A 680 1.35 8.04 56.79
CA CYS A 680 1.27 8.96 55.67
C CYS A 680 1.00 8.19 54.39
N LYS A 681 -0.04 8.60 53.67
CA LYS A 681 -0.37 7.97 52.40
C LYS A 681 0.64 8.33 51.33
N SER A 682 0.95 7.36 50.48
CA SER A 682 1.91 7.53 49.39
C SER A 682 1.18 7.44 48.06
N ASP A 683 1.57 8.30 47.12
CA ASP A 683 0.99 8.24 45.79
C ASP A 683 1.48 7.04 45.00
N ASP A 684 2.67 6.55 45.31
CA ASP A 684 3.23 5.41 44.59
C ASP A 684 2.50 4.12 44.98
N ALA A 685 2.60 3.13 44.10
CA ALA A 685 1.94 1.85 44.27
C ALA A 685 2.95 0.76 44.57
N VAL A 686 2.43 -0.36 45.09
CA VAL A 686 3.24 -1.53 45.40
C VAL A 686 2.78 -2.77 44.66
N GLY A 687 1.71 -2.67 43.88
CA GLY A 687 1.22 -3.80 43.11
C GLY A 687 0.33 -4.72 43.90
N GLY A 688 -0.82 -5.07 43.32
CA GLY A 688 -1.76 -5.94 43.99
C GLY A 688 -1.60 -7.38 43.59
N ASN A 689 -1.92 -8.26 44.53
CA ASN A 689 -1.72 -9.69 44.38
C ASN A 689 -2.66 -10.31 43.34
N ALA A 690 -3.70 -9.59 42.93
CA ALA A 690 -4.70 -10.12 42.01
C ALA A 690 -5.03 -9.04 41.00
N MET A 691 -4.75 -9.31 39.73
CA MET A 691 -4.89 -8.34 38.66
C MET A 691 -5.81 -8.90 37.57
N ALA A 692 -6.64 -8.03 37.00
CA ALA A 692 -7.53 -8.42 35.92
C ALA A 692 -7.86 -7.20 35.08
N VAL A 693 -7.54 -7.25 33.79
CA VAL A 693 -7.83 -6.16 32.87
C VAL A 693 -8.44 -6.73 31.59
N ALA A 694 -9.16 -5.88 30.87
CA ALA A 694 -9.80 -6.26 29.63
C ALA A 694 -9.84 -5.06 28.69
N SER A 695 -10.00 -5.35 27.40
CA SER A 695 -9.96 -4.31 26.39
C SER A 695 -10.71 -4.75 25.14
N LEU A 696 -11.49 -3.83 24.57
CA LEU A 696 -12.19 -4.04 23.32
C LEU A 696 -11.74 -3.00 22.32
N GLU A 697 -11.30 -3.44 21.14
CA GLU A 697 -10.77 -2.54 20.13
C GLU A 697 -11.49 -2.74 18.81
N PHE A 698 -11.97 -1.65 18.22
CA PHE A 698 -12.27 -1.64 16.79
C PHE A 698 -11.01 -1.31 16.02
N ILE A 699 -10.81 -2.00 14.91
CA ILE A 699 -9.63 -1.78 14.06
C ILE A 699 -10.13 -1.49 12.66
N THR A 700 -9.74 -0.32 12.15
CA THR A 700 -10.20 0.19 10.87
C THR A 700 -9.00 0.69 10.09
N PRO A 701 -9.06 0.67 8.75
CA PRO A 701 -7.93 1.14 7.95
C PRO A 701 -7.70 2.62 8.12
N THR A 702 -6.62 3.09 7.50
CA THR A 702 -6.26 4.50 7.55
C THR A 702 -6.61 5.14 6.21
N PRO A 703 -7.57 6.05 6.15
CA PRO A 703 -7.96 6.63 4.86
C PRO A 703 -6.86 7.42 4.18
N PHE A 704 -5.85 7.88 4.93
CA PHE A 704 -4.81 8.74 4.39
C PHE A 704 -3.61 7.95 3.88
N ILE A 705 -3.68 6.63 3.88
CA ILE A 705 -2.57 5.77 3.49
C ILE A 705 -2.87 5.16 2.13
N SER A 706 -1.88 5.19 1.24
CA SER A 706 -2.02 4.62 -0.09
C SER A 706 -2.17 3.10 -0.02
N ASP A 707 -2.43 2.50 -1.18
CA ASP A 707 -2.66 1.06 -1.23
C ASP A 707 -1.42 0.28 -0.82
N LYS A 708 -0.25 0.68 -1.33
CA LYS A 708 0.96 -0.09 -1.10
C LYS A 708 1.29 -0.20 0.38
N TYR A 709 1.16 0.89 1.11
CA TYR A 709 1.41 0.91 2.54
C TYR A 709 0.16 0.61 3.36
N ALA A 710 -0.96 0.27 2.70
CA ALA A 710 -2.21 0.08 3.41
C ALA A 710 -2.10 -1.01 4.46
N ASN A 711 -1.37 -2.08 4.18
CA ASN A 711 -1.17 -3.17 5.14
C ASN A 711 0.09 -2.97 5.97
N SER A 712 0.50 -1.73 6.21
CA SER A 712 1.70 -1.46 7.00
C SER A 712 1.42 -0.69 8.28
N VAL A 713 0.22 -0.16 8.48
CA VAL A 713 -0.15 0.58 9.68
C VAL A 713 -1.49 0.05 10.18
N ARG A 714 -1.91 0.55 11.34
CA ARG A 714 -3.14 0.10 11.95
C ARG A 714 -3.70 1.19 12.86
N THR A 715 -5.00 1.45 12.73
CA THR A 715 -5.71 2.41 13.55
C THR A 715 -6.79 1.69 14.33
N SER A 716 -6.84 1.95 15.63
CA SER A 716 -7.79 1.26 16.50
C SER A 716 -8.42 2.25 17.47
N PHE A 717 -9.67 2.00 17.80
CA PHE A 717 -10.39 2.68 18.87
C PHE A 717 -10.53 1.69 20.00
N PHE A 718 -10.01 2.04 21.18
CA PHE A 718 -9.92 1.10 22.29
C PHE A 718 -10.74 1.57 23.48
N TRP A 719 -11.35 0.60 24.16
CA TRP A 719 -12.08 0.79 25.40
C TRP A 719 -11.47 -0.18 26.41
N ASP A 720 -10.96 0.35 27.51
CA ASP A 720 -10.10 -0.39 28.43
C ASP A 720 -10.68 -0.35 29.82
N MET A 721 -10.60 -1.48 30.53
CA MET A 721 -10.96 -1.54 31.93
C MET A 721 -9.93 -2.38 32.66
N GLY A 722 -9.76 -2.12 33.96
CA GLY A 722 -8.78 -2.86 34.73
C GLY A 722 -8.98 -2.69 36.22
N THR A 723 -8.41 -3.64 36.96
CA THR A 723 -8.47 -3.63 38.42
C THR A 723 -7.45 -4.58 39.02
N VAL A 724 -6.67 -4.08 39.97
CA VAL A 724 -5.71 -4.91 40.70
C VAL A 724 -5.81 -4.57 42.17
N TRP A 725 -5.77 -5.59 43.02
CA TRP A 725 -5.93 -5.42 44.45
C TRP A 725 -5.12 -6.49 45.18
N ASP A 726 -5.11 -6.41 46.50
CA ASP A 726 -4.41 -7.37 47.34
C ASP A 726 -5.44 -8.21 48.09
N THR A 727 -5.35 -9.52 47.94
CA THR A 727 -6.27 -10.42 48.63
C THR A 727 -5.93 -10.61 50.09
N ASN A 728 -4.77 -10.13 50.54
CA ASN A 728 -4.38 -10.18 51.94
C ASN A 728 -4.36 -8.73 52.44
N TRP A 729 -5.41 -8.34 53.14
CA TRP A 729 -5.56 -6.94 53.57
C TRP A 729 -6.35 -6.96 54.88
N ASP A 730 -5.64 -6.85 56.00
CA ASP A 730 -6.26 -6.85 57.32
C ASP A 730 -6.91 -5.49 57.58
N SER A 731 -8.03 -5.27 56.89
CA SER A 731 -8.71 -3.98 56.94
C SER A 731 -9.16 -3.61 58.34
N SER A 732 -9.29 -4.58 59.24
CA SER A 732 -9.67 -4.28 60.62
C SER A 732 -8.62 -3.39 61.29
N GLN A 733 -7.35 -3.71 61.09
CA GLN A 733 -6.28 -3.02 61.81
C GLN A 733 -6.09 -1.58 61.34
N TYR A 734 -6.49 -1.26 60.11
CA TYR A 734 -6.30 0.07 59.55
C TYR A 734 -7.56 0.51 58.80
N SER A 735 -8.72 0.33 59.42
CA SER A 735 -9.98 0.63 58.76
C SER A 735 -10.16 2.10 58.44
N GLY A 736 -9.37 2.99 59.05
CA GLY A 736 -9.48 4.40 58.72
C GLY A 736 -9.15 4.71 57.28
N TYR A 737 -8.08 4.10 56.76
CA TYR A 737 -7.70 4.28 55.38
C TYR A 737 -8.67 3.54 54.46
N PRO A 738 -8.74 3.93 53.19
CA PRO A 738 -9.61 3.23 52.24
C PRO A 738 -9.23 1.76 52.12
N ASP A 739 -10.26 0.91 51.98
CA ASP A 739 -10.03 -0.52 51.85
C ASP A 739 -9.38 -0.83 50.50
N TYR A 740 -8.51 -1.84 50.52
CA TYR A 740 -7.82 -2.27 49.31
C TYR A 740 -8.16 -3.68 48.86
N SER A 741 -8.87 -4.46 49.69
CA SER A 741 -9.29 -5.80 49.31
C SER A 741 -10.55 -5.81 48.48
N ASP A 742 -10.93 -4.68 47.89
CA ASP A 742 -12.17 -4.58 47.14
C ASP A 742 -11.88 -4.61 45.64
N PRO A 743 -12.23 -5.69 44.93
CA PRO A 743 -12.10 -5.68 43.47
C PRO A 743 -13.09 -4.75 42.78
N SER A 744 -14.13 -4.30 43.48
CA SER A 744 -15.18 -3.51 42.84
C SER A 744 -14.66 -2.18 42.30
N ASN A 745 -13.48 -1.73 42.73
CA ASN A 745 -12.96 -0.42 42.33
C ASN A 745 -12.39 -0.52 40.92
N ILE A 746 -13.29 -0.64 39.95
CA ILE A 746 -12.89 -0.77 38.56
C ILE A 746 -12.39 0.57 38.03
N ARG A 747 -11.45 0.51 37.09
CA ARG A 747 -11.03 1.67 36.33
C ARG A 747 -11.59 1.59 34.92
N MET A 748 -11.53 2.70 34.18
CA MET A 748 -12.14 2.74 32.86
C MET A 748 -11.54 3.87 32.05
N SER A 749 -11.09 3.56 30.83
CA SER A 749 -10.54 4.56 29.94
C SER A 749 -10.86 4.17 28.51
N ALA A 750 -10.52 5.05 27.58
CA ALA A 750 -10.76 4.80 26.17
C ALA A 750 -9.95 5.79 25.36
N GLY A 751 -9.85 5.54 24.06
CA GLY A 751 -9.17 6.47 23.18
C GLY A 751 -8.83 5.84 21.84
N ILE A 752 -7.85 6.45 21.17
CA ILE A 752 -7.44 6.08 19.83
C ILE A 752 -5.97 5.68 19.88
N ALA A 753 -5.65 4.53 19.28
CA ALA A 753 -4.29 4.04 19.19
C ALA A 753 -3.89 3.89 17.74
N LEU A 754 -2.62 4.17 17.45
CA LEU A 754 -2.10 4.13 16.09
C LEU A 754 -0.81 3.31 16.09
N GLN A 755 -0.89 2.07 15.66
CA GLN A 755 0.28 1.21 15.56
C GLN A 755 0.92 1.41 14.19
N TRP A 756 2.20 1.72 14.17
CA TRP A 756 2.94 1.92 12.94
C TRP A 756 4.12 0.97 12.90
N MET A 757 4.32 0.33 11.76
CA MET A 757 5.50 -0.50 11.53
C MET A 757 6.48 0.31 10.70
N SER A 758 7.68 0.50 11.22
CA SER A 758 8.66 1.40 10.65
C SER A 758 9.96 0.67 10.37
N PRO A 759 10.78 1.19 9.46
CA PRO A 759 12.14 0.64 9.29
C PRO A 759 12.90 0.59 10.59
N LEU A 760 12.50 1.42 11.57
CA LEU A 760 13.11 1.35 12.89
C LEU A 760 12.43 0.33 13.80
N GLY A 761 11.29 -0.22 13.39
CA GLY A 761 10.59 -1.20 14.19
C GLY A 761 9.13 -0.88 14.37
N PRO A 762 8.48 -1.52 15.34
CA PRO A 762 7.08 -1.23 15.62
C PRO A 762 6.90 -0.11 16.64
N LEU A 763 5.98 0.80 16.33
CA LEU A 763 5.71 1.95 17.18
C LEU A 763 4.22 2.04 17.46
N VAL A 764 3.89 2.69 18.58
CA VAL A 764 2.51 2.90 18.97
C VAL A 764 2.33 4.37 19.32
N PHE A 765 1.09 4.83 19.26
CA PHE A 765 0.75 6.22 19.55
C PHE A 765 -0.69 6.27 20.01
N SER A 766 -0.91 6.67 21.26
CA SER A 766 -2.23 6.62 21.89
C SER A 766 -2.57 7.99 22.47
N TYR A 767 -3.75 8.49 22.15
CA TYR A 767 -4.28 9.73 22.71
C TYR A 767 -5.57 9.38 23.44
N ALA A 768 -5.44 9.03 24.72
CA ALA A 768 -6.53 8.43 25.47
C ALA A 768 -7.03 9.39 26.54
N GLN A 769 -8.35 9.39 26.73
CA GLN A 769 -9.01 10.20 27.76
C GLN A 769 -9.65 9.26 28.78
N PRO A 770 -9.14 9.22 30.01
CA PRO A 770 -9.75 8.35 31.02
C PRO A 770 -11.18 8.75 31.32
N PHE A 771 -12.04 7.75 31.49
CA PHE A 771 -13.45 8.01 31.80
C PHE A 771 -13.70 7.89 33.30
N LYS A 772 -13.42 6.73 33.88
CA LYS A 772 -13.57 6.50 35.31
C LYS A 772 -12.17 6.29 35.87
N LYS A 773 -11.66 7.31 36.55
CA LYS A 773 -10.30 7.34 37.06
C LYS A 773 -10.32 7.51 38.58
N TYR A 774 -9.21 7.16 39.21
CA TYR A 774 -9.05 7.24 40.65
C TYR A 774 -7.89 8.17 40.99
N ASP A 775 -7.52 8.20 42.26
CA ASP A 775 -6.41 9.04 42.71
C ASP A 775 -5.09 8.45 42.24
N GLY A 776 -4.08 9.33 42.18
CA GLY A 776 -2.76 8.93 41.76
C GLY A 776 -2.66 8.44 40.33
N ASP A 777 -3.61 8.84 39.48
CA ASP A 777 -3.61 8.37 38.11
C ASP A 777 -2.39 8.85 37.35
N LYS A 778 -1.96 10.09 37.59
CA LYS A 778 -0.89 10.73 36.84
C LYS A 778 -1.15 10.61 35.34
N ALA A 779 -2.32 11.10 34.94
CA ALA A 779 -2.83 10.84 33.59
C ALA A 779 -1.84 11.31 32.53
N GLU A 780 -1.47 10.40 31.64
CA GLU A 780 -0.59 10.69 30.52
C GLU A 780 -1.35 10.33 29.24
N GLN A 781 -1.93 11.34 28.60
CA GLN A 781 -2.73 11.14 27.42
C GLN A 781 -1.91 10.88 26.17
N PHE A 782 -0.58 10.80 26.29
CA PHE A 782 0.30 10.56 25.15
C PHE A 782 1.36 9.54 25.56
N GLN A 783 1.17 8.30 25.15
CA GLN A 783 2.12 7.23 25.41
C GLN A 783 2.86 6.88 24.12
N PHE A 784 4.14 6.55 24.26
CA PHE A 784 5.01 6.31 23.11
C PHE A 784 5.85 5.06 23.32
N ASN A 785 5.20 3.96 23.70
CA ASN A 785 5.90 2.69 23.82
C ASN A 785 6.52 2.29 22.48
N ILE A 786 7.72 1.70 22.56
CA ILE A 786 8.43 1.23 21.38
C ILE A 786 8.83 -0.22 21.62
N GLY A 787 8.58 -1.07 20.63
CA GLY A 787 8.93 -2.47 20.71
C GLY A 787 7.81 -3.32 21.30
N LYS A 788 7.88 -4.62 21.01
CA LYS A 788 6.89 -5.60 21.44
C LYS A 788 5.53 -5.26 20.83
N THR A 789 4.92 -4.15 21.27
CA THR A 789 3.61 -3.71 20.80
C THR A 789 2.58 -4.84 20.81
N VAL B 10 -17.17 24.94 -13.45
CA VAL B 10 -16.55 24.46 -14.67
C VAL B 10 -16.01 25.65 -15.47
N VAL B 11 -15.01 25.38 -16.31
CA VAL B 11 -14.40 26.43 -17.13
C VAL B 11 -15.21 26.49 -18.42
N LYS B 12 -16.27 27.29 -18.40
CA LYS B 12 -17.15 27.44 -19.55
C LYS B 12 -17.71 28.85 -19.56
N MET B 13 -17.59 29.53 -20.70
CA MET B 13 -17.98 30.92 -20.78
C MET B 13 -19.50 31.06 -20.77
N SER B 14 -19.99 31.99 -19.97
CA SER B 14 -21.43 32.28 -19.85
C SER B 14 -21.60 33.78 -19.93
N PRO B 15 -21.68 34.34 -21.14
CA PRO B 15 -21.77 35.80 -21.28
C PRO B 15 -23.05 36.35 -20.67
N LEU B 16 -22.94 37.54 -20.09
CA LEU B 16 -24.06 38.22 -19.46
C LEU B 16 -25.06 38.70 -20.51
N PRO B 17 -26.34 38.80 -20.15
CA PRO B 17 -27.34 39.28 -21.11
C PRO B 17 -27.36 40.80 -21.19
N THR B 18 -27.34 41.32 -22.40
CA THR B 18 -27.43 42.76 -22.61
C THR B 18 -28.84 43.26 -22.28
N VAL B 19 -28.93 44.54 -21.94
CA VAL B 19 -30.19 45.15 -21.56
C VAL B 19 -30.74 45.95 -22.73
N GLU B 20 -31.89 45.53 -23.24
CA GLU B 20 -32.62 46.27 -24.26
C GLU B 20 -34.11 46.15 -23.95
N ASN B 21 -34.87 47.20 -24.30
CA ASN B 21 -36.28 47.23 -23.97
C ASN B 21 -37.02 48.12 -24.95
N GLN B 22 -38.19 47.65 -25.39
CA GLN B 22 -39.11 48.47 -26.18
C GLN B 22 -40.56 48.37 -25.71
N PHE B 23 -40.93 47.35 -24.94
CA PHE B 23 -42.26 47.25 -24.36
C PHE B 23 -42.17 46.39 -23.11
N THR B 24 -43.17 46.52 -22.25
CA THR B 24 -43.16 45.81 -20.97
C THR B 24 -44.27 44.76 -20.91
N PRO B 25 -43.94 43.47 -21.04
CA PRO B 25 -44.93 42.43 -20.80
C PRO B 25 -44.90 41.92 -19.37
N THR B 26 -46.07 41.65 -18.83
CA THR B 26 -46.22 41.19 -17.46
C THR B 26 -46.88 39.82 -17.43
N THR B 27 -46.62 39.08 -16.35
CA THR B 27 -47.16 37.73 -16.21
C THR B 27 -48.66 37.78 -15.97
N ALA B 28 -49.42 37.07 -16.80
CA ALA B 28 -50.86 36.99 -16.59
C ALA B 28 -51.18 36.32 -15.26
N TRP B 29 -50.52 35.20 -14.97
CA TRP B 29 -50.67 34.55 -13.67
C TRP B 29 -49.61 33.47 -13.51
N SER B 30 -49.46 33.02 -12.28
CA SER B 30 -48.62 31.88 -11.93
C SER B 30 -49.50 30.74 -11.41
N THR B 31 -48.95 29.53 -11.47
CA THR B 31 -49.72 28.34 -11.12
C THR B 31 -49.16 27.61 -9.91
N SER B 32 -47.87 27.30 -9.91
CA SER B 32 -47.23 26.53 -8.83
C SER B 32 -47.94 25.19 -8.64
N VAL B 33 -47.87 24.35 -9.68
CA VAL B 33 -48.50 23.04 -9.62
C VAL B 33 -47.85 22.17 -8.55
N GLY B 34 -46.54 22.23 -8.44
CA GLY B 34 -45.83 21.48 -7.41
C GLY B 34 -44.42 21.16 -7.87
N SER B 35 -43.91 20.03 -7.36
CA SER B 35 -42.57 19.56 -7.70
C SER B 35 -42.59 19.00 -9.11
N GLY B 36 -42.39 19.89 -10.08
CA GLY B 36 -42.47 19.50 -11.48
C GLY B 36 -41.17 18.95 -12.02
N ILE B 37 -40.67 19.56 -13.10
CA ILE B 37 -39.49 19.03 -13.78
C ILE B 37 -38.30 18.96 -12.85
N GLY B 38 -38.16 19.94 -11.96
CA GLY B 38 -37.04 19.94 -11.04
C GLY B 38 -35.73 20.02 -11.79
N ASN B 39 -34.81 19.12 -11.44
CA ASN B 39 -33.52 19.04 -12.11
C ASN B 39 -33.51 18.05 -13.27
N PHE B 40 -34.64 17.40 -13.53
CA PHE B 40 -34.72 16.42 -14.61
C PHE B 40 -34.78 17.13 -15.96
N TYR B 41 -35.01 16.35 -17.02
CA TYR B 41 -35.09 16.89 -18.37
C TYR B 41 -36.10 16.08 -19.15
N SER B 42 -37.15 16.75 -19.64
CA SER B 42 -38.18 16.07 -20.41
C SER B 42 -38.89 17.10 -21.28
N ASN B 43 -40.05 16.72 -21.82
CA ASN B 43 -40.83 17.57 -22.72
C ASN B 43 -42.20 17.89 -22.11
N LEU B 44 -42.22 18.24 -20.82
CA LEU B 44 -43.47 18.58 -20.14
C LEU B 44 -43.92 19.97 -20.59
N HIS B 45 -44.86 20.00 -21.53
CA HIS B 45 -45.52 21.23 -21.93
C HIS B 45 -47.01 20.94 -22.02
N PRO B 46 -47.86 21.89 -21.68
CA PRO B 46 -49.29 21.63 -21.56
C PRO B 46 -49.98 21.74 -22.92
N ALA B 47 -51.29 21.56 -22.90
CA ALA B 47 -52.14 21.72 -24.08
C ALA B 47 -53.34 22.58 -23.71
N LEU B 48 -53.79 23.39 -24.66
CA LEU B 48 -54.92 24.29 -24.47
C LEU B 48 -56.11 23.80 -25.27
N ALA B 49 -57.28 23.76 -24.63
CA ALA B 49 -58.52 23.39 -25.29
C ALA B 49 -59.66 24.14 -24.62
N ASP B 50 -60.50 24.77 -25.42
CA ASP B 50 -61.63 25.61 -24.98
C ASP B 50 -61.26 26.44 -23.75
N ASN B 51 -60.22 27.25 -23.92
CA ASN B 51 -59.76 28.21 -22.91
C ASN B 51 -59.35 27.55 -21.60
N VAL B 52 -58.99 26.27 -21.64
CA VAL B 52 -58.52 25.55 -20.46
C VAL B 52 -57.20 24.89 -20.79
N VAL B 53 -56.18 25.16 -20.00
CA VAL B 53 -54.87 24.53 -20.17
C VAL B 53 -54.81 23.31 -19.27
N TYR B 54 -54.05 22.30 -19.70
CA TYR B 54 -53.91 21.05 -18.96
C TYR B 54 -52.44 20.88 -18.58
N ALA B 55 -52.08 21.31 -17.37
CA ALA B 55 -50.71 21.18 -16.89
C ALA B 55 -50.54 19.85 -16.18
N ALA B 56 -49.36 19.24 -16.36
CA ALA B 56 -49.03 17.96 -15.78
C ALA B 56 -47.84 18.11 -14.84
N ASP B 57 -47.96 17.51 -13.66
CA ASP B 57 -46.91 17.56 -12.65
C ASP B 57 -46.12 16.27 -12.66
N ARG B 58 -44.82 16.38 -12.38
CA ARG B 58 -43.94 15.22 -12.43
C ARG B 58 -44.33 14.16 -11.40
N ALA B 59 -44.75 14.58 -10.21
CA ALA B 59 -45.01 13.68 -9.10
C ALA B 59 -46.33 12.94 -9.22
N GLY B 60 -46.93 12.89 -10.41
CA GLY B 60 -48.20 12.24 -10.60
C GLY B 60 -49.40 13.17 -10.54
N LEU B 61 -49.22 14.42 -10.15
CA LEU B 61 -50.31 15.37 -10.12
C LEU B 61 -50.58 15.91 -11.53
N VAL B 62 -51.80 16.36 -11.73
CA VAL B 62 -52.21 16.95 -13.01
C VAL B 62 -53.40 17.85 -12.75
N LYS B 63 -53.35 19.06 -13.32
CA LYS B 63 -54.32 20.10 -13.01
C LYS B 63 -54.75 20.80 -14.29
N ALA B 64 -56.06 21.03 -14.41
CA ALA B 64 -56.61 21.88 -15.46
C ALA B 64 -56.83 23.28 -14.90
N LEU B 65 -56.50 24.27 -15.71
CA LEU B 65 -56.55 25.67 -15.29
C LEU B 65 -57.27 26.51 -16.32
N ASN B 66 -57.98 27.52 -15.84
CA ASN B 66 -58.75 28.40 -16.70
C ASN B 66 -57.86 29.52 -17.24
N ALA B 67 -58.00 29.80 -18.53
CA ALA B 67 -57.17 30.81 -19.17
C ALA B 67 -57.71 32.21 -18.91
N ASP B 68 -56.80 33.19 -18.93
CA ASP B 68 -57.07 34.61 -18.75
C ASP B 68 -57.40 34.93 -17.29
N ASP B 69 -57.53 33.91 -16.45
CA ASP B 69 -57.73 34.12 -15.02
C ASP B 69 -56.90 33.20 -14.13
N GLY B 70 -56.38 32.08 -14.65
CA GLY B 70 -55.60 31.17 -13.83
C GLY B 70 -56.37 30.51 -12.71
N LYS B 71 -57.56 30.00 -13.00
CA LYS B 71 -58.42 29.41 -11.98
C LYS B 71 -58.38 27.89 -12.06
N GLU B 72 -58.15 27.27 -10.92
CA GLU B 72 -58.09 25.81 -10.85
C GLU B 72 -59.45 25.21 -11.19
N ILE B 73 -59.44 24.20 -12.06
CA ILE B 73 -60.67 23.52 -12.49
C ILE B 73 -60.77 22.18 -11.80
N TRP B 74 -59.82 21.29 -12.07
CA TRP B 74 -59.68 20.04 -11.35
C TRP B 74 -58.19 19.75 -11.19
N SER B 75 -57.86 18.92 -10.20
CA SER B 75 -56.48 18.53 -9.95
C SER B 75 -56.47 17.19 -9.24
N VAL B 76 -55.84 16.19 -9.84
CA VAL B 76 -55.77 14.86 -9.26
C VAL B 76 -54.34 14.36 -9.31
N SER B 77 -54.00 13.50 -8.35
CA SER B 77 -52.68 12.92 -8.24
C SER B 77 -52.68 11.46 -8.71
N LEU B 78 -51.61 11.07 -9.39
CA LEU B 78 -51.48 9.70 -9.87
C LEU B 78 -50.30 9.01 -9.21
N ALA B 79 -50.15 9.19 -7.90
CA ALA B 79 -49.06 8.55 -7.17
C ALA B 79 -49.24 7.04 -7.16
N GLU B 80 -48.13 6.33 -7.10
CA GLU B 80 -48.14 4.88 -7.08
C GLU B 80 -47.88 4.34 -5.67
N GLU B 88 -45.63 6.36 -3.64
CA GLU B 88 -44.59 6.31 -4.65
C GLU B 88 -44.83 7.34 -5.74
N PRO B 89 -43.76 7.90 -6.30
CA PRO B 89 -43.91 8.89 -7.38
C PRO B 89 -44.41 8.27 -8.67
N ALA B 90 -44.52 9.08 -9.72
CA ALA B 90 -44.97 8.60 -11.02
C ALA B 90 -43.99 8.85 -12.15
N LEU B 91 -43.20 9.92 -12.09
CA LEU B 91 -42.16 10.22 -13.08
C LEU B 91 -42.76 10.35 -14.48
N LEU B 92 -43.60 11.37 -14.65
CA LEU B 92 -44.16 11.66 -15.96
C LEU B 92 -43.09 12.19 -16.91
N SER B 93 -43.10 11.69 -18.13
CA SER B 93 -42.09 12.07 -19.13
C SER B 93 -42.69 12.74 -20.36
N GLY B 94 -43.74 12.17 -20.94
CA GLY B 94 -44.26 12.69 -22.19
C GLY B 94 -44.99 14.00 -22.02
N GLY B 95 -45.15 14.70 -23.14
CA GLY B 95 -45.89 15.94 -23.14
C GLY B 95 -47.38 15.71 -23.06
N VAL B 96 -48.11 16.81 -22.98
CA VAL B 96 -49.57 16.77 -22.85
C VAL B 96 -50.19 16.79 -24.25
N THR B 97 -50.99 15.78 -24.56
CA THR B 97 -51.73 15.73 -25.81
C THR B 97 -53.20 15.45 -25.51
N VAL B 98 -54.07 16.09 -26.27
CA VAL B 98 -55.51 16.01 -26.06
C VAL B 98 -56.17 15.55 -27.35
N SER B 99 -57.12 14.62 -27.23
CA SER B 99 -57.87 14.13 -28.37
C SER B 99 -59.27 13.75 -27.90
N GLY B 100 -60.26 14.08 -28.71
CA GLY B 100 -61.64 13.83 -28.31
C GLY B 100 -61.95 14.56 -27.03
N GLY B 101 -62.34 13.80 -26.01
CA GLY B 101 -62.53 14.36 -24.69
C GLY B 101 -61.59 13.73 -23.68
N HIS B 102 -60.34 13.51 -24.09
CA HIS B 102 -59.38 12.81 -23.23
C HIS B 102 -57.99 13.39 -23.44
N VAL B 103 -57.13 13.13 -22.46
CA VAL B 103 -55.72 13.53 -22.49
C VAL B 103 -54.88 12.28 -22.31
N TYR B 104 -53.71 12.28 -22.96
CA TYR B 104 -52.86 11.09 -22.99
C TYR B 104 -51.46 11.47 -22.50
N ILE B 105 -50.91 10.65 -21.61
CA ILE B 105 -49.65 10.94 -20.96
C ILE B 105 -48.79 9.69 -20.91
N GLY B 106 -47.48 9.85 -21.01
CA GLY B 106 -46.53 8.77 -20.82
C GLY B 106 -45.60 9.09 -19.66
N SER B 107 -45.25 8.06 -18.89
CA SER B 107 -44.42 8.23 -17.70
C SER B 107 -43.11 7.47 -17.84
N GLU B 108 -42.10 7.92 -17.08
CA GLU B 108 -40.78 7.29 -17.13
C GLU B 108 -40.80 5.86 -16.62
N LYS B 109 -41.80 5.49 -15.84
CA LYS B 109 -41.91 4.12 -15.33
C LYS B 109 -42.50 3.16 -16.34
N ALA B 110 -42.50 3.54 -17.62
CA ALA B 110 -42.97 2.68 -18.72
C ALA B 110 -44.45 2.38 -18.60
N GLN B 111 -45.25 3.44 -18.44
CA GLN B 111 -46.70 3.32 -18.43
C GLN B 111 -47.30 4.47 -19.19
N VAL B 112 -48.53 4.26 -19.69
CA VAL B 112 -49.28 5.27 -20.42
C VAL B 112 -50.65 5.42 -19.78
N TYR B 113 -51.06 6.67 -19.60
CA TYR B 113 -52.28 7.06 -18.92
C TYR B 113 -53.21 7.70 -19.93
N ALA B 114 -54.48 7.32 -19.90
CA ALA B 114 -55.53 7.99 -20.66
C ALA B 114 -56.52 8.53 -19.64
N LEU B 115 -56.51 9.85 -19.47
CA LEU B 115 -57.34 10.52 -18.48
C LEU B 115 -58.51 11.22 -19.19
N ASN B 116 -59.62 11.34 -18.47
CA ASN B 116 -60.88 11.81 -19.04
C ASN B 116 -61.15 13.27 -18.72
N THR B 117 -60.11 14.11 -18.73
CA THR B 117 -60.21 15.54 -18.48
C THR B 117 -60.82 15.85 -17.13
N SER B 118 -62.02 16.42 -17.12
CA SER B 118 -62.59 16.98 -15.89
C SER B 118 -62.71 15.95 -14.78
N ASP B 119 -62.96 14.68 -15.13
CA ASP B 119 -63.16 13.68 -14.10
C ASP B 119 -61.90 13.47 -13.26
N GLY B 120 -60.75 13.44 -13.89
CA GLY B 120 -59.47 13.28 -13.21
C GLY B 120 -58.98 11.85 -13.07
N THR B 121 -59.87 10.93 -12.73
CA THR B 121 -59.50 9.52 -12.65
C THR B 121 -59.14 9.00 -14.04
N VAL B 122 -58.13 8.15 -14.10
CA VAL B 122 -57.65 7.65 -15.38
C VAL B 122 -58.76 6.89 -16.10
N ALA B 123 -59.03 7.29 -17.34
CA ALA B 123 -60.04 6.58 -18.12
C ALA B 123 -59.58 5.17 -18.47
N TRP B 124 -58.33 5.03 -18.89
CA TRP B 124 -57.74 3.70 -19.02
C TRP B 124 -56.22 3.78 -18.95
N GLN B 125 -55.65 2.82 -18.22
CA GLN B 125 -54.22 2.75 -17.97
C GLN B 125 -53.64 1.52 -18.62
N THR B 126 -52.54 1.68 -19.37
CA THR B 126 -51.88 0.52 -19.94
C THR B 126 -50.37 0.67 -19.81
N LYS B 127 -49.66 -0.39 -20.15
CA LYS B 127 -48.22 -0.47 -19.99
C LYS B 127 -47.55 -0.48 -21.37
N VAL B 128 -46.34 0.08 -21.42
CA VAL B 128 -45.55 0.12 -22.64
C VAL B 128 -44.14 -0.39 -22.32
N ALA B 129 -43.45 -0.84 -23.35
CA ALA B 129 -42.13 -1.45 -23.21
C ALA B 129 -41.07 -0.35 -23.33
N GLY B 130 -40.78 0.30 -22.21
CA GLY B 130 -39.73 1.30 -22.14
C GLY B 130 -40.25 2.65 -21.73
N GLU B 131 -39.30 3.56 -21.52
CA GLU B 131 -39.62 4.93 -21.13
C GLU B 131 -40.29 5.67 -22.28
N ALA B 132 -41.28 6.50 -21.94
CA ALA B 132 -42.02 7.25 -22.95
C ALA B 132 -41.48 8.68 -23.05
N LEU B 133 -40.23 8.77 -23.50
CA LEU B 133 -39.63 10.08 -23.71
C LEU B 133 -40.34 10.84 -24.83
N SER B 134 -40.73 10.14 -25.90
CA SER B 134 -41.35 10.81 -27.03
C SER B 134 -42.64 11.50 -26.62
N ARG B 135 -42.85 12.69 -27.14
CA ARG B 135 -44.08 13.42 -26.88
C ARG B 135 -45.25 12.67 -27.48
N PRO B 136 -46.27 12.31 -26.70
CA PRO B 136 -47.39 11.54 -27.25
C PRO B 136 -48.11 12.32 -28.34
N VAL B 137 -48.51 11.61 -29.39
CA VAL B 137 -49.16 12.20 -30.54
C VAL B 137 -50.33 11.31 -30.94
N VAL B 138 -51.45 11.94 -31.29
CA VAL B 138 -52.65 11.25 -31.77
C VAL B 138 -52.80 11.54 -33.25
N SER B 139 -53.12 10.50 -34.03
CA SER B 139 -53.27 10.62 -35.47
C SER B 139 -54.06 9.44 -35.98
N ASP B 140 -55.06 9.71 -36.81
CA ASP B 140 -55.81 8.66 -37.53
C ASP B 140 -56.37 7.62 -36.58
N GLY B 141 -56.85 8.07 -35.42
CA GLY B 141 -57.43 7.15 -34.46
C GLY B 141 -56.45 6.21 -33.78
N LEU B 142 -55.17 6.61 -33.69
CA LEU B 142 -54.15 5.82 -33.01
C LEU B 142 -53.15 6.77 -32.40
N VAL B 143 -52.60 6.40 -31.24
CA VAL B 143 -51.60 7.22 -30.57
C VAL B 143 -50.24 6.56 -30.72
N LEU B 144 -49.24 7.36 -31.11
CA LEU B 144 -47.91 6.85 -31.46
C LEU B 144 -46.92 7.28 -30.39
N ILE B 145 -46.26 6.30 -29.76
CA ILE B 145 -45.28 6.57 -28.71
C ILE B 145 -43.97 5.87 -29.07
N HIS B 146 -42.86 6.60 -28.97
CA HIS B 146 -41.55 6.07 -29.29
C HIS B 146 -40.79 5.83 -28.00
N THR B 147 -40.56 4.57 -27.66
CA THR B 147 -39.88 4.23 -26.42
C THR B 147 -38.39 4.53 -26.54
N SER B 148 -37.75 4.69 -25.38
CA SER B 148 -36.32 4.95 -25.35
C SER B 148 -35.53 3.66 -25.42
N ASN B 149 -35.86 2.79 -26.38
CA ASN B 149 -35.13 1.54 -26.59
C ASN B 149 -34.84 1.25 -28.05
N GLY B 150 -35.48 1.92 -28.99
CA GLY B 150 -35.38 1.53 -30.39
C GLY B 150 -36.66 0.88 -30.87
N GLN B 151 -37.79 1.30 -30.30
CA GLN B 151 -39.09 0.78 -30.68
C GLN B 151 -40.11 1.90 -30.71
N LEU B 152 -41.09 1.78 -31.60
CA LEU B 152 -42.22 2.68 -31.65
C LEU B 152 -43.50 1.85 -31.65
N GLN B 153 -44.50 2.32 -30.92
CA GLN B 153 -45.73 1.56 -30.70
C GLN B 153 -46.94 2.41 -31.02
N ALA B 154 -47.91 1.79 -31.69
CA ALA B 154 -49.20 2.40 -31.97
C ALA B 154 -50.24 1.78 -31.05
N LEU B 155 -50.93 2.62 -30.29
CA LEU B 155 -51.89 2.19 -29.29
C LEU B 155 -53.28 2.67 -29.65
N ASN B 156 -54.26 1.81 -29.36
CA ASN B 156 -55.66 2.11 -29.59
C ASN B 156 -56.24 2.87 -28.41
N GLU B 157 -57.18 3.77 -28.70
CA GLU B 157 -57.78 4.61 -27.68
C GLU B 157 -58.78 3.88 -26.80
N ALA B 158 -59.33 2.76 -27.28
CA ALA B 158 -60.33 2.04 -26.51
C ALA B 158 -59.74 1.50 -25.21
N ASP B 159 -58.82 0.55 -25.31
CA ASP B 159 -58.09 0.06 -24.14
C ASP B 159 -56.80 -0.59 -24.64
N GLY B 160 -55.70 0.14 -24.55
CA GLY B 160 -54.41 -0.38 -24.97
C GLY B 160 -54.40 -0.84 -26.42
N ALA B 161 -54.37 -2.17 -26.61
CA ALA B 161 -54.41 -2.79 -27.94
C ALA B 161 -53.27 -2.28 -28.82
N VAL B 162 -52.05 -2.65 -28.40
CA VAL B 162 -50.87 -2.28 -29.15
C VAL B 162 -51.00 -2.79 -30.57
N LYS B 163 -51.07 -1.87 -31.54
CA LYS B 163 -51.26 -2.26 -32.92
C LYS B 163 -50.00 -2.93 -33.47
N TRP B 164 -48.83 -2.32 -33.24
CA TRP B 164 -47.57 -2.90 -33.69
C TRP B 164 -46.44 -2.26 -32.90
N THR B 165 -45.28 -2.90 -32.96
CA THR B 165 -44.05 -2.43 -32.32
C THR B 165 -42.94 -2.48 -33.35
N VAL B 166 -42.71 -1.36 -34.02
CA VAL B 166 -41.67 -1.29 -35.04
C VAL B 166 -40.31 -1.09 -34.37
N ASN B 167 -39.37 -1.97 -34.68
CA ASN B 167 -38.06 -1.96 -34.05
C ASN B 167 -37.15 -0.94 -34.72
N LEU B 168 -36.19 -0.43 -33.94
CA LEU B 168 -35.17 0.49 -34.43
C LEU B 168 -33.85 0.12 -33.77
N ASP B 169 -32.77 0.60 -34.36
CA ASP B 169 -31.42 0.32 -33.88
C ASP B 169 -30.76 1.60 -33.39
N MET B 170 -29.94 1.47 -32.35
CA MET B 170 -29.32 2.64 -31.73
C MET B 170 -28.09 2.21 -30.95
N PRO B 171 -27.02 2.99 -30.96
CA PRO B 171 -25.86 2.68 -30.12
C PRO B 171 -26.06 3.16 -28.70
N SER B 172 -25.22 2.64 -27.80
CA SER B 172 -25.37 2.95 -26.38
C SER B 172 -24.73 4.28 -26.02
N LEU B 173 -25.04 5.33 -26.78
CA LEU B 173 -24.58 6.67 -26.43
C LEU B 173 -25.62 7.74 -26.75
N SER B 174 -26.82 7.37 -27.16
CA SER B 174 -27.79 8.33 -27.66
C SER B 174 -28.26 9.27 -26.55
N LEU B 175 -28.28 10.55 -26.85
CA LEU B 175 -28.89 11.54 -25.96
C LEU B 175 -30.40 11.33 -25.88
N ARG B 176 -30.99 11.74 -24.76
CA ARG B 176 -32.40 11.51 -24.50
C ARG B 176 -33.24 12.58 -25.19
N GLY B 177 -34.54 12.61 -24.88
CA GLY B 177 -35.45 13.51 -25.54
C GLY B 177 -35.73 13.10 -26.97
N GLU B 178 -36.30 11.91 -27.14
CA GLU B 178 -36.40 11.29 -28.45
C GLU B 178 -37.36 12.05 -29.35
N SER B 179 -37.28 11.75 -30.65
CA SER B 179 -38.03 12.47 -31.66
C SER B 179 -39.53 12.15 -31.56
N ALA B 180 -40.33 13.13 -31.98
CA ALA B 180 -41.78 12.96 -32.02
C ALA B 180 -42.21 12.77 -33.47
N PRO B 181 -42.83 11.66 -33.83
CA PRO B 181 -43.22 11.44 -35.23
C PRO B 181 -44.35 12.37 -35.63
N THR B 182 -44.43 12.63 -36.94
CA THR B 182 -45.50 13.45 -37.50
C THR B 182 -46.13 12.74 -38.68
N THR B 183 -47.43 12.91 -38.83
CA THR B 183 -48.20 12.20 -39.85
C THR B 183 -48.53 13.12 -41.02
N ALA B 184 -48.60 12.51 -42.21
CA ALA B 184 -48.97 13.20 -43.44
C ALA B 184 -49.28 12.16 -44.49
N PHE B 185 -50.39 12.36 -45.21
CA PHE B 185 -50.81 11.47 -46.28
C PHE B 185 -50.97 10.02 -45.81
N GLY B 186 -51.33 9.85 -44.54
CA GLY B 186 -51.50 8.53 -43.96
C GLY B 186 -50.24 7.84 -43.53
N ALA B 187 -49.08 8.47 -43.68
CA ALA B 187 -47.81 7.89 -43.28
C ALA B 187 -47.15 8.78 -42.24
N ALA B 188 -46.56 8.17 -41.21
CA ALA B 188 -45.91 8.90 -40.13
C ALA B 188 -44.40 8.75 -40.26
N VAL B 189 -43.70 9.86 -40.15
CA VAL B 189 -42.24 9.88 -40.24
C VAL B 189 -41.68 10.21 -38.86
N VAL B 190 -40.50 9.66 -38.58
CA VAL B 190 -39.82 9.89 -37.31
C VAL B 190 -38.32 9.69 -37.51
N GLY B 191 -37.53 10.47 -36.78
CA GLY B 191 -36.10 10.33 -36.84
C GLY B 191 -35.59 9.15 -36.03
N GLY B 192 -34.30 8.89 -36.16
CA GLY B 192 -33.68 7.77 -35.48
C GLY B 192 -32.53 8.17 -34.59
N ASP B 193 -32.19 7.31 -33.63
CA ASP B 193 -31.12 7.57 -32.68
C ASP B 193 -29.73 7.34 -33.29
N ASN B 194 -29.66 7.08 -34.60
CA ASN B 194 -28.40 7.02 -35.31
C ASN B 194 -28.42 7.86 -36.57
N GLY B 195 -29.52 8.58 -36.84
CA GLY B 195 -29.69 9.33 -38.06
C GLY B 195 -30.61 8.71 -39.08
N ARG B 196 -31.02 7.45 -38.87
CA ARG B 196 -31.89 6.75 -39.81
C ARG B 196 -33.32 7.27 -39.63
N VAL B 197 -33.60 8.42 -40.24
CA VAL B 197 -34.96 8.93 -40.25
C VAL B 197 -35.78 8.09 -41.21
N SER B 198 -36.95 7.64 -40.76
CA SER B 198 -37.73 6.65 -41.48
C SER B 198 -39.19 7.08 -41.56
N ALA B 199 -39.91 6.43 -42.48
CA ALA B 199 -41.34 6.62 -42.67
C ALA B 199 -42.04 5.27 -42.57
N VAL B 200 -43.21 5.26 -41.92
CA VAL B 200 -43.98 4.04 -41.72
C VAL B 200 -45.44 4.34 -42.03
N LEU B 201 -46.07 3.46 -42.82
CA LEU B 201 -47.49 3.59 -43.13
C LEU B 201 -48.28 3.15 -41.90
N MET B 202 -49.06 4.07 -41.34
CA MET B 202 -49.59 3.92 -39.99
C MET B 202 -50.98 3.28 -39.96
N GLU B 203 -51.12 2.13 -40.64
CA GLU B 203 -52.32 1.32 -40.49
C GLU B 203 -52.04 -0.15 -40.26
N GLN B 204 -50.84 -0.64 -40.58
CA GLN B 204 -50.49 -2.03 -40.38
C GLN B 204 -49.14 -2.24 -39.73
N GLY B 205 -48.28 -1.23 -39.68
CA GLY B 205 -46.98 -1.36 -39.06
C GLY B 205 -45.93 -1.95 -39.96
N GLN B 206 -45.68 -1.33 -41.11
CA GLN B 206 -44.62 -1.73 -42.00
C GLN B 206 -43.78 -0.51 -42.35
N MET B 207 -42.45 -0.72 -42.41
CA MET B 207 -41.49 0.35 -42.59
C MET B 207 -41.11 0.43 -44.07
N ILE B 208 -41.36 1.57 -44.69
CA ILE B 208 -41.13 1.71 -46.13
C ILE B 208 -39.68 2.09 -46.41
N TRP B 209 -39.26 3.25 -45.94
CA TRP B 209 -37.96 3.78 -46.32
C TRP B 209 -37.36 4.56 -45.15
N GLN B 210 -36.05 4.77 -45.25
CA GLN B 210 -35.28 5.48 -44.25
C GLN B 210 -33.98 5.95 -44.88
N GLN B 211 -33.33 6.91 -44.22
CA GLN B 211 -32.04 7.39 -44.67
C GLN B 211 -31.31 8.06 -43.52
N ARG B 212 -29.98 8.01 -43.58
CA ARG B 212 -29.11 8.59 -42.56
C ARG B 212 -28.61 9.94 -43.04
N ILE B 213 -29.25 11.02 -42.58
CA ILE B 213 -28.78 12.36 -42.90
C ILE B 213 -27.62 12.80 -42.02
N SER B 214 -27.39 12.09 -40.91
CA SER B 214 -26.32 12.45 -39.97
C SER B 214 -25.02 11.80 -40.42
N GLN B 215 -24.06 12.62 -40.82
CA GLN B 215 -22.75 12.13 -41.24
C GLN B 215 -21.80 12.16 -40.06
N ALA B 216 -21.17 11.01 -39.77
CA ALA B 216 -20.21 10.90 -38.69
C ALA B 216 -18.92 11.59 -39.13
N THR B 217 -18.92 12.91 -39.05
CA THR B 217 -17.79 13.75 -39.49
C THR B 217 -16.82 14.05 -38.35
N GLY B 218 -16.37 13.00 -37.67
CA GLY B 218 -15.44 13.16 -36.57
C GLY B 218 -14.37 12.08 -36.51
N SER B 219 -13.63 12.04 -35.40
CA SER B 219 -12.55 11.08 -35.25
C SER B 219 -13.07 9.72 -34.77
N THR B 220 -13.67 9.69 -33.59
CA THR B 220 -14.19 8.46 -33.00
C THR B 220 -15.64 8.68 -32.57
N GLU B 221 -16.45 7.63 -32.73
CA GLU B 221 -17.89 7.74 -32.50
C GLU B 221 -18.23 8.03 -31.04
N ILE B 222 -17.29 7.84 -30.12
CA ILE B 222 -17.59 8.03 -28.70
C ILE B 222 -17.94 9.49 -28.41
N ASP B 223 -17.23 10.43 -29.02
CA ASP B 223 -17.52 11.84 -28.83
C ASP B 223 -18.56 12.36 -29.84
N ARG B 224 -19.01 11.53 -30.76
CA ARG B 224 -19.98 11.92 -31.77
C ARG B 224 -21.35 11.39 -31.36
N LEU B 225 -22.30 12.29 -31.14
CA LEU B 225 -23.68 11.87 -30.93
C LEU B 225 -24.30 11.42 -32.23
N SER B 226 -24.36 12.31 -33.22
CA SER B 226 -24.76 11.97 -34.59
C SER B 226 -26.13 11.32 -34.64
N ASP B 227 -27.05 11.83 -33.83
CA ASP B 227 -28.42 11.32 -33.78
C ASP B 227 -29.42 12.46 -33.89
N VAL B 228 -30.61 12.13 -34.39
CA VAL B 228 -31.70 13.09 -34.51
C VAL B 228 -32.79 12.68 -33.52
N ASP B 229 -33.22 13.64 -32.69
CA ASP B 229 -34.24 13.38 -31.68
C ASP B 229 -35.26 14.50 -31.62
N THR B 230 -35.43 15.27 -32.70
CA THR B 230 -36.38 16.36 -32.75
C THR B 230 -37.47 16.05 -33.78
N THR B 231 -38.66 16.58 -33.53
CA THR B 231 -39.79 16.29 -34.40
C THR B 231 -39.60 16.98 -35.75
N PRO B 232 -39.89 16.28 -36.85
CA PRO B 232 -39.87 16.91 -38.18
C PRO B 232 -41.13 17.72 -38.42
N VAL B 233 -41.00 18.71 -39.29
CA VAL B 233 -42.11 19.57 -39.70
C VAL B 233 -42.26 19.46 -41.22
N VAL B 234 -43.48 19.19 -41.67
CA VAL B 234 -43.75 18.93 -43.08
C VAL B 234 -44.46 20.14 -43.68
N VAL B 235 -44.00 20.56 -44.86
CA VAL B 235 -44.65 21.61 -45.64
C VAL B 235 -44.78 21.08 -47.06
N ASN B 236 -46.01 20.78 -47.48
CA ASN B 236 -46.26 20.17 -48.78
C ASN B 236 -45.46 18.88 -48.93
N GLY B 237 -44.28 18.98 -49.56
CA GLY B 237 -43.44 17.82 -49.74
C GLY B 237 -42.13 17.89 -48.99
N VAL B 238 -41.70 19.09 -48.63
CA VAL B 238 -40.43 19.27 -47.92
C VAL B 238 -40.62 18.93 -46.45
N VAL B 239 -39.56 18.42 -45.82
CA VAL B 239 -39.56 18.15 -44.39
C VAL B 239 -38.11 18.19 -43.92
N PHE B 240 -37.92 18.44 -42.62
CA PHE B 240 -36.62 18.74 -42.06
C PHE B 240 -36.34 17.84 -40.87
N ALA B 241 -35.05 17.68 -40.57
CA ALA B 241 -34.61 17.02 -39.34
C ALA B 241 -33.30 17.68 -38.91
N LEU B 242 -32.99 17.54 -37.63
CA LEU B 242 -31.84 18.23 -37.05
C LEU B 242 -31.13 17.29 -36.07
N ALA B 243 -29.91 16.89 -36.43
CA ALA B 243 -29.09 16.05 -35.57
C ALA B 243 -28.20 16.91 -34.69
N TYR B 244 -27.77 16.33 -33.56
CA TYR B 244 -26.89 17.05 -32.65
C TYR B 244 -25.55 17.38 -33.30
N ASN B 245 -24.97 16.41 -34.00
CA ASN B 245 -23.67 16.64 -34.60
C ASN B 245 -23.72 17.53 -35.83
N GLY B 246 -24.88 18.11 -36.13
CA GLY B 246 -25.04 18.97 -37.28
C GLY B 246 -25.92 18.35 -38.35
N ASN B 247 -25.52 18.48 -39.61
CA ASN B 247 -26.15 17.78 -40.73
C ASN B 247 -27.63 18.18 -40.88
N LEU B 248 -27.84 19.47 -41.14
CA LEU B 248 -29.16 19.93 -41.53
C LEU B 248 -29.50 19.44 -42.93
N THR B 249 -30.72 18.94 -43.10
CA THR B 249 -31.11 18.29 -44.34
C THR B 249 -32.53 18.67 -44.71
N ALA B 250 -32.77 18.93 -45.98
CA ALA B 250 -34.11 19.06 -46.53
C ALA B 250 -34.41 17.80 -47.33
N LEU B 251 -35.46 17.07 -46.97
CA LEU B 251 -35.77 15.83 -47.66
C LEU B 251 -37.27 15.77 -47.96
N ASP B 252 -37.61 15.04 -49.01
CA ASP B 252 -38.97 15.02 -49.53
C ASP B 252 -39.66 13.73 -49.13
N LEU B 253 -40.99 13.82 -48.97
CA LEU B 253 -41.77 12.72 -48.37
C LEU B 253 -41.81 11.48 -49.25
N ARG B 254 -41.60 11.63 -50.56
CA ARG B 254 -41.83 10.50 -51.47
C ARG B 254 -40.88 9.35 -51.17
N SER B 255 -39.61 9.65 -50.94
CA SER B 255 -38.61 8.61 -50.71
C SER B 255 -37.43 9.24 -49.96
N GLY B 256 -36.31 8.53 -49.92
CA GLY B 256 -35.11 9.04 -49.29
C GLY B 256 -34.22 9.84 -50.22
N GLN B 257 -34.69 11.01 -50.64
CA GLN B 257 -33.88 11.94 -51.42
C GLN B 257 -33.69 13.23 -50.66
N ILE B 258 -32.59 13.92 -50.94
CA ILE B 258 -32.20 15.14 -50.23
C ILE B 258 -32.14 16.28 -51.23
N MET B 259 -32.96 17.31 -51.02
CA MET B 259 -32.90 18.48 -51.89
C MET B 259 -31.65 19.32 -51.61
N TRP B 260 -31.35 19.57 -50.33
CA TRP B 260 -30.11 20.26 -50.02
C TRP B 260 -29.68 19.94 -48.59
N LYS B 261 -28.40 20.25 -48.32
CA LYS B 261 -27.71 19.87 -47.11
C LYS B 261 -26.94 21.07 -46.58
N ARG B 262 -26.71 21.08 -45.27
CA ARG B 262 -25.91 22.10 -44.63
C ARG B 262 -25.19 21.49 -43.43
N GLU B 263 -23.97 21.97 -43.17
CA GLU B 263 -23.11 21.42 -42.13
C GLU B 263 -23.15 22.25 -40.84
N LEU B 264 -24.28 22.85 -40.52
CA LEU B 264 -24.43 23.55 -39.24
C LEU B 264 -25.20 22.71 -38.22
N GLY B 265 -26.45 22.34 -38.55
CA GLY B 265 -27.30 21.56 -37.68
C GLY B 265 -27.23 21.93 -36.21
N SER B 266 -27.01 20.93 -35.36
CA SER B 266 -26.76 21.13 -33.93
C SER B 266 -27.95 21.76 -33.23
N VAL B 267 -29.15 21.30 -33.58
CA VAL B 267 -30.40 21.81 -32.99
C VAL B 267 -31.22 20.63 -32.52
N ASN B 268 -32.07 20.88 -31.51
CA ASN B 268 -33.00 19.88 -31.01
C ASN B 268 -34.44 20.38 -30.99
N ASP B 269 -34.70 21.60 -31.47
CA ASP B 269 -36.04 22.18 -31.46
C ASP B 269 -36.09 23.39 -32.37
N PHE B 270 -37.05 23.40 -33.29
CA PHE B 270 -37.08 24.41 -34.35
C PHE B 270 -38.51 24.60 -34.84
N ILE B 271 -38.75 25.75 -35.46
CA ILE B 271 -40.06 26.10 -35.98
C ILE B 271 -39.89 26.64 -37.39
N VAL B 272 -41.03 26.80 -38.08
CA VAL B 272 -41.05 27.30 -39.45
C VAL B 272 -41.98 28.51 -39.51
N ASP B 273 -41.55 29.54 -40.23
CA ASP B 273 -42.32 30.76 -40.41
C ASP B 273 -43.15 30.74 -41.70
N GLY B 274 -43.15 29.64 -42.42
CA GLY B 274 -43.77 29.57 -43.73
C GLY B 274 -42.80 29.90 -44.85
N ASN B 275 -42.00 30.94 -44.66
CA ASN B 275 -40.94 31.30 -45.59
C ASN B 275 -39.55 31.15 -45.00
N ARG B 276 -39.38 31.41 -43.70
CA ARG B 276 -38.10 31.26 -43.03
C ARG B 276 -38.20 30.16 -41.98
N ILE B 277 -37.04 29.64 -41.58
CA ILE B 277 -36.96 28.60 -40.56
C ILE B 277 -35.92 29.02 -39.53
N TYR B 278 -36.23 28.84 -38.26
CA TYR B 278 -35.35 29.20 -37.16
C TYR B 278 -34.73 27.96 -36.54
N LEU B 279 -33.66 28.18 -35.80
CA LEU B 279 -32.91 27.08 -35.17
C LEU B 279 -32.05 27.65 -34.06
N VAL B 280 -31.54 26.74 -33.22
CA VAL B 280 -30.66 27.11 -32.11
C VAL B 280 -29.43 26.19 -32.15
N ASP B 281 -28.26 26.78 -32.33
CA ASP B 281 -27.03 26.00 -32.40
C ASP B 281 -26.60 25.50 -31.03
N GLN B 282 -25.62 24.60 -31.03
CA GLN B 282 -25.07 24.10 -29.77
C GLN B 282 -24.47 25.24 -28.94
N ASN B 283 -23.71 26.12 -29.58
CA ASN B 283 -23.13 27.27 -28.93
C ASN B 283 -24.14 28.40 -28.72
N ASP B 284 -25.44 28.09 -28.83
CA ASP B 284 -26.52 29.07 -28.67
C ASP B 284 -26.42 30.16 -29.74
N ARG B 285 -26.41 29.74 -30.99
CA ARG B 285 -26.37 30.63 -32.14
C ARG B 285 -27.65 30.45 -32.94
N VAL B 286 -28.43 31.51 -33.08
CA VAL B 286 -29.74 31.46 -33.72
C VAL B 286 -29.67 32.22 -35.04
N MET B 287 -30.12 31.57 -36.11
CA MET B 287 -30.15 32.18 -37.43
C MET B 287 -31.47 31.85 -38.10
N ALA B 288 -31.80 32.65 -39.11
CA ALA B 288 -32.97 32.42 -39.95
C ALA B 288 -32.50 31.93 -41.32
N LEU B 289 -33.08 30.82 -41.77
CA LEU B 289 -32.66 30.18 -43.00
C LEU B 289 -33.82 30.15 -43.99
N THR B 290 -33.48 30.22 -45.27
CA THR B 290 -34.47 30.26 -46.33
C THR B 290 -34.79 28.85 -46.84
N ILE B 291 -35.84 28.76 -47.64
CA ILE B 291 -36.32 27.47 -48.12
C ILE B 291 -35.34 26.86 -49.12
N ASP B 292 -34.79 27.68 -50.02
CA ASP B 292 -34.00 27.14 -51.12
C ASP B 292 -32.57 26.82 -50.71
N GLY B 293 -31.81 27.83 -50.29
CA GLY B 293 -30.40 27.64 -50.03
C GLY B 293 -30.03 27.60 -48.57
N GLY B 294 -30.96 27.96 -47.69
CA GLY B 294 -30.69 27.98 -46.27
C GLY B 294 -29.61 28.95 -45.87
N VAL B 295 -29.67 30.17 -46.40
CA VAL B 295 -28.67 31.19 -46.06
C VAL B 295 -29.07 31.90 -44.79
N THR B 296 -28.10 32.07 -43.89
CA THR B 296 -28.36 32.74 -42.61
C THR B 296 -28.74 34.20 -42.83
N LEU B 297 -29.62 34.69 -41.95
CA LEU B 297 -30.02 36.10 -41.96
C LEU B 297 -29.23 36.93 -40.95
N TRP B 298 -29.24 36.53 -39.68
CA TRP B 298 -28.47 37.21 -38.66
C TRP B 298 -28.11 36.20 -37.57
N THR B 299 -27.54 36.69 -36.48
CA THR B 299 -27.13 35.85 -35.37
C THR B 299 -27.15 36.65 -34.09
N GLN B 300 -27.19 35.94 -32.97
CA GLN B 300 -27.17 36.55 -31.64
C GLN B 300 -26.06 35.88 -30.83
N SER B 301 -25.24 36.71 -30.17
CA SER B 301 -24.13 36.21 -29.35
C SER B 301 -24.21 36.72 -27.92
N ASP B 302 -25.37 37.26 -27.51
CA ASP B 302 -25.50 37.74 -26.14
C ASP B 302 -25.39 36.61 -25.13
N LEU B 303 -26.07 35.50 -25.40
CA LEU B 303 -26.06 34.33 -24.53
C LEU B 303 -25.43 33.17 -25.29
N LEU B 304 -24.26 32.72 -24.85
CA LEU B 304 -23.55 31.61 -25.46
C LEU B 304 -23.50 30.46 -24.47
N HIS B 305 -23.93 29.28 -24.93
CA HIS B 305 -23.95 28.07 -24.10
C HIS B 305 -24.79 28.28 -22.85
N ARG B 306 -25.83 29.10 -22.95
CA ARG B 306 -26.72 29.38 -21.84
C ARG B 306 -28.00 28.54 -21.88
N LEU B 307 -28.11 27.63 -22.85
CA LEU B 307 -29.18 26.65 -22.91
C LEU B 307 -30.56 27.31 -23.03
N LEU B 308 -30.74 28.03 -24.12
CA LEU B 308 -32.05 28.58 -24.44
C LEU B 308 -32.95 27.47 -25.01
N THR B 309 -34.25 27.72 -24.97
CA THR B 309 -35.23 26.78 -25.46
C THR B 309 -35.68 27.17 -26.87
N SER B 310 -36.70 26.49 -27.38
CA SER B 310 -37.19 26.75 -28.73
C SER B 310 -37.79 28.15 -28.84
N PRO B 311 -37.61 28.79 -29.98
CA PRO B 311 -38.31 30.06 -30.22
C PRO B 311 -39.72 29.82 -30.74
N VAL B 312 -40.65 30.67 -30.32
CA VAL B 312 -42.04 30.56 -30.72
C VAL B 312 -42.50 31.88 -31.31
N LEU B 313 -43.22 31.79 -32.42
CA LEU B 313 -43.76 32.96 -33.10
C LEU B 313 -45.00 33.48 -32.37
N TYR B 314 -45.11 34.80 -32.29
CA TYR B 314 -46.21 35.46 -31.59
C TYR B 314 -46.28 36.90 -32.09
N ASN B 315 -47.38 37.24 -32.77
CA ASN B 315 -47.61 38.59 -33.27
C ASN B 315 -46.43 39.09 -34.10
N GLY B 316 -45.88 38.21 -34.93
CA GLY B 316 -44.75 38.57 -35.76
C GLY B 316 -43.44 38.73 -35.02
N ASN B 317 -43.29 38.11 -33.86
CA ASN B 317 -42.07 38.18 -33.08
C ASN B 317 -41.72 36.79 -32.57
N LEU B 318 -40.56 36.67 -31.93
CA LEU B 318 -40.10 35.38 -31.40
C LEU B 318 -39.88 35.49 -29.90
N VAL B 319 -40.28 34.45 -29.18
CA VAL B 319 -40.10 34.37 -27.74
C VAL B 319 -39.26 33.15 -27.42
N VAL B 320 -38.27 33.32 -26.54
CA VAL B 320 -37.33 32.27 -26.17
C VAL B 320 -37.12 32.30 -24.66
N GLY B 321 -36.77 31.15 -24.09
CA GLY B 321 -36.36 31.07 -22.71
C GLY B 321 -34.85 30.88 -22.57
N ASP B 322 -34.44 30.55 -21.36
CA ASP B 322 -33.03 30.25 -21.09
C ASP B 322 -32.93 29.44 -19.81
N SER B 323 -31.74 28.86 -19.61
CA SER B 323 -31.46 28.09 -18.40
C SER B 323 -31.16 28.98 -17.19
N GLU B 324 -31.26 30.29 -17.34
CA GLU B 324 -31.11 31.22 -16.22
C GLU B 324 -32.43 31.84 -15.79
N GLY B 325 -33.53 31.48 -16.43
CA GLY B 325 -34.81 32.05 -16.09
C GLY B 325 -35.02 33.47 -16.57
N TYR B 326 -34.27 33.91 -17.58
CA TYR B 326 -34.39 35.25 -18.14
C TYR B 326 -35.01 35.11 -19.52
N LEU B 327 -36.31 35.37 -19.62
CA LEU B 327 -37.01 35.25 -20.89
C LEU B 327 -36.52 36.31 -21.86
N HIS B 328 -36.37 35.93 -23.13
CA HIS B 328 -35.85 36.82 -24.15
C HIS B 328 -36.84 36.95 -25.30
N TRP B 329 -36.80 38.11 -25.94
CA TRP B 329 -37.66 38.47 -27.05
C TRP B 329 -36.79 38.81 -28.26
N ILE B 330 -37.24 38.42 -29.45
CA ILE B 330 -36.45 38.55 -30.66
C ILE B 330 -37.33 39.12 -31.77
N ASN B 331 -36.81 40.12 -32.48
CA ASN B 331 -37.51 40.65 -33.63
C ASN B 331 -37.42 39.68 -34.80
N VAL B 332 -38.49 39.64 -35.60
CA VAL B 332 -38.54 38.75 -36.75
C VAL B 332 -37.55 39.18 -37.83
N GLU B 333 -37.17 40.46 -37.87
CA GLU B 333 -36.23 40.97 -38.85
C GLU B 333 -34.97 41.44 -38.13
N ASP B 334 -33.86 40.75 -38.37
CA ASP B 334 -32.53 41.09 -37.88
C ASP B 334 -32.41 40.85 -36.38
N GLY B 335 -33.51 40.52 -35.72
CA GLY B 335 -33.47 40.23 -34.30
C GLY B 335 -33.33 41.47 -33.44
N ARG B 336 -33.99 41.49 -32.28
CA ARG B 336 -33.85 42.59 -31.35
C ARG B 336 -34.41 42.16 -30.00
N PHE B 337 -33.69 42.51 -28.92
CA PHE B 337 -34.17 42.26 -27.57
C PHE B 337 -35.25 43.28 -27.24
N VAL B 338 -36.42 43.07 -27.84
CA VAL B 338 -37.54 44.01 -27.65
C VAL B 338 -37.93 44.08 -26.19
N ALA B 339 -37.89 42.95 -25.48
CA ALA B 339 -38.19 42.92 -24.06
C ALA B 339 -37.43 41.76 -23.42
N GLN B 340 -37.01 41.97 -22.18
CA GLN B 340 -36.35 40.93 -21.39
C GLN B 340 -37.12 40.77 -20.09
N GLN B 341 -37.41 39.53 -19.73
CA GLN B 341 -38.32 39.24 -18.63
C GLN B 341 -37.58 38.44 -17.56
N LYS B 342 -37.93 38.70 -16.30
CA LYS B 342 -37.36 37.98 -15.17
C LYS B 342 -38.49 37.50 -14.27
N VAL B 343 -38.71 36.19 -14.25
CA VAL B 343 -39.76 35.61 -13.43
C VAL B 343 -39.25 34.53 -12.47
N ASP B 344 -38.15 33.86 -12.77
CA ASP B 344 -37.57 32.90 -11.84
C ASP B 344 -36.05 32.94 -11.98
N SER B 345 -35.37 32.69 -10.86
CA SER B 345 -33.91 32.79 -10.80
C SER B 345 -33.20 31.46 -10.97
N SER B 346 -33.95 30.36 -11.17
CA SER B 346 -33.32 29.05 -11.23
C SER B 346 -33.16 28.53 -12.65
N GLY B 347 -33.95 29.02 -13.61
CA GLY B 347 -33.80 28.64 -14.99
C GLY B 347 -35.01 27.89 -15.53
N PHE B 348 -34.96 27.61 -16.83
CA PHE B 348 -36.05 26.95 -17.53
C PHE B 348 -35.49 25.83 -18.40
N GLN B 349 -36.15 24.67 -18.36
CA GLN B 349 -35.76 23.51 -19.17
C GLN B 349 -36.95 22.91 -19.91
N THR B 350 -38.03 23.67 -20.08
CA THR B 350 -39.25 23.17 -20.68
C THR B 350 -39.34 23.63 -22.13
N GLU B 351 -40.46 23.32 -22.78
CA GLU B 351 -40.70 23.69 -24.16
C GLU B 351 -41.85 24.69 -24.21
N PRO B 352 -41.64 25.88 -24.77
CA PRO B 352 -42.69 26.90 -24.76
C PRO B 352 -43.91 26.52 -25.58
N VAL B 353 -45.07 27.01 -25.15
CA VAL B 353 -46.34 26.72 -25.80
C VAL B 353 -47.09 28.02 -26.03
N ALA B 354 -47.71 28.16 -27.20
CA ALA B 354 -48.47 29.35 -27.57
C ALA B 354 -49.76 28.94 -28.25
N ALA B 355 -50.87 29.54 -27.82
CA ALA B 355 -52.17 29.28 -28.42
C ALA B 355 -53.12 30.39 -28.01
N ASP B 356 -54.03 30.74 -28.94
CA ASP B 356 -55.02 31.79 -28.71
C ASP B 356 -54.37 33.12 -28.33
N GLY B 357 -53.22 33.41 -28.90
CA GLY B 357 -52.51 34.65 -28.59
C GLY B 357 -52.08 34.75 -27.15
N LYS B 358 -51.58 33.66 -26.57
CA LYS B 358 -51.14 33.65 -25.19
C LYS B 358 -49.93 32.72 -25.06
N LEU B 359 -48.99 33.10 -24.20
CA LEU B 359 -47.76 32.35 -24.01
C LEU B 359 -47.68 31.83 -22.59
N LEU B 360 -47.21 30.58 -22.46
CA LEU B 360 -47.08 29.91 -21.18
C LEU B 360 -45.71 29.26 -21.11
N ILE B 361 -45.04 29.40 -19.96
CA ILE B 361 -43.70 28.85 -19.74
C ILE B 361 -43.70 28.09 -18.42
N GLN B 362 -43.25 26.85 -18.45
CA GLN B 362 -43.25 26.01 -17.26
C GLN B 362 -41.98 26.25 -16.45
N ALA B 363 -42.09 26.04 -15.13
CA ALA B 363 -40.96 26.16 -14.22
C ALA B 363 -40.84 24.92 -13.36
N LYS B 364 -39.96 24.98 -12.35
CA LYS B 364 -39.78 23.82 -11.47
C LYS B 364 -40.87 23.76 -10.41
N ASP B 365 -40.93 24.76 -9.55
CA ASP B 365 -41.90 24.82 -8.45
C ASP B 365 -43.04 25.77 -8.73
N GLY B 366 -42.76 26.94 -9.31
CA GLY B 366 -43.82 27.80 -9.80
C GLY B 366 -44.51 27.24 -11.03
N THR B 367 -43.85 26.30 -11.73
CA THR B 367 -44.43 25.54 -12.83
C THR B 367 -44.93 26.51 -13.89
N VAL B 368 -46.22 26.51 -14.23
CA VAL B 368 -46.71 27.26 -15.39
C VAL B 368 -46.86 28.73 -15.02
N TYR B 369 -46.27 29.60 -15.84
CA TYR B 369 -46.50 31.04 -15.79
C TYR B 369 -47.11 31.44 -17.13
N SER B 370 -48.29 32.04 -17.10
CA SER B 370 -48.93 32.59 -18.28
C SER B 370 -48.61 34.08 -18.34
N ILE B 371 -48.12 34.53 -19.50
CA ILE B 371 -47.63 35.88 -19.66
C ILE B 371 -48.70 36.71 -20.36
N THR B 372 -48.52 38.04 -20.32
CA THR B 372 -49.46 38.95 -21.03
C THR B 372 -48.67 39.70 -22.11
N ARG B 373 -48.75 39.23 -23.36
CA ARG B 373 -47.98 39.85 -24.48
C ARG B 373 -46.48 39.72 -24.19
N LYS C 8 39.27 0.80 -6.44
CA LYS C 8 38.44 0.64 -7.62
C LYS C 8 39.18 -0.13 -8.71
N ARG C 9 38.59 -0.16 -9.90
CA ARG C 9 39.12 -0.75 -11.14
C ARG C 9 38.97 -2.26 -11.21
N GLN C 10 38.46 -2.93 -10.18
CA GLN C 10 38.24 -4.38 -10.26
C GLN C 10 36.76 -4.68 -10.10
N VAL C 11 36.46 -5.96 -9.98
CA VAL C 11 35.10 -6.38 -9.70
C VAL C 11 34.74 -6.03 -8.26
N SER C 12 33.45 -5.90 -7.99
CA SER C 12 33.01 -5.48 -6.67
C SER C 12 33.22 -6.56 -5.62
N GLY C 13 32.89 -7.80 -5.95
CA GLY C 13 32.88 -8.85 -4.96
C GLY C 13 34.27 -9.27 -4.51
N ASP C 14 34.29 -10.11 -3.47
CA ASP C 14 35.54 -10.64 -2.97
C ASP C 14 36.10 -11.68 -3.94
N GLU C 15 37.37 -12.04 -3.72
CA GLU C 15 38.05 -13.05 -4.52
C GLU C 15 37.87 -14.46 -3.95
N ALA C 16 36.79 -14.69 -3.21
CA ALA C 16 36.59 -15.99 -2.57
C ALA C 16 36.48 -17.11 -3.60
N TYR C 17 35.79 -16.85 -4.71
CA TYR C 17 35.60 -17.89 -5.71
C TYR C 17 36.91 -18.30 -6.37
N LEU C 18 37.96 -17.50 -6.24
CA LEU C 18 39.26 -17.91 -6.75
C LEU C 18 39.77 -19.15 -6.01
N GLU C 19 39.34 -19.34 -4.77
CA GLU C 19 39.75 -20.49 -3.95
C GLU C 19 38.77 -21.66 -4.08
N ALA C 20 38.10 -21.80 -5.22
CA ALA C 20 37.11 -22.85 -5.38
C ALA C 20 37.75 -24.22 -5.34
N ALA C 21 36.96 -25.20 -4.89
CA ALA C 21 37.41 -26.58 -4.87
C ALA C 21 37.58 -27.09 -6.31
N PRO C 22 38.51 -28.02 -6.53
CA PRO C 22 38.70 -28.54 -7.89
C PRO C 22 37.50 -29.34 -8.37
N LEU C 23 37.32 -29.33 -9.68
CA LEU C 23 36.17 -29.96 -10.33
C LEU C 23 36.59 -31.35 -10.79
N ALA C 24 36.34 -32.36 -9.96
CA ALA C 24 36.77 -33.72 -10.23
C ALA C 24 35.56 -34.62 -10.38
N GLU C 25 35.54 -35.40 -11.46
CA GLU C 25 34.44 -36.30 -11.75
C GLU C 25 34.65 -37.66 -11.10
N LEU C 26 33.71 -38.57 -11.34
CA LEU C 26 33.73 -39.90 -10.77
C LEU C 26 33.44 -40.93 -11.85
N HIS C 27 33.88 -42.16 -11.61
CA HIS C 27 33.80 -43.23 -12.59
C HIS C 27 32.97 -44.38 -12.04
N ALA C 28 32.11 -44.93 -12.90
CA ALA C 28 31.28 -46.06 -12.51
C ALA C 28 32.12 -47.34 -12.48
N PRO C 29 31.74 -48.30 -11.64
CA PRO C 29 32.46 -49.58 -11.58
C PRO C 29 32.04 -50.51 -12.70
N ALA C 30 32.56 -51.74 -12.65
CA ALA C 30 32.24 -52.73 -13.65
C ALA C 30 30.77 -53.15 -13.57
N GLY C 31 30.16 -53.35 -14.74
CA GLY C 31 28.77 -53.71 -14.80
C GLY C 31 27.87 -52.65 -14.20
N MET C 32 28.11 -51.39 -14.56
CA MET C 32 27.40 -50.27 -13.96
C MET C 32 27.30 -49.15 -14.98
N ILE C 33 26.15 -48.49 -15.00
CA ILE C 33 25.93 -47.34 -15.87
C ILE C 33 25.75 -46.10 -15.00
N LEU C 34 25.69 -44.95 -15.65
CA LEU C 34 25.62 -43.69 -14.91
C LEU C 34 24.96 -42.62 -15.78
N PRO C 35 23.82 -42.08 -15.35
CA PRO C 35 23.02 -41.23 -16.23
C PRO C 35 23.39 -39.75 -16.18
N VAL C 36 24.59 -39.45 -15.67
CA VAL C 36 24.95 -38.07 -15.35
C VAL C 36 24.87 -37.18 -16.58
N THR C 37 25.31 -37.68 -17.74
CA THR C 37 25.37 -36.83 -18.93
C THR C 37 23.97 -36.57 -19.47
N SER C 38 23.15 -35.86 -18.70
CA SER C 38 21.76 -35.61 -19.09
C SER C 38 21.32 -34.20 -18.73
N GLY C 39 22.24 -33.26 -18.55
CA GLY C 39 21.90 -31.91 -18.15
C GLY C 39 22.70 -30.88 -18.92
N ASP C 40 22.44 -29.61 -18.59
CA ASP C 40 23.11 -28.48 -19.23
C ASP C 40 24.21 -27.87 -18.38
N TYR C 41 24.43 -28.40 -17.18
CA TYR C 41 25.46 -27.85 -16.30
C TYR C 41 26.83 -28.41 -16.68
N ALA C 42 27.19 -28.29 -17.96
CA ALA C 42 28.46 -28.78 -18.47
C ALA C 42 29.40 -27.61 -18.70
N ILE C 43 30.62 -27.72 -18.19
CA ILE C 43 31.60 -26.64 -18.28
C ILE C 43 32.59 -27.01 -19.38
N PRO C 44 32.57 -26.33 -20.53
CA PRO C 44 33.53 -26.65 -21.59
C PRO C 44 34.96 -26.38 -21.15
N VAL C 45 35.87 -27.24 -21.60
CA VAL C 45 37.28 -27.07 -21.26
C VAL C 45 37.85 -25.94 -22.11
N THR C 46 38.54 -25.01 -21.45
CA THR C 46 39.10 -23.85 -22.13
C THR C 46 40.42 -23.48 -21.47
N ASN C 47 41.37 -23.04 -22.28
CA ASN C 47 42.69 -22.66 -21.79
C ASN C 47 42.59 -21.42 -20.90
N GLY C 48 43.73 -21.09 -20.28
CA GLY C 48 43.79 -19.96 -19.36
C GLY C 48 44.33 -18.70 -19.98
N SER C 49 45.42 -18.18 -19.40
CA SER C 49 46.07 -16.95 -19.86
C SER C 49 45.12 -15.76 -19.79
N GLY C 50 44.20 -15.79 -18.84
CA GLY C 50 43.25 -14.71 -18.66
C GLY C 50 43.40 -14.08 -17.28
N ALA C 51 43.11 -12.79 -17.23
CA ALA C 51 43.21 -12.04 -15.97
C ALA C 51 42.09 -12.46 -15.04
N VAL C 52 42.44 -13.15 -13.96
CA VAL C 52 41.48 -13.65 -12.99
C VAL C 52 41.61 -12.82 -11.71
N GLY C 53 40.66 -13.02 -10.81
CA GLY C 53 40.65 -12.26 -9.58
C GLY C 53 40.46 -10.79 -9.85
N LYS C 54 41.04 -9.97 -8.98
CA LYS C 54 41.00 -8.52 -9.18
C LYS C 54 41.90 -8.06 -10.31
N ALA C 55 42.75 -8.95 -10.85
CA ALA C 55 43.63 -8.55 -11.94
C ALA C 55 42.87 -8.16 -13.19
N LEU C 56 41.64 -8.64 -13.36
CA LEU C 56 40.86 -8.27 -14.53
C LEU C 56 40.41 -6.82 -14.44
N ASP C 57 40.50 -6.12 -15.57
CA ASP C 57 40.15 -4.70 -15.63
C ASP C 57 38.79 -4.50 -16.29
N ILE C 58 37.74 -4.68 -15.48
CA ILE C 58 36.39 -4.39 -15.96
C ILE C 58 36.26 -2.89 -16.18
N ARG C 59 36.03 -2.50 -17.42
CA ARG C 59 35.97 -1.10 -17.82
C ARG C 59 35.42 -1.04 -19.24
N PRO C 60 34.43 -0.19 -19.52
CA PRO C 60 33.78 -0.19 -20.84
C PRO C 60 34.81 -0.15 -21.97
N PRO C 61 34.69 -1.02 -23.00
CA PRO C 61 35.60 -0.98 -24.14
C PRO C 61 35.24 0.26 -24.98
N ALA C 62 35.95 1.37 -24.75
CA ALA C 62 35.68 2.63 -25.49
C ALA C 62 35.66 2.38 -27.00
N GLN C 63 34.58 2.78 -27.67
CA GLN C 63 34.47 2.59 -29.13
C GLN C 63 35.21 3.71 -29.87
N PRO C 64 35.74 3.45 -31.08
CA PRO C 64 36.42 4.46 -31.90
C PRO C 64 35.47 5.61 -32.25
N LEU C 65 35.77 6.78 -31.69
CA LEU C 65 34.94 7.96 -31.91
C LEU C 65 35.67 9.21 -31.44
N THR C 73 36.55 3.90 -36.59
CA THR C 73 35.67 2.89 -37.15
C THR C 73 36.25 1.49 -36.99
N GLN C 74 37.15 1.11 -37.89
CA GLN C 74 37.75 -0.21 -37.84
C GLN C 74 38.77 -0.27 -36.72
N PHE C 75 38.50 -1.14 -35.73
CA PHE C 75 39.40 -1.30 -34.60
C PHE C 75 39.54 -2.76 -34.20
N THR C 76 39.48 -3.68 -35.16
CA THR C 76 39.60 -5.10 -34.88
C THR C 76 40.84 -5.40 -34.04
N GLY C 77 42.01 -5.08 -34.58
CA GLY C 77 43.24 -5.17 -33.82
C GLY C 77 43.66 -3.79 -33.33
N ASP C 78 44.84 -3.35 -33.77
CA ASP C 78 45.28 -1.98 -33.52
C ASP C 78 44.86 -1.03 -34.64
N THR C 79 43.86 -1.41 -35.42
CA THR C 79 43.48 -0.66 -36.62
C THR C 79 43.05 0.76 -36.25
N ALA C 80 43.62 1.73 -36.98
CA ALA C 80 43.29 3.14 -36.76
C ALA C 80 43.19 3.89 -38.09
N SER C 81 42.73 3.20 -39.14
CA SER C 81 42.59 3.84 -40.48
C SER C 81 41.50 4.92 -40.42
N LEU C 82 41.55 5.90 -41.33
CA LEU C 82 40.54 6.99 -41.35
C LEU C 82 39.52 6.72 -42.46
N LEU C 83 38.24 6.57 -42.09
CA LEU C 83 37.17 6.34 -43.09
C LEU C 83 36.00 7.29 -42.81
N GLU C 85 33.88 11.01 -44.98
CA GLU C 85 33.65 11.76 -46.24
C GLU C 85 34.39 13.09 -46.17
N ASN C 86 35.46 13.26 -46.95
CA ASN C 86 36.24 14.53 -46.95
C ASN C 86 36.95 14.70 -48.30
N GLY C 87 37.00 15.93 -48.82
CA GLY C 87 37.70 16.20 -50.09
C GLY C 87 39.14 16.61 -49.83
N ARG C 88 39.35 17.77 -49.21
CA ARG C 88 40.73 18.20 -48.84
C ARG C 88 41.20 17.35 -47.66
N GLY C 89 40.81 16.07 -47.64
CA GLY C 89 41.17 15.18 -46.55
C GLY C 89 42.64 15.23 -46.17
N ASN C 90 43.48 15.81 -47.02
CA ASN C 90 44.88 15.98 -46.68
C ASN C 90 45.07 16.99 -45.55
N THR C 91 44.05 17.78 -45.23
CA THR C 91 44.14 18.78 -44.18
C THR C 91 44.28 18.19 -42.79
N LEU C 92 44.06 16.88 -42.64
CA LEU C 92 44.27 16.25 -41.33
C LEU C 92 45.74 16.22 -40.95
N TRP C 93 46.64 16.07 -41.93
CA TRP C 93 48.07 16.05 -41.62
C TRP C 93 48.55 17.36 -41.02
N PRO C 94 48.26 18.54 -41.58
CA PRO C 94 48.55 19.78 -40.85
C PRO C 94 47.79 19.88 -39.54
N GLN C 95 46.56 19.36 -39.50
CA GLN C 95 45.86 19.25 -38.23
C GLN C 95 46.61 18.33 -37.27
N VAL C 96 47.11 17.21 -37.78
CA VAL C 96 47.95 16.33 -36.97
C VAL C 96 49.21 17.07 -36.52
N VAL C 97 49.75 17.92 -37.39
CA VAL C 97 50.86 18.78 -37.00
C VAL C 97 50.42 19.71 -35.88
N SER C 98 49.21 20.26 -35.99
CA SER C 98 48.64 21.01 -34.88
C SER C 98 48.43 20.12 -33.67
N VAL C 99 47.98 18.88 -33.89
CA VAL C 99 47.90 17.91 -32.80
C VAL C 99 49.27 17.66 -32.21
N LEU C 100 50.27 17.51 -33.09
CA LEU C 100 51.66 17.27 -32.63
C LEU C 100 52.23 18.58 -32.06
N GLN C 101 51.50 19.69 -32.27
CA GLN C 101 51.95 21.01 -31.74
C GLN C 101 51.54 21.10 -30.27
N ALA C 102 51.21 22.31 -29.79
CA ALA C 102 50.88 22.50 -28.36
C ALA C 102 49.83 21.47 -27.93
N LYS C 103 49.02 20.97 -28.87
CA LYS C 103 47.94 20.02 -28.53
C LYS C 103 48.53 18.85 -27.73
N ASN C 104 49.65 18.29 -28.18
CA ASN C 104 50.32 17.18 -27.43
C ASN C 104 51.78 17.56 -27.18
N TYR C 105 52.26 18.66 -27.78
CA TYR C 105 53.68 19.07 -27.62
C TYR C 105 54.57 17.88 -27.96
N THR C 106 54.29 17.18 -29.06
CA THR C 106 55.07 15.97 -29.43
C THR C 106 55.06 15.76 -30.95
N ILE C 107 56.14 16.13 -31.64
CA ILE C 107 56.24 15.89 -33.10
C ILE C 107 56.46 14.39 -33.35
N THR C 108 55.71 13.80 -34.28
CA THR C 108 55.86 12.39 -34.60
C THR C 108 57.34 12.01 -34.67
N GLN C 109 57.65 10.78 -34.25
CA GLN C 109 59.03 10.31 -34.28
C GLN C 109 59.58 10.32 -35.69
N ARG C 110 58.81 9.80 -36.64
CA ARG C 110 59.15 9.86 -38.07
C ARG C 110 58.01 10.60 -38.75
N ASP C 111 58.10 11.93 -38.76
CA ASP C 111 57.06 12.78 -39.34
C ASP C 111 57.26 12.94 -40.85
N ASP C 112 57.25 11.80 -41.55
CA ASP C 112 57.43 11.78 -42.99
C ASP C 112 56.13 12.23 -43.67
N ALA C 113 55.87 13.54 -43.56
CA ALA C 113 54.64 14.10 -44.11
C ALA C 113 54.59 13.99 -45.63
N GLY C 114 55.75 13.96 -46.28
CA GLY C 114 55.76 13.77 -47.73
C GLY C 114 55.17 12.44 -48.14
N GLN C 115 55.55 11.38 -47.44
CA GLN C 115 54.91 10.07 -47.59
C GLN C 115 53.71 9.91 -46.68
N THR C 116 53.40 10.92 -45.87
CA THR C 116 52.27 10.94 -44.94
C THR C 116 52.35 9.80 -43.92
N LEU C 117 53.54 9.24 -43.72
CA LEU C 117 53.74 8.18 -42.73
C LEU C 117 54.31 8.79 -41.45
N THR C 118 53.47 9.59 -40.78
CA THR C 118 53.87 10.32 -39.58
C THR C 118 53.71 9.41 -38.37
N THR C 119 54.67 8.50 -38.21
CA THR C 119 54.69 7.62 -37.05
C THR C 119 55.20 8.38 -35.84
N ASP C 120 54.44 8.31 -34.74
CA ASP C 120 54.74 9.09 -33.55
C ASP C 120 55.78 8.37 -32.69
N TRP C 121 56.05 8.94 -31.52
CA TRP C 121 56.99 8.37 -30.56
C TRP C 121 56.26 8.00 -29.28
N VAL C 122 56.82 7.03 -28.56
CA VAL C 122 56.22 6.59 -27.31
C VAL C 122 56.22 7.72 -26.31
N GLN C 123 55.11 7.87 -25.59
CA GLN C 123 54.92 8.96 -24.63
C GLN C 123 54.57 8.37 -23.26
N TRP C 124 54.18 9.26 -22.34
CA TRP C 124 53.80 8.88 -20.99
C TRP C 124 52.55 9.61 -20.55
N ASN C 125 51.55 9.68 -21.44
CA ASN C 125 50.29 10.33 -21.10
C ASN C 125 49.59 9.54 -19.99
N ARG C 126 48.89 10.26 -19.12
CA ARG C 126 48.26 9.68 -17.95
C ARG C 126 46.79 10.06 -17.89
N LEU C 127 46.00 9.14 -17.34
CA LEU C 127 44.58 9.38 -17.10
C LEU C 127 44.16 8.82 -15.74
N ASP C 128 45.11 8.73 -14.81
CA ASP C 128 44.87 8.24 -13.44
C ASP C 128 44.39 6.80 -13.52
N GLU C 129 43.22 6.45 -12.98
CA GLU C 129 42.72 5.08 -12.96
C GLU C 129 43.73 4.14 -12.30
N ASP C 130 44.37 4.61 -11.23
CA ASP C 130 45.40 3.87 -10.51
C ASP C 130 46.56 3.49 -11.42
N GLU C 131 46.70 4.17 -12.55
CA GLU C 131 47.80 3.97 -13.49
C GLU C 131 48.66 5.22 -13.52
N GLN C 132 49.96 5.04 -13.37
CA GLN C 132 50.88 6.17 -13.38
C GLN C 132 50.82 6.91 -14.71
N TYR C 133 51.15 6.22 -15.80
CA TYR C 133 51.09 6.81 -17.13
C TYR C 133 50.85 5.70 -18.14
N ARG C 134 50.34 6.09 -19.32
CA ARG C 134 50.08 5.13 -20.38
C ARG C 134 50.23 5.88 -21.72
N GLY C 135 51.40 5.74 -22.33
CA GLY C 135 51.66 6.37 -23.60
C GLY C 135 52.42 5.43 -24.52
N ARG C 136 52.17 5.58 -25.82
CA ARG C 136 52.80 4.72 -26.81
C ARG C 136 52.88 5.46 -28.14
N TYR C 137 53.74 4.96 -29.02
CA TYR C 137 53.94 5.54 -30.34
C TYR C 137 52.82 5.08 -31.26
N GLN C 138 51.78 5.91 -31.38
CA GLN C 138 50.67 5.64 -32.28
C GLN C 138 51.11 5.97 -33.69
N ILE C 139 51.73 4.99 -34.35
CA ILE C 139 52.23 5.21 -35.70
C ILE C 139 51.08 5.51 -36.65
N SER C 140 51.26 6.51 -37.51
CA SER C 140 50.23 6.95 -38.43
C SER C 140 50.77 7.00 -39.85
N VAL C 141 49.95 6.52 -40.78
CA VAL C 141 50.23 6.59 -42.21
C VAL C 141 48.92 6.89 -42.93
N LYS C 142 48.98 7.69 -43.99
CA LYS C 142 47.79 8.18 -44.67
C LYS C 142 47.72 7.61 -46.09
N PRO C 143 47.03 6.49 -46.28
CA PRO C 143 46.79 5.99 -47.65
C PRO C 143 45.57 6.62 -48.27
N GLN C 144 45.18 6.16 -49.47
CA GLN C 144 43.98 6.62 -50.15
C GLN C 144 42.99 5.46 -50.18
N GLY C 145 42.19 5.33 -49.14
CA GLY C 145 41.22 4.26 -49.04
C GLY C 145 39.89 4.77 -48.53
N TYR C 146 38.84 4.06 -48.94
CA TYR C 146 37.46 4.38 -48.56
C TYR C 146 37.02 5.72 -49.13
N GLN C 147 35.89 6.24 -48.65
CA GLN C 147 35.35 7.49 -49.18
C GLN C 147 36.26 8.67 -48.86
N GLN C 148 36.63 8.81 -47.59
CA GLN C 148 37.46 9.92 -47.14
C GLN C 148 38.94 9.54 -47.27
N ALA C 149 39.79 10.56 -47.15
CA ALA C 149 41.23 10.34 -47.22
C ALA C 149 41.67 9.47 -46.04
N VAL C 150 42.14 8.26 -46.34
CA VAL C 150 42.49 7.30 -45.30
C VAL C 150 43.74 7.78 -44.55
N THR C 151 43.79 7.46 -43.25
CA THR C 151 44.95 7.77 -42.43
C THR C 151 44.99 6.76 -41.29
N VAL C 152 46.04 5.94 -41.27
CA VAL C 152 46.14 4.89 -40.27
C VAL C 152 46.53 5.48 -38.92
N LYS C 153 46.21 4.75 -37.84
CA LYS C 153 46.62 5.09 -36.49
C LYS C 153 47.13 3.86 -35.76
N LEU C 154 47.70 2.90 -36.49
CA LEU C 154 48.20 1.66 -35.93
C LEU C 154 49.28 1.95 -34.89
N LEU C 155 48.98 1.68 -33.62
CA LEU C 155 49.92 1.98 -32.56
C LEU C 155 51.02 0.91 -32.50
N ASN C 156 52.12 1.26 -31.84
CA ASN C 156 53.20 0.32 -31.59
C ASN C 156 52.94 -0.35 -30.23
N LEU C 157 53.96 -1.04 -29.71
CA LEU C 157 53.85 -1.67 -28.41
C LEU C 157 53.54 -0.62 -27.34
N GLU C 158 52.55 -0.92 -26.50
CA GLU C 158 52.11 0.01 -25.47
C GLU C 158 52.94 -0.19 -24.21
N GLN C 159 53.38 0.92 -23.62
CA GLN C 159 54.29 0.88 -22.49
C GLN C 159 53.55 0.91 -21.15
N ALA C 160 52.79 1.97 -20.89
CA ALA C 160 52.10 2.17 -19.62
C ALA C 160 53.14 2.15 -18.50
N GLY C 161 52.77 1.62 -17.33
CA GLY C 161 53.76 1.42 -16.28
C GLY C 161 54.66 0.23 -16.54
N LYS C 162 54.21 -0.70 -17.36
CA LYS C 162 55.00 -1.87 -17.70
C LYS C 162 56.12 -1.51 -18.67
N PRO C 163 57.16 -2.35 -18.76
CA PRO C 163 58.17 -2.13 -19.81
C PRO C 163 57.57 -2.33 -21.19
N VAL C 164 56.90 -3.46 -21.39
CA VAL C 164 56.17 -3.74 -22.63
C VAL C 164 55.04 -4.70 -22.30
N ALA C 165 53.87 -4.44 -22.87
CA ALA C 165 52.68 -5.26 -22.63
C ALA C 165 51.62 -4.87 -23.64
N ASP C 166 50.68 -5.78 -23.88
CA ASP C 166 49.59 -5.50 -24.81
C ASP C 166 48.41 -6.41 -24.48
N ALA C 167 47.20 -5.85 -24.62
CA ALA C 167 45.97 -6.60 -24.45
C ALA C 167 44.90 -5.99 -25.32
N ALA C 168 43.85 -6.76 -25.58
CA ALA C 168 42.79 -6.30 -26.48
C ALA C 168 42.17 -5.01 -25.99
N SER C 169 41.84 -4.94 -24.70
CA SER C 169 41.37 -3.68 -24.13
C SER C 169 42.51 -2.69 -23.98
N MET C 170 43.70 -3.18 -23.57
CA MET C 170 44.82 -2.28 -23.35
C MET C 170 45.25 -1.60 -24.64
N GLN C 171 45.33 -2.33 -25.74
CA GLN C 171 45.66 -1.70 -27.01
C GLN C 171 44.59 -0.71 -27.42
N ARG C 172 43.34 -0.96 -27.04
CA ARG C 172 42.27 0.00 -27.33
C ARG C 172 42.45 1.28 -26.54
N TYR C 173 43.04 1.19 -25.35
CA TYR C 173 43.26 2.39 -24.53
C TYR C 173 44.19 3.36 -25.25
N SER C 174 45.35 2.88 -25.69
CA SER C 174 46.27 3.74 -26.44
C SER C 174 45.65 4.17 -27.76
N THR C 175 44.95 3.26 -28.44
CA THR C 175 44.29 3.61 -29.69
C THR C 175 43.14 4.59 -29.44
N GLU C 176 42.53 4.55 -28.25
CA GLU C 176 41.49 5.52 -27.93
C GLU C 176 42.03 6.94 -27.96
N MET C 177 43.26 7.14 -27.49
CA MET C 177 43.87 8.46 -27.53
C MET C 177 44.01 8.95 -28.96
N MET C 178 44.47 8.08 -29.86
CA MET C 178 44.51 8.45 -31.27
C MET C 178 43.11 8.53 -31.87
N ASN C 179 42.17 7.73 -31.36
CA ASN C 179 40.82 7.73 -31.90
C ASN C 179 40.10 9.03 -31.59
N VAL C 180 40.13 9.46 -30.32
CA VAL C 180 39.36 10.63 -29.92
C VAL C 180 39.95 11.90 -30.51
N ILE C 181 41.28 12.02 -30.53
CA ILE C 181 41.91 13.24 -31.01
C ILE C 181 41.73 13.41 -32.51
N SER C 182 41.91 12.32 -33.26
CA SER C 182 41.71 12.38 -34.70
C SER C 182 40.28 12.74 -35.05
N ALA C 183 39.32 12.18 -34.32
CA ALA C 183 37.92 12.53 -34.52
C ALA C 183 37.60 13.96 -34.12
N GLY C 184 38.44 14.57 -33.28
CA GLY C 184 38.22 15.95 -32.90
C GLY C 184 38.36 16.90 -34.07
N LEU C 185 39.15 16.53 -35.06
CA LEU C 185 39.38 17.39 -36.22
C LEU C 185 38.10 17.62 -37.03
N ASP C 186 37.09 16.78 -36.85
CA ASP C 186 35.83 16.94 -37.56
C ASP C 186 35.07 18.16 -37.05
N PRO D 9 21.83 22.26 -19.29
CA PRO D 9 21.44 22.69 -20.64
C PRO D 9 22.20 21.94 -21.73
N ASP D 10 21.70 21.99 -22.96
CA ASP D 10 22.30 21.30 -24.08
C ASP D 10 23.43 22.14 -24.67
N ASN D 11 24.39 21.45 -25.29
CA ASN D 11 25.56 22.08 -25.89
C ASN D 11 26.24 21.04 -26.77
N PRO D 12 27.32 21.38 -27.49
CA PRO D 12 28.03 20.36 -28.25
C PRO D 12 28.51 19.24 -27.35
N PRO D 13 28.46 18.00 -27.84
CA PRO D 13 28.76 16.84 -26.97
C PRO D 13 30.19 16.80 -26.43
N ASN D 14 31.10 17.61 -26.97
CA ASN D 14 32.51 17.54 -26.55
C ASN D 14 32.65 17.75 -25.05
N GLU D 15 32.21 18.90 -24.54
CA GLU D 15 32.44 19.24 -23.14
C GLU D 15 31.69 18.30 -22.20
N ILE D 16 30.43 17.98 -22.53
CA ILE D 16 29.63 17.11 -21.67
C ILE D 16 30.23 15.71 -21.60
N TYR D 17 30.64 15.16 -22.74
CA TYR D 17 31.26 13.85 -22.73
C TYR D 17 32.59 13.87 -21.98
N ALA D 18 33.39 14.92 -22.20
CA ALA D 18 34.68 15.01 -21.52
C ALA D 18 34.49 15.04 -20.01
N THR D 19 33.56 15.88 -19.54
CA THR D 19 33.27 15.92 -18.12
C THR D 19 32.75 14.58 -17.62
N ALA D 20 31.96 13.89 -18.45
CA ALA D 20 31.43 12.60 -18.05
C ALA D 20 32.53 11.58 -17.80
N GLN D 21 33.44 11.42 -18.77
CA GLN D 21 34.54 10.48 -18.54
C GLN D 21 35.48 10.97 -17.46
N GLN D 22 35.62 12.29 -17.28
CA GLN D 22 36.50 12.78 -16.21
C GLN D 22 35.95 12.42 -14.85
N LYS D 23 34.65 12.59 -14.63
CA LYS D 23 34.09 12.24 -13.32
C LYS D 23 33.93 10.73 -13.18
N LEU D 24 33.85 9.98 -14.28
CA LEU D 24 34.03 8.54 -14.18
C LEU D 24 35.42 8.20 -13.65
N GLN D 25 36.44 8.89 -14.17
CA GLN D 25 37.79 8.70 -13.66
C GLN D 25 37.87 9.03 -12.19
N ASP D 26 37.24 10.13 -11.78
CA ASP D 26 37.22 10.48 -10.37
C ASP D 26 36.41 9.50 -9.54
N GLY D 27 35.48 8.78 -10.14
CA GLY D 27 34.69 7.80 -9.43
C GLY D 27 33.43 8.31 -8.79
N ASN D 28 33.03 9.56 -9.07
CA ASN D 28 31.79 10.11 -8.55
C ASN D 28 30.64 9.51 -9.36
N TRP D 29 30.18 8.33 -8.92
CA TRP D 29 29.18 7.59 -9.68
C TRP D 29 27.86 8.35 -9.76
N ARG D 30 27.49 9.06 -8.70
CA ARG D 30 26.22 9.77 -8.70
C ARG D 30 26.17 10.79 -9.84
N GLN D 31 27.05 11.80 -9.79
CA GLN D 31 27.03 12.84 -10.80
C GLN D 31 27.35 12.27 -12.17
N ALA D 32 28.20 11.24 -12.24
CA ALA D 32 28.50 10.60 -13.51
C ALA D 32 27.24 10.03 -14.15
N ILE D 33 26.46 9.27 -13.39
CA ILE D 33 25.28 8.64 -13.95
C ILE D 33 24.21 9.69 -14.27
N THR D 34 24.10 10.72 -13.44
CA THR D 34 23.15 11.80 -13.75
C THR D 34 23.50 12.44 -15.08
N GLN D 35 24.77 12.81 -15.26
CA GLN D 35 25.21 13.41 -16.51
C GLN D 35 24.96 12.47 -17.67
N LEU D 36 25.34 11.20 -17.53
CA LEU D 36 25.21 10.26 -18.65
C LEU D 36 23.76 10.05 -19.03
N GLU D 37 22.87 9.91 -18.04
CA GLU D 37 21.46 9.74 -18.34
C GLU D 37 20.90 10.98 -19.03
N ALA D 38 21.28 12.16 -18.57
CA ALA D 38 20.82 13.39 -19.21
C ALA D 38 21.27 13.45 -20.66
N LEU D 39 22.55 13.14 -20.91
CA LEU D 39 23.07 13.20 -22.27
C LEU D 39 22.41 12.18 -23.16
N ASP D 40 22.20 10.97 -22.64
CA ASP D 40 21.59 9.90 -23.44
C ASP D 40 20.15 10.24 -23.80
N ASN D 41 19.35 10.65 -22.82
CA ASN D 41 17.97 11.01 -23.12
C ASN D 41 17.88 12.30 -23.94
N ARG D 42 18.92 13.13 -23.92
CA ARG D 42 18.93 14.31 -24.77
C ARG D 42 19.18 13.95 -26.22
N TYR D 43 20.11 13.03 -26.47
CA TYR D 43 20.47 12.56 -27.81
C TYR D 43 20.28 11.06 -27.85
N PRO D 44 19.03 10.58 -27.96
CA PRO D 44 18.78 9.13 -27.93
C PRO D 44 19.37 8.38 -29.10
N PHE D 45 19.86 9.06 -30.13
CA PHE D 45 20.46 8.41 -31.29
C PHE D 45 21.73 9.15 -31.72
N GLY D 46 22.56 9.49 -30.73
CA GLY D 46 23.78 10.22 -30.99
C GLY D 46 24.76 9.43 -31.82
N PRO D 47 25.84 10.08 -32.25
CA PRO D 47 26.81 9.38 -33.11
C PRO D 47 27.43 8.16 -32.46
N TYR D 48 27.75 8.24 -31.17
CA TYR D 48 28.35 7.13 -30.45
C TYR D 48 27.73 7.01 -29.05
N SER D 49 26.41 7.08 -28.99
CA SER D 49 25.68 6.90 -27.75
C SER D 49 25.76 5.47 -27.21
N GLN D 50 26.21 4.52 -28.03
CA GLN D 50 26.42 3.17 -27.53
C GLN D 50 27.51 3.14 -26.46
N GLN D 51 28.57 3.93 -26.66
CA GLN D 51 29.57 4.09 -25.60
C GLN D 51 28.93 4.69 -24.35
N VAL D 52 27.98 5.60 -24.53
CA VAL D 52 27.27 6.16 -23.39
C VAL D 52 26.49 5.08 -22.66
N GLN D 53 25.84 4.18 -23.40
CA GLN D 53 25.11 3.10 -22.77
C GLN D 53 26.05 2.15 -22.02
N LEU D 54 27.22 1.87 -22.59
CA LEU D 54 28.20 1.05 -21.89
C LEU D 54 28.64 1.73 -20.59
N ASP D 55 28.85 3.04 -20.65
CA ASP D 55 29.20 3.78 -19.44
C ASP D 55 28.06 3.75 -18.43
N LEU D 56 26.82 3.77 -18.92
CA LEU D 56 25.67 3.59 -18.03
C LEU D 56 25.73 2.25 -17.32
N ILE D 57 26.07 1.19 -18.07
CA ILE D 57 26.20 -0.13 -17.47
C ILE D 57 27.25 -0.11 -16.37
N TYR D 58 28.42 0.45 -16.68
CA TYR D 58 29.49 0.48 -15.70
C TYR D 58 29.09 1.27 -14.46
N ALA D 59 28.42 2.41 -14.66
CA ALA D 59 28.02 3.25 -13.54
C ALA D 59 27.00 2.55 -12.66
N TYR D 60 25.98 1.93 -13.26
CA TYR D 60 25.04 1.15 -12.46
C TYR D 60 25.75 0.05 -11.68
N TYR D 61 26.67 -0.68 -12.32
CA TYR D 61 27.30 -1.78 -11.60
C TYR D 61 28.13 -1.27 -10.43
N LYS D 62 28.92 -0.23 -10.65
CA LYS D 62 29.79 0.24 -9.57
C LYS D 62 29.04 1.03 -8.51
N ASN D 63 27.87 1.57 -8.82
CA ASN D 63 27.11 2.37 -7.88
C ASN D 63 26.16 1.53 -7.03
N ALA D 64 26.16 0.21 -7.20
CA ALA D 64 25.23 -0.67 -6.52
C ALA D 64 23.78 -0.30 -6.85
N ASP D 65 23.50 -0.24 -8.15
CA ASP D 65 22.16 0.05 -8.66
C ASP D 65 21.70 -1.12 -9.50
N LEU D 66 21.87 -2.32 -8.96
CA LEU D 66 21.83 -3.57 -9.73
C LEU D 66 20.57 -3.74 -10.57
N PRO D 67 19.35 -3.50 -10.06
CA PRO D 67 18.17 -3.67 -10.94
C PRO D 67 18.22 -2.81 -12.19
N LEU D 68 18.66 -1.55 -12.07
CA LEU D 68 18.78 -0.71 -13.24
C LEU D 68 19.85 -1.22 -14.17
N ALA D 69 20.94 -1.76 -13.61
CA ALA D 69 21.97 -2.37 -14.44
C ALA D 69 21.41 -3.52 -15.26
N GLN D 70 20.62 -4.39 -14.61
CA GLN D 70 20.02 -5.52 -15.31
C GLN D 70 19.10 -5.05 -16.43
N ALA D 71 18.26 -4.05 -16.11
CA ALA D 71 17.34 -3.52 -17.13
C ALA D 71 18.11 -2.93 -18.31
N ALA D 72 19.20 -2.22 -18.04
CA ALA D 72 19.97 -1.61 -19.12
C ALA D 72 20.70 -2.67 -19.94
N ILE D 73 21.18 -3.73 -19.30
CA ILE D 73 21.72 -4.87 -20.04
C ILE D 73 20.67 -5.42 -21.00
N ASP D 74 19.46 -5.64 -20.51
CA ASP D 74 18.42 -6.21 -21.37
C ASP D 74 18.10 -5.28 -22.52
N ARG D 75 17.99 -3.97 -22.25
CA ARG D 75 17.69 -3.03 -23.32
C ARG D 75 18.80 -3.00 -24.36
N PHE D 76 20.05 -2.97 -23.92
CA PHE D 76 21.16 -2.91 -24.86
C PHE D 76 21.23 -4.18 -25.71
N ILE D 77 21.05 -5.34 -25.08
CA ILE D 77 21.12 -6.58 -25.85
C ILE D 77 19.96 -6.68 -26.82
N ARG D 78 18.79 -6.14 -26.47
CA ARG D 78 17.69 -6.13 -27.42
C ARG D 78 17.98 -5.19 -28.59
N LEU D 79 18.50 -4.00 -28.32
CA LEU D 79 18.75 -3.05 -29.40
C LEU D 79 19.99 -3.41 -30.19
N ASN D 80 20.96 -4.08 -29.59
CA ASN D 80 22.22 -4.43 -30.24
C ASN D 80 22.47 -5.92 -30.08
N PRO D 81 21.77 -6.75 -30.85
CA PRO D 81 22.00 -8.20 -30.76
C PRO D 81 23.39 -8.64 -31.17
N THR D 82 24.02 -7.95 -32.11
CA THR D 82 25.34 -8.32 -32.61
C THR D 82 26.25 -7.11 -32.59
N HIS D 83 27.43 -7.27 -31.98
CA HIS D 83 28.36 -6.16 -31.78
C HIS D 83 29.71 -6.73 -31.35
N PRO D 84 30.83 -6.05 -31.64
CA PRO D 84 32.13 -6.56 -31.20
C PRO D 84 32.34 -6.57 -29.69
N ASN D 85 31.34 -6.22 -28.89
CA ASN D 85 31.52 -6.12 -27.44
C ASN D 85 30.35 -6.72 -26.69
N ILE D 86 29.66 -7.69 -27.29
CA ILE D 86 28.56 -8.36 -26.59
C ILE D 86 29.07 -9.13 -25.38
N ASP D 87 30.27 -9.70 -25.49
CA ASP D 87 30.81 -10.50 -24.40
C ASP D 87 30.94 -9.68 -23.12
N TYR D 88 31.33 -8.42 -23.25
CA TYR D 88 31.41 -7.55 -22.07
C TYR D 88 30.04 -7.38 -21.43
N VAL D 89 29.02 -7.18 -22.25
CA VAL D 89 27.67 -6.97 -21.70
C VAL D 89 27.18 -8.22 -20.98
N MET D 90 27.36 -9.38 -21.60
CA MET D 90 26.90 -10.61 -20.95
C MET D 90 27.69 -10.89 -19.68
N TYR D 91 28.99 -10.63 -19.70
CA TYR D 91 29.80 -10.79 -18.50
C TYR D 91 29.32 -9.85 -17.40
N MET D 92 28.94 -8.63 -17.76
CA MET D 92 28.41 -7.72 -16.75
C MET D 92 27.06 -8.16 -16.22
N ARG D 93 26.22 -8.75 -17.07
CA ARG D 93 24.96 -9.29 -16.57
C ARG D 93 25.20 -10.40 -15.55
N GLY D 94 26.11 -11.31 -15.87
CA GLY D 94 26.47 -12.35 -14.92
C GLY D 94 27.05 -11.79 -13.63
N LEU D 95 27.89 -10.76 -13.75
CA LEU D 95 28.44 -10.12 -12.57
C LEU D 95 27.34 -9.47 -11.74
N THR D 96 26.36 -8.87 -12.39
CA THR D 96 25.23 -8.28 -11.67
C THR D 96 24.52 -9.32 -10.84
N ASN D 97 24.18 -10.46 -11.47
CA ASN D 97 23.50 -11.52 -10.72
C ASN D 97 24.38 -12.03 -9.58
N MET D 98 25.66 -12.24 -9.85
CA MET D 98 26.59 -12.71 -8.82
C MET D 98 26.59 -11.77 -7.62
N ALA D 99 26.79 -10.47 -7.88
CA ALA D 99 26.88 -9.49 -6.81
C ALA D 99 25.57 -9.38 -6.04
N LEU D 100 24.44 -9.49 -6.75
CA LEU D 100 23.17 -9.47 -6.04
C LEU D 100 23.04 -10.66 -5.12
N ASP D 101 23.57 -11.82 -5.51
CA ASP D 101 23.47 -13.01 -4.69
C ASP D 101 24.18 -12.87 -3.35
N ASP D 102 25.50 -12.70 -3.36
CA ASP D 102 26.32 -12.89 -2.17
C ASP D 102 26.85 -11.55 -1.66
N SER D 103 26.06 -10.92 -0.80
CA SER D 103 26.53 -9.79 0.00
C SER D 103 25.55 -9.50 1.12
N ALA D 104 26.00 -9.54 2.37
CA ALA D 104 25.17 -9.24 3.54
C ALA D 104 26.06 -9.19 4.77
N LEU D 105 25.43 -9.08 5.94
CA LEU D 105 26.14 -9.12 7.20
C LEU D 105 26.73 -10.51 7.48
N GLN D 106 26.14 -11.57 6.92
CA GLN D 106 26.78 -12.88 7.01
C GLN D 106 28.17 -12.85 6.40
N GLY D 107 28.41 -11.93 5.47
CA GLY D 107 29.77 -11.71 5.01
C GLY D 107 30.69 -11.28 6.13
N PHE D 108 30.18 -10.46 7.04
CA PHE D 108 30.99 -10.06 8.20
C PHE D 108 31.14 -11.20 9.19
N PHE D 109 30.04 -11.91 9.48
CA PHE D 109 30.08 -13.02 10.43
C PHE D 109 30.51 -14.34 9.80
N GLY D 110 30.74 -14.37 8.50
CA GLY D 110 31.21 -15.59 7.86
C GLY D 110 30.26 -16.77 8.02
N VAL D 111 29.04 -16.62 7.52
CA VAL D 111 28.05 -17.69 7.52
C VAL D 111 27.84 -18.13 6.08
N ASP D 112 27.98 -19.43 5.84
CA ASP D 112 27.94 -19.96 4.48
C ASP D 112 26.55 -19.78 3.91
N ARG D 113 26.38 -18.78 3.05
CA ARG D 113 25.10 -18.58 2.39
C ARG D 113 24.94 -19.66 1.32
N SER D 114 24.81 -20.91 1.76
CA SER D 114 24.73 -22.05 0.85
C SER D 114 23.32 -22.61 0.74
N ASP D 115 22.59 -22.68 1.83
CA ASP D 115 21.23 -23.19 1.83
C ASP D 115 20.19 -22.09 1.75
N ARG D 116 20.57 -20.93 1.24
CA ARG D 116 19.63 -19.83 1.03
C ARG D 116 19.01 -19.98 -0.35
N ASP D 117 18.32 -18.94 -0.81
CA ASP D 117 17.70 -18.99 -2.13
C ASP D 117 18.77 -19.10 -3.21
N PRO D 118 18.71 -20.09 -4.10
CA PRO D 118 19.72 -20.23 -5.15
C PRO D 118 19.35 -19.60 -6.48
N GLN D 119 18.18 -18.97 -6.59
CA GLN D 119 17.69 -18.51 -7.90
C GLN D 119 18.69 -17.60 -8.59
N HIS D 120 19.22 -16.62 -7.86
CA HIS D 120 20.16 -15.68 -8.47
C HIS D 120 21.42 -16.39 -8.94
N ALA D 121 21.93 -17.33 -8.16
CA ALA D 121 23.07 -18.11 -8.59
C ALA D 121 22.74 -18.90 -9.86
N ARG D 122 21.53 -19.43 -9.94
CA ARG D 122 21.14 -20.18 -11.14
C ARG D 122 21.14 -19.29 -12.37
N ALA D 123 20.57 -18.09 -12.25
CA ALA D 123 20.56 -17.18 -13.40
C ALA D 123 21.98 -16.78 -13.79
N ALA D 124 22.83 -16.51 -12.79
CA ALA D 124 24.21 -16.14 -13.09
C ALA D 124 24.94 -17.27 -13.79
N PHE D 125 24.73 -18.52 -13.34
CA PHE D 125 25.35 -19.65 -13.99
C PHE D 125 24.86 -19.77 -15.43
N SER D 126 23.57 -19.55 -15.66
CA SER D 126 23.06 -19.61 -17.02
C SER D 126 23.72 -18.59 -17.91
N ASP D 127 23.87 -17.36 -17.42
CA ASP D 127 24.45 -16.31 -18.25
C ASP D 127 25.93 -16.55 -18.51
N PHE D 128 26.69 -16.94 -17.48
CA PHE D 128 28.09 -17.29 -17.69
C PHE D 128 28.25 -18.47 -18.63
N SER D 129 27.37 -19.46 -18.52
CA SER D 129 27.43 -20.59 -19.45
C SER D 129 27.19 -20.13 -20.88
N LYS D 130 26.22 -19.24 -21.07
CA LYS D 130 25.99 -18.69 -22.40
C LYS D 130 27.24 -17.98 -22.91
N LEU D 131 27.88 -17.20 -22.06
CA LEU D 131 29.09 -16.48 -22.48
C LEU D 131 30.20 -17.44 -22.87
N VAL D 132 30.51 -18.40 -22.01
CA VAL D 132 31.63 -19.28 -22.26
C VAL D 132 31.37 -20.16 -23.47
N ARG D 133 30.12 -20.58 -23.69
CA ARG D 133 29.80 -21.30 -24.91
C ARG D 133 29.94 -20.40 -26.13
N GLY D 134 29.58 -19.12 -26.01
CA GLY D 134 29.63 -18.21 -27.12
C GLY D 134 31.01 -17.90 -27.66
N TYR D 135 31.84 -17.25 -26.86
CA TYR D 135 33.11 -16.69 -27.33
C TYR D 135 34.24 -17.16 -26.43
N PRO D 136 34.69 -18.41 -26.60
CA PRO D 136 35.84 -18.88 -25.82
C PRO D 136 37.13 -18.15 -26.14
N ASN D 137 37.20 -17.45 -27.27
CA ASN D 137 38.39 -16.73 -27.68
C ASN D 137 38.48 -15.33 -27.08
N SER D 138 37.53 -14.94 -26.24
CA SER D 138 37.57 -13.64 -25.60
C SER D 138 38.56 -13.67 -24.44
N GLN D 139 38.57 -12.62 -23.63
CA GLN D 139 39.54 -12.49 -22.54
C GLN D 139 38.94 -12.77 -21.17
N TYR D 140 37.62 -12.84 -21.05
CA TYR D 140 36.97 -13.07 -19.76
C TYR D 140 36.67 -14.54 -19.49
N THR D 141 37.08 -15.44 -20.39
CA THR D 141 36.61 -16.82 -20.32
C THR D 141 37.15 -17.54 -19.08
N THR D 142 38.39 -17.26 -18.70
CA THR D 142 38.99 -17.98 -17.57
C THR D 142 38.30 -17.62 -16.25
N ASP D 143 38.15 -16.33 -15.98
CA ASP D 143 37.43 -15.91 -14.78
C ASP D 143 36.00 -16.41 -14.81
N ALA D 144 35.37 -16.36 -15.99
CA ALA D 144 34.03 -16.90 -16.13
C ALA D 144 33.99 -18.36 -15.71
N THR D 145 34.93 -19.17 -16.20
CA THR D 145 34.93 -20.60 -15.87
C THR D 145 35.13 -20.82 -14.38
N LYS D 146 35.99 -20.03 -13.75
CA LYS D 146 36.15 -20.14 -12.31
C LYS D 146 34.82 -19.86 -11.61
N ARG D 147 34.10 -18.84 -12.06
CA ARG D 147 32.79 -18.55 -11.49
C ARG D 147 31.81 -19.69 -11.75
N LEU D 148 31.88 -20.30 -12.92
CA LEU D 148 31.05 -21.47 -13.20
C LEU D 148 31.29 -22.55 -12.16
N VAL D 149 32.56 -22.84 -11.88
CA VAL D 149 32.88 -23.89 -10.92
C VAL D 149 32.31 -23.55 -9.55
N PHE D 150 32.52 -22.30 -9.11
CA PHE D 150 32.02 -21.90 -7.80
C PHE D 150 30.51 -22.02 -7.72
N LEU D 151 29.81 -21.54 -8.75
CA LEU D 151 28.35 -21.57 -8.75
C LEU D 151 27.83 -22.99 -8.74
N LYS D 152 28.43 -23.87 -9.54
CA LYS D 152 27.96 -25.24 -9.59
C LYS D 152 28.14 -25.92 -8.24
N ASP D 153 29.29 -25.67 -7.60
CA ASP D 153 29.49 -26.22 -6.25
C ASP D 153 28.43 -25.69 -5.29
N ARG D 154 28.10 -24.40 -5.43
CA ARG D 154 27.10 -23.79 -4.56
C ARG D 154 25.73 -24.46 -4.72
N LEU D 155 25.30 -24.64 -5.97
CA LEU D 155 24.02 -25.29 -6.20
C LEU D 155 24.01 -26.71 -5.65
N ALA D 156 25.11 -27.43 -5.84
CA ALA D 156 25.20 -28.78 -5.31
C ALA D 156 25.06 -28.77 -3.79
N LYS D 157 25.70 -27.79 -3.13
CA LYS D 157 25.58 -27.68 -1.68
C LYS D 157 24.14 -27.43 -1.25
N TYR D 158 23.44 -26.57 -1.98
CA TYR D 158 22.04 -26.29 -1.64
C TYR D 158 21.19 -27.56 -1.72
N GLU D 159 21.32 -28.29 -2.82
CA GLU D 159 20.54 -29.52 -2.97
C GLU D 159 20.94 -30.54 -1.90
N TYR D 160 22.22 -30.60 -1.56
CA TYR D 160 22.67 -31.48 -0.48
C TYR D 160 21.98 -31.13 0.83
N SER D 161 21.89 -29.83 1.15
CA SER D 161 21.26 -29.43 2.39
C SER D 161 19.78 -29.82 2.40
N VAL D 162 19.09 -29.63 1.27
CA VAL D 162 17.69 -30.02 1.21
C VAL D 162 17.55 -31.53 1.45
N ALA D 163 18.40 -32.32 0.81
CA ALA D 163 18.35 -33.77 0.99
C ALA D 163 18.64 -34.15 2.44
N GLU D 164 19.60 -33.47 3.07
CA GLU D 164 19.92 -33.73 4.46
C GLU D 164 18.71 -33.49 5.35
N TYR D 165 18.02 -32.37 5.14
CA TYR D 165 16.84 -32.12 5.95
C TYR D 165 15.78 -33.20 5.73
N TYR D 166 15.53 -33.54 4.47
CA TYR D 166 14.46 -34.49 4.20
C TYR D 166 14.77 -35.85 4.79
N THR D 167 16.04 -36.24 4.82
CA THR D 167 16.43 -37.44 5.55
C THR D 167 16.16 -37.27 7.04
N GLU D 168 16.50 -36.11 7.60
CA GLU D 168 16.31 -35.89 9.03
C GLU D 168 14.83 -36.03 9.41
N ARG D 169 13.94 -35.57 8.54
CA ARG D 169 12.51 -35.65 8.84
C ARG D 169 12.00 -37.09 8.77
N GLY D 170 12.48 -37.86 7.81
CA GLY D 170 12.00 -39.22 7.61
C GLY D 170 11.32 -39.45 6.28
N ALA D 171 11.15 -38.44 5.44
CA ALA D 171 10.58 -38.63 4.12
C ALA D 171 11.58 -39.34 3.22
N TRP D 172 11.44 -40.66 3.08
CA TRP D 172 12.53 -41.49 2.57
C TRP D 172 12.58 -41.61 1.05
N VAL D 173 11.65 -41.03 0.31
CA VAL D 173 11.71 -41.07 -1.14
C VAL D 173 11.93 -39.69 -1.76
N ALA D 174 11.52 -38.63 -1.09
CA ALA D 174 11.88 -37.29 -1.55
C ALA D 174 13.40 -37.13 -1.55
N VAL D 175 14.06 -37.69 -0.54
CA VAL D 175 15.52 -37.69 -0.53
C VAL D 175 16.06 -38.43 -1.74
N VAL D 176 15.44 -39.55 -2.11
CA VAL D 176 15.90 -40.32 -3.24
C VAL D 176 15.80 -39.50 -4.52
N ASN D 177 14.65 -38.86 -4.74
CA ASN D 177 14.50 -38.02 -5.92
C ASN D 177 15.49 -36.88 -5.93
N ARG D 178 15.68 -36.21 -4.79
CA ARG D 178 16.58 -35.07 -4.72
C ARG D 178 18.01 -35.48 -5.06
N VAL D 179 18.51 -36.54 -4.41
CA VAL D 179 19.89 -36.96 -4.65
C VAL D 179 20.04 -37.55 -6.04
N GLU D 180 18.96 -38.13 -6.60
CA GLU D 180 19.06 -38.65 -7.96
C GLU D 180 19.20 -37.52 -8.96
N GLY D 181 18.41 -36.46 -8.81
CA GLY D 181 18.62 -35.27 -9.62
C GLY D 181 20.00 -34.68 -9.43
N MET D 182 20.47 -34.69 -8.17
CA MET D 182 21.81 -34.20 -7.87
C MET D 182 22.86 -34.96 -8.68
N LEU D 183 22.75 -36.29 -8.71
CA LEU D 183 23.64 -37.08 -9.54
C LEU D 183 23.47 -36.75 -11.02
N ARG D 184 22.23 -36.57 -11.45
CA ARG D 184 21.95 -36.34 -12.87
C ARG D 184 22.45 -35.00 -13.37
N ASP D 185 22.66 -34.02 -12.49
CA ASP D 185 23.10 -32.71 -12.94
C ASP D 185 24.41 -32.22 -12.35
N TYR D 186 24.89 -32.82 -11.26
CA TYR D 186 26.15 -32.42 -10.63
C TYR D 186 27.05 -33.65 -10.50
N PRO D 187 27.59 -34.14 -11.62
CA PRO D 187 28.35 -35.39 -11.58
C PRO D 187 29.73 -35.26 -10.94
N ASP D 188 30.24 -34.06 -10.76
CA ASP D 188 31.64 -33.87 -10.37
C ASP D 188 31.78 -32.92 -9.20
N THR D 189 30.97 -33.11 -8.17
CA THR D 189 31.01 -32.24 -7.00
C THR D 189 31.20 -33.05 -5.74
N GLN D 190 31.60 -32.36 -4.67
CA GLN D 190 31.74 -32.99 -3.37
C GLN D 190 30.39 -33.35 -2.78
N ALA D 191 29.35 -32.57 -3.10
CA ALA D 191 28.04 -32.76 -2.48
C ALA D 191 27.44 -34.11 -2.82
N THR D 192 27.53 -34.53 -4.08
CA THR D 192 27.01 -35.84 -4.46
C THR D 192 27.80 -36.96 -3.80
N ARG D 193 29.12 -36.80 -3.70
CA ARG D 193 29.92 -37.80 -2.99
C ARG D 193 29.49 -37.93 -1.55
N ASP D 194 29.22 -36.82 -0.88
CA ASP D 194 28.76 -36.89 0.49
C ASP D 194 27.31 -37.36 0.60
N ALA D 195 26.52 -37.19 -0.44
CA ALA D 195 25.11 -37.57 -0.41
C ALA D 195 24.86 -39.02 -0.79
N LEU D 196 25.84 -39.68 -1.42
CA LEU D 196 25.70 -41.11 -1.69
C LEU D 196 25.38 -41.92 -0.43
N PRO D 197 26.01 -41.67 0.73
CA PRO D 197 25.56 -42.36 1.95
C PRO D 197 24.09 -42.14 2.25
N LEU D 198 23.55 -40.97 1.89
CA LEU D 198 22.13 -40.73 2.09
C LEU D 198 21.30 -41.67 1.22
N MET D 199 21.74 -41.88 -0.03
CA MET D 199 21.14 -42.91 -0.87
C MET D 199 21.17 -44.27 -0.18
N GLU D 200 22.33 -44.65 0.35
CA GLU D 200 22.46 -45.97 0.98
C GLU D 200 21.48 -46.12 2.12
N ASN D 201 21.44 -45.12 3.02
CA ASN D 201 20.54 -45.19 4.16
C ASN D 201 19.08 -45.21 3.74
N ALA D 202 18.71 -44.36 2.79
CA ALA D 202 17.30 -44.30 2.36
C ALA D 202 16.86 -45.62 1.75
N TYR D 203 17.70 -46.20 0.88
CA TYR D 203 17.35 -47.49 0.31
C TYR D 203 17.30 -48.58 1.38
N ARG D 204 18.15 -48.46 2.40
CA ARG D 204 18.11 -49.43 3.49
C ARG D 204 16.78 -49.35 4.24
N GLN D 205 16.29 -48.14 4.47
CA GLN D 205 15.08 -47.97 5.28
C GLN D 205 13.80 -48.39 4.57
N MET D 206 13.85 -48.68 3.27
CA MET D 206 12.67 -49.08 2.51
C MET D 206 12.52 -50.59 2.39
N GLN D 207 13.36 -51.38 3.05
CA GLN D 207 13.27 -52.85 3.00
C GLN D 207 13.40 -53.37 1.57
N MET D 208 14.15 -52.67 0.72
CA MET D 208 14.34 -53.03 -0.67
C MET D 208 15.81 -52.91 -1.05
N ASN D 209 16.67 -53.55 -0.24
CA ASN D 209 18.12 -53.37 -0.29
C ASN D 209 18.70 -53.59 -1.68
N ALA D 210 17.93 -54.20 -2.59
CA ALA D 210 18.46 -54.61 -3.89
C ALA D 210 19.22 -53.47 -4.57
N GLN D 211 18.68 -52.25 -4.51
CA GLN D 211 19.44 -51.09 -4.95
C GLN D 211 20.49 -50.65 -3.93
N ALA D 212 20.34 -51.03 -2.66
CA ALA D 212 21.30 -50.60 -1.65
C ALA D 212 22.65 -51.26 -1.86
N GLU D 213 22.69 -52.51 -2.31
CA GLU D 213 23.99 -53.09 -2.62
C GLU D 213 24.66 -52.36 -3.78
N LYS D 214 23.88 -51.95 -4.78
CA LYS D 214 24.45 -51.18 -5.89
C LYS D 214 24.98 -49.83 -5.41
N VAL D 215 24.25 -49.18 -4.49
CA VAL D 215 24.71 -47.92 -3.94
C VAL D 215 26.00 -48.12 -3.16
N ALA D 216 26.08 -49.16 -2.34
CA ALA D 216 27.32 -49.47 -1.63
C ALA D 216 28.44 -49.76 -2.61
N LYS D 217 28.12 -50.44 -3.71
CA LYS D 217 29.13 -50.76 -4.72
C LYS D 217 29.72 -49.51 -5.35
N ILE D 218 28.86 -48.57 -5.76
CA ILE D 218 29.37 -47.34 -6.36
C ILE D 218 30.11 -46.50 -5.33
N ILE D 219 29.62 -46.50 -4.08
CA ILE D 219 30.30 -45.76 -3.02
C ILE D 219 31.70 -46.32 -2.81
N ALA D 220 31.83 -47.65 -2.76
CA ALA D 220 33.14 -48.25 -2.57
C ALA D 220 34.04 -48.01 -3.77
N ALA D 221 33.47 -48.03 -4.98
CA ALA D 221 34.27 -47.79 -6.18
C ALA D 221 34.85 -46.39 -6.20
N ASN D 222 34.05 -45.39 -5.85
CA ASN D 222 34.50 -44.00 -5.94
C ASN D 222 35.05 -43.46 -4.63
N SER D 223 35.03 -44.23 -3.55
CA SER D 223 35.55 -43.74 -2.28
C SER D 223 37.07 -43.72 -2.26
N SER D 224 37.71 -44.77 -2.79
CA SER D 224 39.16 -44.90 -2.80
C SER D 224 39.75 -44.78 -1.40
N ARG E 6 8.01 -40.32 21.96
CA ARG E 6 7.26 -40.24 23.20
C ARG E 6 5.79 -39.98 22.92
N VAL E 7 5.32 -38.79 23.32
CA VAL E 7 3.92 -38.42 23.16
C VAL E 7 3.74 -37.19 22.27
N VAL E 8 4.83 -36.49 21.92
CA VAL E 8 4.71 -35.25 21.19
C VAL E 8 4.05 -35.47 19.82
N TYR E 9 3.53 -34.38 19.27
CA TYR E 9 2.74 -34.44 18.04
C TYR E 9 3.65 -34.64 16.84
N ARG E 10 3.68 -35.87 16.31
CA ARG E 10 4.42 -36.13 15.10
C ARG E 10 3.45 -36.14 13.93
N PRO E 11 3.52 -35.17 13.01
CA PRO E 11 2.53 -35.10 11.93
C PRO E 11 2.60 -36.32 11.02
N ASP E 12 1.46 -36.65 10.44
CA ASP E 12 1.38 -37.80 9.55
C ASP E 12 2.24 -37.57 8.31
N ILE E 13 2.76 -38.67 7.76
CA ILE E 13 3.70 -38.63 6.65
C ILE E 13 3.31 -39.69 5.63
N ASN E 14 3.29 -39.30 4.35
CA ASN E 14 3.07 -40.20 3.24
C ASN E 14 4.25 -40.08 2.28
N GLN E 15 4.71 -41.21 1.75
CA GLN E 15 6.01 -41.25 1.10
C GLN E 15 5.98 -42.05 -0.20
N GLY E 16 4.99 -41.82 -1.03
CA GLY E 16 4.99 -42.43 -2.35
C GLY E 16 3.59 -42.56 -2.91
N ASN E 17 3.54 -42.83 -4.22
CA ASN E 17 2.27 -43.02 -4.89
C ASN E 17 1.52 -44.21 -4.29
N TYR E 18 0.25 -44.01 -4.00
CA TYR E 18 -0.53 -45.04 -3.34
C TYR E 18 -1.25 -45.90 -4.37
N LEU E 19 -1.76 -47.03 -3.91
CA LEU E 19 -2.45 -47.98 -4.78
C LEU E 19 -3.36 -48.85 -3.93
N THR E 20 -4.33 -49.48 -4.59
CA THR E 20 -5.30 -50.33 -3.92
C THR E 20 -5.36 -51.68 -4.61
N ALA E 21 -6.24 -52.56 -4.10
CA ALA E 21 -6.35 -53.91 -4.64
C ALA E 21 -6.82 -53.90 -6.10
N ASN E 22 -7.79 -53.04 -6.42
CA ASN E 22 -8.27 -52.95 -7.79
C ASN E 22 -7.16 -52.49 -8.72
N ASP E 23 -6.30 -51.58 -8.25
CA ASP E 23 -5.16 -51.15 -9.05
C ASP E 23 -4.21 -52.30 -9.32
N VAL E 24 -4.00 -53.17 -8.33
CA VAL E 24 -3.13 -54.31 -8.50
C VAL E 24 -3.73 -55.32 -9.48
N SER E 25 -5.04 -55.56 -9.37
CA SER E 25 -5.69 -56.59 -10.18
C SER E 25 -5.63 -56.28 -11.67
N LYS E 26 -5.49 -55.02 -12.05
CA LYS E 26 -5.41 -54.68 -13.46
C LYS E 26 -4.08 -55.08 -14.10
N ILE E 27 -3.11 -55.51 -13.30
CA ILE E 27 -1.76 -55.76 -13.78
C ILE E 27 -1.66 -57.19 -14.30
N ARG E 28 -1.14 -57.34 -15.51
CA ARG E 28 -0.87 -58.64 -16.11
C ARG E 28 0.46 -58.59 -16.83
N VAL E 29 1.20 -59.69 -16.78
CA VAL E 29 2.48 -59.75 -17.47
C VAL E 29 2.27 -59.68 -18.98
N GLY E 30 3.09 -58.89 -19.65
CA GLY E 30 3.01 -58.78 -21.09
C GLY E 30 2.24 -57.57 -21.59
N MET E 31 2.57 -56.39 -21.08
CA MET E 31 2.01 -55.14 -21.58
C MET E 31 3.08 -54.06 -21.62
N THR E 32 2.78 -52.99 -22.36
CA THR E 32 3.74 -51.94 -22.61
C THR E 32 3.78 -50.94 -21.46
N GLN E 33 4.83 -50.12 -21.45
CA GLN E 33 5.02 -49.13 -20.40
C GLN E 33 3.92 -48.07 -20.41
N GLN E 34 3.52 -47.62 -21.60
CA GLN E 34 2.65 -46.44 -21.68
C GLN E 34 1.31 -46.70 -21.01
N GLN E 35 0.63 -47.78 -21.38
CA GLN E 35 -0.72 -47.95 -20.86
C GLN E 35 -0.72 -48.46 -19.42
N VAL E 36 0.32 -49.18 -19.01
CA VAL E 36 0.39 -49.56 -17.60
C VAL E 36 0.65 -48.32 -16.74
N ALA E 37 1.43 -47.36 -17.25
CA ALA E 37 1.57 -46.08 -16.57
C ALA E 37 0.25 -45.34 -16.54
N TYR E 38 -0.52 -45.42 -17.63
CA TYR E 38 -1.87 -44.88 -17.62
C TYR E 38 -2.73 -45.52 -16.53
N ALA E 39 -2.57 -46.82 -16.33
CA ALA E 39 -3.41 -47.53 -15.37
C ALA E 39 -3.00 -47.24 -13.93
N LEU E 40 -1.70 -47.11 -13.66
CA LEU E 40 -1.19 -46.98 -12.31
C LEU E 40 -0.59 -45.62 -12.00
N GLY E 41 -0.66 -44.68 -12.92
CA GLY E 41 -0.02 -43.40 -12.73
C GLY E 41 1.48 -43.47 -12.97
N THR E 42 2.10 -42.30 -13.06
CA THR E 42 3.54 -42.24 -13.31
C THR E 42 4.30 -42.65 -12.06
N PRO E 43 5.20 -43.61 -12.14
CA PRO E 43 5.99 -43.98 -10.96
C PRO E 43 6.85 -42.82 -10.50
N LEU E 44 6.97 -42.69 -9.17
CA LEU E 44 7.76 -41.60 -8.61
C LEU E 44 9.23 -41.97 -8.42
N MET E 45 9.52 -43.21 -8.09
CA MET E 45 10.88 -43.67 -7.86
C MET E 45 11.17 -44.81 -8.84
N SER E 46 12.06 -44.57 -9.79
CA SER E 46 12.49 -45.56 -10.76
C SER E 46 13.95 -45.91 -10.52
N ASP E 47 14.50 -46.75 -11.39
CA ASP E 47 15.89 -47.16 -11.30
C ASP E 47 16.61 -46.85 -12.61
N PRO E 48 17.32 -45.72 -12.70
CA PRO E 48 18.18 -45.47 -13.86
C PRO E 48 19.53 -46.15 -13.77
N PHE E 49 19.75 -46.95 -12.73
CA PHE E 49 21.02 -47.65 -12.52
C PHE E 49 20.86 -49.09 -13.01
N GLY E 50 21.69 -49.49 -13.95
CA GLY E 50 21.56 -50.82 -14.52
C GLY E 50 20.24 -50.95 -15.26
N THR E 51 19.44 -51.93 -14.83
CA THR E 51 18.15 -52.15 -15.46
C THR E 51 17.19 -50.99 -15.18
N ASN E 52 16.25 -50.80 -16.10
CA ASN E 52 15.24 -49.75 -15.97
C ASN E 52 13.95 -50.26 -15.33
N THR E 53 14.08 -50.91 -14.17
CA THR E 53 12.91 -51.41 -13.48
C THR E 53 12.16 -50.27 -12.78
N TRP E 54 10.91 -50.55 -12.42
CA TRP E 54 10.03 -49.58 -11.80
C TRP E 54 9.64 -50.03 -10.40
N PHE E 55 9.45 -49.06 -9.52
CA PHE E 55 8.99 -49.31 -8.16
C PHE E 55 7.71 -48.53 -7.90
N TYR E 56 6.82 -49.13 -7.11
CA TYR E 56 5.61 -48.46 -6.63
C TYR E 56 5.55 -48.71 -5.12
N VAL E 57 5.93 -47.71 -4.35
CA VAL E 57 6.01 -47.82 -2.90
C VAL E 57 4.84 -47.05 -2.30
N PHE E 58 4.12 -47.71 -1.39
CA PHE E 58 3.06 -47.07 -0.61
C PHE E 58 3.48 -47.10 0.84
N ARG E 59 3.61 -45.93 1.44
CA ARG E 59 4.07 -45.80 2.82
C ARG E 59 3.14 -44.89 3.59
N GLN E 60 2.83 -45.27 4.83
CA GLN E 60 1.95 -44.47 5.68
C GLN E 60 2.40 -44.61 7.12
N GLN E 61 2.71 -43.47 7.76
CA GLN E 61 3.18 -43.42 9.14
C GLN E 61 2.32 -42.43 9.90
N PRO E 62 1.21 -42.88 10.47
CA PRO E 62 0.28 -41.96 11.13
C PRO E 62 0.84 -41.27 12.37
N GLY E 63 2.10 -41.53 12.70
CA GLY E 63 2.71 -40.90 13.85
C GLY E 63 2.56 -41.72 15.11
N HIS E 64 3.68 -42.16 15.68
CA HIS E 64 3.71 -43.04 16.86
C HIS E 64 3.03 -44.38 16.59
N GLU E 65 2.84 -44.72 15.32
CA GLU E 65 2.27 -45.99 14.92
C GLU E 65 3.24 -46.70 13.97
N GLY E 66 3.16 -48.02 13.96
CA GLY E 66 4.00 -48.80 13.06
C GLY E 66 3.79 -48.42 11.62
N VAL E 67 4.89 -48.17 10.90
CA VAL E 67 4.79 -47.75 9.52
C VAL E 67 4.21 -48.88 8.67
N THR E 68 3.28 -48.52 7.81
CA THR E 68 2.70 -49.47 6.86
C THR E 68 3.33 -49.26 5.49
N GLN E 69 3.83 -50.34 4.91
CA GLN E 69 4.54 -50.29 3.64
C GLN E 69 3.99 -51.35 2.71
N GLN E 70 4.07 -51.06 1.41
CA GLN E 70 3.68 -52.02 0.38
C GLN E 70 4.47 -51.71 -0.87
N THR E 71 5.22 -52.69 -1.36
CA THR E 71 6.13 -52.48 -2.48
C THR E 71 5.70 -53.32 -3.68
N LEU E 72 5.55 -52.67 -4.83
CA LEU E 72 5.19 -53.33 -6.08
C LEU E 72 6.33 -53.05 -7.06
N THR E 73 7.17 -54.04 -7.29
CA THR E 73 8.33 -53.90 -8.15
C THR E 73 8.04 -54.53 -9.50
N LEU E 74 8.07 -53.73 -10.57
CA LEU E 74 7.77 -54.21 -11.91
C LEU E 74 9.01 -54.08 -12.76
N THR E 75 9.60 -55.21 -13.14
CA THR E 75 10.83 -55.22 -13.93
C THR E 75 10.46 -55.39 -15.40
N PHE E 76 11.03 -54.54 -16.24
CA PHE E 76 10.73 -54.50 -17.66
C PHE E 76 12.01 -54.76 -18.46
N ASN E 77 11.83 -55.32 -19.66
CA ASN E 77 12.94 -55.38 -20.59
C ASN E 77 13.26 -53.99 -21.11
N SER E 78 14.47 -53.83 -21.65
CA SER E 78 14.87 -52.52 -22.16
C SER E 78 14.31 -52.30 -23.56
N SER E 79 13.01 -52.51 -23.72
CA SER E 79 12.33 -52.27 -24.99
C SER E 79 10.99 -51.56 -24.83
N GLY E 80 10.33 -51.67 -23.68
CA GLY E 80 9.07 -50.96 -23.48
C GLY E 80 7.89 -51.84 -23.16
N VAL E 81 8.12 -53.09 -22.74
CA VAL E 81 7.05 -54.00 -22.39
C VAL E 81 7.35 -54.63 -21.04
N LEU E 82 6.31 -55.19 -20.41
CA LEU E 82 6.41 -55.73 -19.06
C LEU E 82 7.06 -57.11 -19.11
N THR E 83 8.14 -57.28 -18.34
CA THR E 83 8.82 -58.56 -18.25
C THR E 83 8.28 -59.40 -17.10
N ASN E 84 8.27 -58.86 -15.88
CA ASN E 84 7.70 -59.57 -14.75
C ASN E 84 7.35 -58.58 -13.64
N ILE E 85 6.60 -59.07 -12.66
CA ILE E 85 6.09 -58.26 -11.57
C ILE E 85 6.39 -58.95 -10.25
N ASP E 86 6.31 -58.18 -9.17
CA ASP E 86 6.52 -58.70 -7.83
C ASP E 86 5.75 -57.80 -6.88
N ASN E 87 5.08 -58.40 -5.90
CA ASN E 87 4.33 -57.67 -4.90
C ASN E 87 4.81 -58.07 -3.52
N LYS E 88 4.73 -57.12 -2.58
CA LYS E 88 5.19 -57.37 -1.22
C LYS E 88 4.38 -56.54 -0.23
N PRO E 89 3.62 -57.17 0.65
CA PRO E 89 2.94 -56.43 1.72
C PRO E 89 3.89 -55.85 2.76
N ALA E 90 5.18 -56.17 2.69
CA ALA E 90 6.22 -55.60 3.56
C ALA E 90 5.86 -55.96 5.02
N LEU E 91 6.02 -55.02 5.95
CA LEU E 91 5.76 -55.26 7.37
C LEU E 91 6.62 -56.41 7.90
N SER E 92 7.87 -56.45 7.48
CA SER E 92 8.85 -57.42 7.96
C SER E 92 9.94 -56.71 8.73
N GLY E 93 10.29 -57.26 9.89
CA GLY E 93 11.25 -56.62 10.76
C GLY E 93 10.59 -55.91 11.93
N ASN E 94 10.48 -54.59 11.85
CA ASN E 94 9.78 -53.83 12.88
C ASN E 94 8.34 -53.56 12.45
N GLU F 516 12.08 35.48 49.28
CA GLU F 516 11.36 34.27 49.67
C GLU F 516 10.18 34.01 48.74
N ALA F 517 8.98 34.40 49.19
CA ALA F 517 7.79 34.21 48.38
C ALA F 517 7.84 35.03 47.10
N THR F 518 8.30 36.29 47.19
CA THR F 518 8.38 37.13 46.01
C THR F 518 9.40 36.60 45.00
N ARG F 519 10.54 36.12 45.49
CA ARG F 519 11.57 35.62 44.58
C ARG F 519 11.18 34.27 43.98
N ASN F 520 10.44 33.45 44.72
CA ASN F 520 10.08 32.13 44.23
C ASN F 520 9.18 32.21 43.00
N ALA F 521 8.24 33.15 42.98
CA ALA F 521 7.40 33.34 41.81
C ALA F 521 8.22 33.78 40.61
N ALA F 522 9.22 34.63 40.84
CA ALA F 522 10.08 35.08 39.75
C ALA F 522 10.81 33.91 39.11
N ALA F 523 11.28 32.96 39.93
CA ALA F 523 11.90 31.75 39.38
C ALA F 523 10.90 30.98 38.53
N LEU F 524 9.65 30.88 38.98
CA LEU F 524 8.61 30.29 38.14
C LEU F 524 8.38 31.11 36.90
N PHE F 525 8.39 32.44 37.03
CA PHE F 525 8.36 33.30 35.86
C PHE F 525 9.61 33.11 35.01
N SER F 526 10.76 32.96 35.65
CA SER F 526 11.97 32.57 34.91
C SER F 526 11.81 31.18 34.31
N VAL F 527 11.17 30.26 35.05
CA VAL F 527 10.84 28.96 34.49
C VAL F 527 9.87 29.13 33.33
N ASP F 528 8.88 30.02 33.49
CA ASP F 528 8.01 30.37 32.36
C ASP F 528 8.83 30.99 31.24
N TYR F 529 9.78 31.85 31.58
CA TYR F 529 10.74 32.31 30.59
C TYR F 529 11.59 31.16 30.07
N LYS F 530 12.01 30.25 30.96
CA LYS F 530 12.69 29.04 30.51
C LYS F 530 11.78 28.19 29.64
N ALA F 531 10.50 28.10 30.02
CA ALA F 531 9.53 27.42 29.17
C ALA F 531 9.43 28.10 27.81
N PHE F 532 9.43 29.44 27.80
CA PHE F 532 9.57 30.16 26.55
C PHE F 532 10.93 29.90 25.91
N LEU F 533 11.98 29.87 26.72
CA LEU F 533 13.31 29.54 26.21
C LEU F 533 13.37 28.11 25.69
N ASN F 534 12.76 27.17 26.42
CA ASN F 534 12.67 25.81 25.92
C ASN F 534 11.83 25.75 24.65
N GLU F 535 10.74 26.52 24.59
CA GLU F 535 9.96 26.60 23.36
C GLU F 535 10.77 27.17 22.22
N VAL F 536 11.78 27.99 22.52
CA VAL F 536 12.63 28.55 21.49
C VAL F 536 13.54 27.47 20.94
N ASN F 537 13.54 27.33 19.61
CA ASN F 537 14.37 26.35 18.92
C ASN F 537 14.85 26.96 17.62
N ASN F 538 15.58 26.17 16.84
CA ASN F 538 16.13 26.65 15.58
C ASN F 538 15.08 26.53 14.46
N LEU F 539 15.46 26.97 13.26
CA LEU F 539 14.59 26.90 12.10
C LEU F 539 14.69 25.55 11.39
N ASN F 540 15.90 24.99 11.31
CA ASN F 540 16.09 23.68 10.71
C ASN F 540 15.82 22.54 11.69
N LYS F 541 15.53 22.83 12.95
CA LYS F 541 15.31 21.82 13.97
C LYS F 541 13.86 21.77 14.42
N ARG F 542 13.28 22.90 14.81
CA ARG F 542 11.89 22.92 15.25
C ARG F 542 10.94 22.55 14.13
N MET F 543 11.17 23.09 12.93
CA MET F 543 10.33 22.81 11.77
C MET F 543 11.08 22.14 10.64
N GLY F 544 12.23 21.52 10.92
CA GLY F 544 13.00 20.86 9.90
C GLY F 544 13.75 21.83 9.01
N ASP F 545 14.78 21.35 8.32
CA ASP F 545 15.55 22.20 7.42
C ASP F 545 14.66 22.72 6.30
N LEU F 546 14.83 24.00 5.98
CA LEU F 546 14.08 24.59 4.86
C LEU F 546 14.40 23.93 3.54
N ARG F 547 15.56 23.28 3.42
CA ARG F 547 15.97 22.57 2.23
C ARG F 547 16.15 21.09 2.56
N ASP F 548 16.68 20.34 1.59
CA ASP F 548 16.92 18.90 1.68
C ASP F 548 15.62 18.09 1.73
N ILE F 549 14.48 18.75 1.56
CA ILE F 549 13.18 18.09 1.47
C ILE F 549 12.52 18.59 0.18
N ASN F 550 12.31 17.67 -0.77
CA ASN F 550 11.86 18.05 -2.10
C ASN F 550 10.37 18.40 -2.16
N GLY F 551 9.55 17.80 -1.29
CA GLY F 551 8.12 18.00 -1.37
C GLY F 551 7.59 19.05 -0.41
N GLU F 552 6.74 19.95 -0.93
CA GLU F 552 6.06 20.90 -0.06
C GLU F 552 5.09 20.21 0.89
N ALA F 553 4.67 18.98 0.58
CA ALA F 553 3.80 18.19 1.43
C ALA F 553 4.68 17.22 2.22
N GLY F 554 4.72 17.40 3.53
CA GLY F 554 5.55 16.56 4.38
C GLY F 554 5.20 16.74 5.84
N ALA F 555 5.46 15.69 6.60
CA ALA F 555 5.18 15.66 8.03
C ALA F 555 6.49 15.62 8.81
N TRP F 556 6.55 16.41 9.88
CA TRP F 556 7.74 16.50 10.71
C TRP F 556 7.32 16.46 12.17
N ALA F 557 8.31 16.48 13.04
CA ALA F 557 8.08 16.40 14.48
C ALA F 557 9.28 17.04 15.20
N ARG F 558 9.21 17.05 16.52
CA ARG F 558 10.29 17.60 17.34
C ARG F 558 10.14 17.00 18.73
N ILE F 559 11.10 16.15 19.10
CA ILE F 559 11.12 15.52 20.43
C ILE F 559 12.43 15.91 21.10
N MET F 560 12.32 16.51 22.28
CA MET F 560 13.50 16.93 23.01
C MET F 560 13.25 16.79 24.51
N SER F 561 14.33 16.69 25.27
CA SER F 561 14.25 16.65 26.72
C SER F 561 15.45 17.41 27.27
N GLY F 562 15.19 18.64 27.73
CA GLY F 562 16.24 19.50 28.23
C GLY F 562 16.21 19.57 29.75
N THR F 563 17.26 20.17 30.29
CA THR F 563 17.41 20.31 31.73
C THR F 563 18.12 21.64 32.02
N GLY F 564 18.10 22.03 33.29
CA GLY F 564 18.78 23.26 33.68
C GLY F 564 18.70 23.45 35.17
N SER F 565 19.48 24.43 35.64
CA SER F 565 19.54 24.73 37.06
C SER F 565 19.99 26.17 37.24
N ALA F 566 19.76 26.69 38.44
CA ALA F 566 20.15 28.04 38.80
C ALA F 566 20.51 28.07 40.28
N SER F 567 21.01 29.22 40.73
CA SER F 567 21.36 29.38 42.14
C SER F 567 20.10 29.35 43.00
N GLY F 568 20.23 28.75 44.19
CA GLY F 568 19.12 28.63 45.10
C GLY F 568 18.35 27.32 45.01
N GLY F 569 18.90 26.32 44.33
CA GLY F 569 18.23 25.04 44.20
C GLY F 569 17.19 24.99 43.09
N PHE F 570 17.01 26.06 42.34
CA PHE F 570 16.02 26.10 41.27
C PHE F 570 16.53 25.25 40.10
N SER F 571 16.12 23.99 40.07
CA SER F 571 16.48 23.08 39.00
C SER F 571 15.22 22.60 38.30
N ASP F 572 15.36 22.24 37.03
CA ASP F 572 14.20 21.83 36.24
C ASP F 572 14.64 20.90 35.11
N ASN F 573 13.69 20.10 34.66
CA ASN F 573 13.90 19.21 33.53
C ASN F 573 12.58 19.10 32.77
N TYR F 574 12.61 19.40 31.48
CA TYR F 574 11.41 19.45 30.65
C TYR F 574 11.56 18.50 29.47
N THR F 575 10.41 18.04 28.98
CA THR F 575 10.36 17.16 27.81
C THR F 575 9.23 17.65 26.92
N HIS F 576 9.57 17.97 25.67
CA HIS F 576 8.61 18.49 24.70
C HIS F 576 8.53 17.53 23.54
N VAL F 577 7.30 17.11 23.20
CA VAL F 577 7.03 16.26 22.05
C VAL F 577 5.99 16.97 21.20
N GLN F 578 6.34 17.26 19.95
CA GLN F 578 5.46 17.93 19.03
C GLN F 578 5.50 17.22 17.69
N VAL F 579 4.41 17.32 16.94
CA VAL F 579 4.33 16.77 15.59
C VAL F 579 3.59 17.78 14.72
N GLY F 580 3.58 17.52 13.42
CA GLY F 580 2.84 18.38 12.52
C GLY F 580 3.06 17.96 11.09
N VAL F 581 2.27 18.57 10.21
CA VAL F 581 2.35 18.32 8.77
C VAL F 581 2.14 19.63 8.03
N ASP F 582 2.57 19.65 6.77
CA ASP F 582 2.39 20.80 5.91
C ASP F 582 2.10 20.30 4.50
N LYS F 583 1.41 21.13 3.73
CA LYS F 583 1.03 20.76 2.37
C LYS F 583 0.82 22.03 1.55
N LYS F 584 1.49 22.10 0.40
CA LYS F 584 1.38 23.24 -0.51
C LYS F 584 1.86 22.81 -1.88
N HIS F 585 1.95 23.76 -2.80
CA HIS F 585 2.40 23.50 -4.16
C HIS F 585 3.57 24.43 -4.48
N GLU F 586 4.01 24.39 -5.73
CA GLU F 586 5.16 25.17 -6.17
C GLU F 586 4.73 26.50 -6.77
N LEU F 587 5.70 27.40 -6.94
CA LEU F 587 5.47 28.71 -7.52
C LEU F 587 6.67 29.05 -8.40
N ASP F 588 6.77 30.32 -8.78
CA ASP F 588 7.84 30.79 -9.67
C ASP F 588 8.88 31.56 -8.85
N GLY F 589 9.86 30.83 -8.34
CA GLY F 589 10.97 31.40 -7.63
C GLY F 589 10.93 31.22 -6.12
N LEU F 590 9.77 30.89 -5.56
CA LEU F 590 9.64 30.69 -4.12
C LEU F 590 8.62 29.59 -3.87
N ASP F 591 9.10 28.45 -3.35
CA ASP F 591 8.25 27.30 -3.04
C ASP F 591 7.77 27.36 -1.60
N LEU F 592 6.86 28.29 -1.35
CA LEU F 592 6.32 28.49 0.00
C LEU F 592 5.49 27.28 0.41
N PHE F 593 5.45 27.01 1.72
CA PHE F 593 4.67 25.92 2.26
C PHE F 593 4.12 26.31 3.62
N THR F 594 3.03 25.66 4.01
CA THR F 594 2.38 25.92 5.28
C THR F 594 1.63 24.67 5.73
N GLY F 595 1.33 24.63 7.02
CA GLY F 595 0.61 23.49 7.57
C GLY F 595 0.32 23.69 9.04
N PHE F 596 -0.17 22.61 9.66
CA PHE F 596 -0.59 22.61 11.05
C PHE F 596 0.34 21.75 11.88
N THR F 597 0.20 21.86 13.21
CA THR F 597 1.05 21.14 14.14
C THR F 597 0.39 21.13 15.51
N VAL F 598 0.80 20.16 16.33
CA VAL F 598 0.39 20.05 17.72
C VAL F 598 1.62 19.80 18.57
N THR F 599 1.52 20.13 19.85
CA THR F 599 2.64 20.06 20.76
C THR F 599 2.17 19.76 22.18
N HIS F 600 3.02 19.07 22.93
CA HIS F 600 2.76 18.77 24.33
C HIS F 600 4.09 18.80 25.09
N THR F 601 4.13 19.62 26.14
CA THR F 601 5.31 19.79 26.97
C THR F 601 4.98 19.37 28.40
N ASP F 602 5.96 18.77 29.08
CA ASP F 602 5.81 18.39 30.48
C ASP F 602 7.14 18.56 31.18
N SER F 603 7.12 19.31 32.29
CA SER F 603 8.35 19.65 33.00
C SER F 603 8.18 19.38 34.49
N SER F 604 9.30 19.13 35.15
CA SER F 604 9.34 18.95 36.60
C SER F 604 10.47 19.80 37.15
N ALA F 605 10.17 20.57 38.19
CA ALA F 605 11.15 21.49 38.75
C ALA F 605 11.09 21.43 40.28
N SER F 606 12.23 21.76 40.89
CA SER F 606 12.37 21.82 42.33
C SER F 606 13.11 23.10 42.71
N ALA F 607 12.83 23.57 43.92
CA ALA F 607 13.41 24.82 44.42
C ALA F 607 13.75 24.63 45.89
N ASP F 608 14.00 25.74 46.59
CA ASP F 608 14.40 25.67 47.98
C ASP F 608 13.31 25.05 48.84
N VAL F 609 12.09 25.57 48.75
CA VAL F 609 10.96 25.02 49.48
C VAL F 609 9.78 24.82 48.52
N PHE F 610 10.07 24.78 47.22
CA PHE F 610 9.04 24.67 46.21
C PHE F 610 9.39 23.53 45.26
N SER F 611 8.36 22.80 44.82
CA SER F 611 8.55 21.72 43.88
C SER F 611 7.24 21.49 43.14
N GLY F 612 7.31 21.33 41.82
CA GLY F 612 6.08 21.17 41.06
C GLY F 612 6.32 20.69 39.64
N LYS F 613 5.25 20.18 39.05
CA LYS F 613 5.26 19.67 37.68
C LYS F 613 4.22 20.41 36.86
N THR F 614 4.59 20.74 35.63
CA THR F 614 3.73 21.50 34.73
C THR F 614 3.58 20.74 33.42
N LYS F 615 2.49 21.03 32.71
CA LYS F 615 2.23 20.44 31.41
C LYS F 615 1.51 21.46 30.55
N SER F 616 1.50 21.21 29.25
CA SER F 616 0.87 22.14 28.31
C SER F 616 0.60 21.41 27.01
N VAL F 617 -0.66 21.43 26.57
CA VAL F 617 -1.07 20.87 25.28
C VAL F 617 -1.54 22.01 24.41
N GLY F 618 -1.08 22.05 23.15
CA GLY F 618 -1.43 23.15 22.27
C GLY F 618 -1.40 22.75 20.81
N ALA F 619 -2.04 23.59 20.00
CA ALA F 619 -2.11 23.40 18.57
C ALA F 619 -1.82 24.72 17.86
N GLY F 620 -1.24 24.63 16.67
CA GLY F 620 -0.88 25.83 15.95
C GLY F 620 -0.56 25.54 14.50
N LEU F 621 -0.02 26.55 13.83
CA LEU F 621 0.30 26.49 12.42
C LEU F 621 1.72 26.97 12.19
N TYR F 622 2.33 26.46 11.11
CA TYR F 622 3.68 26.80 10.71
C TYR F 622 3.70 27.12 9.23
N ALA F 623 4.64 27.98 8.83
CA ALA F 623 4.78 28.36 7.43
C ALA F 623 6.22 28.74 7.17
N SER F 624 6.66 28.55 5.92
CA SER F 624 8.02 28.89 5.52
C SER F 624 8.05 29.21 4.03
N ALA F 625 9.06 29.97 3.63
CA ALA F 625 9.24 30.35 2.23
C ALA F 625 10.71 30.63 1.98
N MET F 626 11.28 29.98 0.96
CA MET F 626 12.68 30.14 0.61
C MET F 626 12.78 30.67 -0.81
N PHE F 627 13.79 31.52 -1.04
CA PHE F 627 14.01 32.14 -2.34
C PHE F 627 15.18 31.47 -3.05
N ASP F 628 15.34 31.82 -4.34
CA ASP F 628 16.41 31.26 -5.15
C ASP F 628 17.79 31.75 -4.72
N SER F 629 17.86 32.83 -3.94
CA SER F 629 19.13 33.38 -3.50
C SER F 629 19.65 32.74 -2.21
N GLY F 630 18.94 31.74 -1.69
CA GLY F 630 19.35 31.08 -0.46
C GLY F 630 18.78 31.67 0.80
N ALA F 631 18.08 32.81 0.72
CA ALA F 631 17.46 33.41 1.88
C ALA F 631 16.09 32.77 2.13
N TYR F 632 15.81 32.47 3.39
CA TYR F 632 14.58 31.80 3.78
C TYR F 632 13.96 32.52 4.98
N ILE F 633 12.64 32.40 5.10
CA ILE F 633 11.89 32.97 6.21
C ILE F 633 10.90 31.93 6.71
N ASP F 634 10.58 31.99 8.00
CA ASP F 634 9.66 31.05 8.61
C ASP F 634 8.86 31.75 9.70
N LEU F 635 7.65 31.25 9.95
CA LEU F 635 6.76 31.80 10.95
C LEU F 635 5.94 30.67 11.56
N ILE F 636 5.45 30.91 12.78
CA ILE F 636 4.66 29.92 13.49
C ILE F 636 3.78 30.62 14.52
N GLY F 637 2.61 30.05 14.77
CA GLY F 637 1.71 30.58 15.78
C GLY F 637 0.84 29.49 16.39
N LYS F 638 0.84 29.39 17.71
CA LYS F 638 0.17 28.28 18.39
C LYS F 638 -0.50 28.74 19.67
N TYR F 639 -1.68 28.18 19.94
CA TYR F 639 -2.39 28.40 21.19
C TYR F 639 -2.35 27.13 22.01
N VAL F 640 -2.01 27.27 23.30
CA VAL F 640 -1.86 26.14 24.20
C VAL F 640 -2.54 26.45 25.53
N HIS F 641 -2.89 25.39 26.25
CA HIS F 641 -3.49 25.50 27.58
C HIS F 641 -2.51 24.89 28.58
N HIS F 642 -1.73 25.76 29.22
CA HIS F 642 -0.66 25.32 30.10
C HIS F 642 -1.17 25.29 31.54
N ASP F 643 -1.08 24.12 32.18
CA ASP F 643 -1.49 23.95 33.57
C ASP F 643 -0.32 23.40 34.38
N ASN F 644 -0.03 24.05 35.50
CA ASN F 644 1.02 23.62 36.41
C ASN F 644 0.39 23.25 37.76
N GLU F 645 1.11 22.40 38.49
CA GLU F 645 0.72 22.00 39.84
C GLU F 645 1.97 21.93 40.69
N TYR F 646 2.05 22.77 41.71
CA TYR F 646 3.25 22.89 42.51
C TYR F 646 2.89 23.09 43.97
N THR F 647 3.83 22.72 44.84
CA THR F 647 3.69 22.88 46.29
C THR F 647 4.87 23.68 46.82
N ALA F 648 4.57 24.75 47.56
CA ALA F 648 5.54 25.53 48.30
C ALA F 648 4.97 25.85 49.68
N THR F 649 5.83 25.79 50.69
CA THR F 649 5.42 26.02 52.07
C THR F 649 5.53 27.49 52.48
N PHE F 650 6.12 28.34 51.65
CA PHE F 650 6.25 29.75 51.98
C PHE F 650 4.95 30.48 51.66
N ALA F 651 4.63 31.49 52.47
CA ALA F 651 3.43 32.30 52.36
C ALA F 651 2.16 31.56 52.78
N GLY F 652 2.26 30.31 53.22
CA GLY F 652 1.09 29.56 53.61
C GLY F 652 0.25 29.04 52.47
N LEU F 653 0.74 29.16 51.23
CA LEU F 653 -0.06 28.71 50.08
C LEU F 653 -0.20 27.20 50.07
N GLY F 654 0.88 26.47 50.24
CA GLY F 654 0.83 25.02 50.22
C GLY F 654 0.89 24.50 48.80
N THR F 655 -0.03 23.60 48.45
CA THR F 655 -0.09 22.99 47.13
C THR F 655 -1.24 23.57 46.33
N ARG F 656 -0.99 23.85 45.06
CA ARG F 656 -2.02 24.43 44.21
C ARG F 656 -1.69 24.16 42.74
N ASP F 657 -2.73 24.11 41.93
CA ASP F 657 -2.61 23.92 40.48
C ASP F 657 -3.34 25.06 39.78
N TYR F 658 -2.67 25.67 38.81
CA TYR F 658 -3.20 26.81 38.08
C TYR F 658 -3.02 26.61 36.58
N SER F 659 -3.99 27.08 35.81
CA SER F 659 -4.00 26.93 34.36
C SER F 659 -4.10 28.30 33.70
N THR F 660 -3.57 28.39 32.48
CA THR F 660 -3.57 29.63 31.72
C THR F 660 -3.52 29.30 30.23
N HIS F 661 -3.83 30.31 29.41
CA HIS F 661 -3.80 30.18 27.96
C HIS F 661 -2.58 30.92 27.43
N SER F 662 -1.78 30.25 26.62
CA SER F 662 -0.55 30.81 26.07
C SER F 662 -0.65 30.87 24.56
N TRP F 663 -0.52 32.07 24.00
CA TRP F 663 -0.45 32.28 22.56
C TRP F 663 0.99 32.61 22.19
N TYR F 664 1.66 31.66 21.53
N TYR F 664 1.66 31.66 21.53
CA TYR F 664 3.05 31.81 21.15
CA TYR F 664 3.05 31.81 21.15
C TYR F 664 3.12 32.14 19.67
C TYR F 664 3.12 32.14 19.67
N ALA F 665 3.80 33.24 19.34
CA ALA F 665 4.00 33.68 17.97
C ALA F 665 5.49 33.85 17.73
N GLY F 666 5.99 33.27 16.64
CA GLY F 666 7.40 33.35 16.34
C GLY F 666 7.71 33.57 14.87
N ALA F 667 8.76 34.35 14.59
CA ALA F 667 9.22 34.57 13.25
C ALA F 667 10.74 34.43 13.22
N GLU F 668 11.26 33.95 12.08
CA GLU F 668 12.69 33.74 11.93
C GLU F 668 13.06 33.87 10.47
N ALA F 669 14.35 34.09 10.22
CA ALA F 669 14.86 34.17 8.86
C ALA F 669 16.33 33.79 8.87
N GLY F 670 16.80 33.37 7.70
CA GLY F 670 18.18 32.96 7.57
C GLY F 670 18.70 33.24 6.17
N TYR F 671 20.01 33.45 6.10
CA TYR F 671 20.70 33.73 4.84
C TYR F 671 21.72 32.62 4.61
N ARG F 672 21.33 31.63 3.80
CA ARG F 672 22.18 30.48 3.54
C ARG F 672 23.21 30.86 2.48
N TYR F 673 24.48 30.63 2.78
CA TYR F 673 25.57 30.92 1.85
C TYR F 673 26.17 29.62 1.35
N HIS F 674 26.20 29.45 0.02
CA HIS F 674 26.74 28.24 -0.60
C HIS F 674 28.26 28.33 -0.57
N VAL F 675 28.82 28.13 0.63
CA VAL F 675 30.27 28.21 0.80
C VAL F 675 30.96 27.13 -0.01
N THR F 676 30.44 25.91 0.03
CA THR F 676 31.03 24.79 -0.69
C THR F 676 29.98 23.72 -0.91
N GLU F 677 30.38 22.67 -1.61
CA GLU F 677 29.47 21.54 -1.85
C GLU F 677 29.12 20.80 -0.56
N ASP F 678 29.95 20.93 0.48
CA ASP F 678 29.65 20.31 1.76
C ASP F 678 29.86 21.28 2.93
N ALA F 679 29.66 22.58 2.71
CA ALA F 679 29.83 23.57 3.76
C ALA F 679 28.96 24.78 3.44
N TRP F 680 28.27 25.30 4.44
CA TRP F 680 27.42 26.47 4.26
C TRP F 680 27.35 27.25 5.56
N ILE F 681 27.92 28.45 5.56
CA ILE F 681 27.84 29.34 6.71
C ILE F 681 26.60 30.22 6.55
N GLU F 682 25.56 29.93 7.33
CA GLU F 682 24.26 30.59 7.16
C GLU F 682 23.92 31.41 8.39
N PRO F 683 24.12 32.73 8.36
CA PRO F 683 23.64 33.57 9.45
C PRO F 683 22.12 33.60 9.49
N GLN F 684 21.58 33.86 10.68
CA GLN F 684 20.14 33.86 10.86
C GLN F 684 19.76 34.81 12.00
N ALA F 685 18.51 35.25 11.97
CA ALA F 685 17.99 36.13 13.00
C ALA F 685 16.49 35.88 13.16
N GLU F 686 16.03 35.92 14.40
CA GLU F 686 14.64 35.60 14.72
C GLU F 686 14.12 36.56 15.77
N LEU F 687 12.80 36.70 15.81
CA LEU F 687 12.11 37.47 16.83
C LEU F 687 10.77 36.80 17.09
N VAL F 688 10.42 36.67 18.37
CA VAL F 688 9.19 35.99 18.78
C VAL F 688 8.59 36.71 19.97
N TYR F 689 7.27 36.86 19.97
CA TYR F 689 6.53 37.45 21.08
C TYR F 689 5.42 36.51 21.49
N GLY F 690 5.15 36.43 22.79
CA GLY F 690 4.12 35.56 23.30
C GLY F 690 3.26 36.19 24.37
N SER F 691 1.96 35.87 24.36
CA SER F 691 1.01 36.42 25.30
C SER F 691 0.52 35.32 26.24
N VAL F 692 0.72 35.51 27.53
CA VAL F 692 0.27 34.57 28.55
C VAL F 692 -0.46 35.35 29.63
N SER F 693 -1.71 34.97 29.91
CA SER F 693 -2.48 35.63 30.95
C SER F 693 -1.96 35.22 32.33
N GLY F 694 -1.78 36.20 33.21
CA GLY F 694 -1.28 35.95 34.53
C GLY F 694 -2.33 35.39 35.47
N LYS F 695 -1.88 34.99 36.65
CA LYS F 695 -2.74 34.40 37.67
C LYS F 695 -2.66 35.22 38.95
N GLN F 696 -3.83 35.42 39.57
CA GLN F 696 -3.94 36.16 40.82
C GLN F 696 -4.45 35.24 41.90
N PHE F 697 -3.82 35.29 43.08
CA PHE F 697 -4.19 34.40 44.17
C PHE F 697 -3.85 35.04 45.49
N ALA F 698 -4.70 34.83 46.49
CA ALA F 698 -4.49 35.33 47.84
C ALA F 698 -4.21 34.17 48.78
N TRP F 699 -3.30 34.38 49.73
CA TRP F 699 -2.90 33.36 50.68
C TRP F 699 -3.72 33.40 51.96
N LYS F 700 -4.99 33.81 51.87
CA LYS F 700 -5.84 33.93 53.06
C LYS F 700 -6.05 32.60 53.76
N ASP F 701 -5.76 31.48 53.09
CA ASP F 701 -5.87 30.19 53.75
C ASP F 701 -4.94 30.08 54.94
N GLN F 702 -3.81 30.78 54.91
CA GLN F 702 -2.88 30.80 56.04
C GLN F 702 -3.30 31.78 57.12
N GLY F 703 -4.24 32.67 56.84
CA GLY F 703 -4.70 33.62 57.84
C GLY F 703 -4.56 35.07 57.40
N MET F 704 -3.43 35.38 56.76
CA MET F 704 -3.17 36.71 56.24
C MET F 704 -3.43 36.72 54.73
N HIS F 705 -3.81 37.90 54.22
CA HIS F 705 -4.17 38.04 52.81
C HIS F 705 -3.02 37.58 51.90
N LEU F 706 -1.91 38.32 51.94
CA LEU F 706 -0.72 37.98 51.15
C LEU F 706 -1.06 37.77 49.68
N SER F 707 -1.93 38.63 49.16
CA SER F 707 -2.45 38.44 47.81
C SER F 707 -1.44 38.92 46.77
N MET F 708 -1.11 38.04 45.82
CA MET F 708 -0.24 38.38 44.71
C MET F 708 -1.04 38.23 43.42
N LYS F 709 -1.09 39.29 42.63
CA LYS F 709 -1.84 39.33 41.37
C LYS F 709 -0.87 39.52 40.22
N ASP F 710 -0.93 38.62 39.25
CA ASP F 710 -0.09 38.68 38.06
C ASP F 710 -0.96 38.94 36.85
N LYS F 711 -0.55 39.88 36.01
CA LYS F 711 -1.32 40.29 34.86
C LYS F 711 -0.85 39.55 33.61
N ASP F 712 -1.55 39.76 32.50
CA ASP F 712 -1.18 39.14 31.24
C ASP F 712 0.19 39.65 30.80
N TYR F 713 1.07 38.72 30.44
CA TYR F 713 2.43 39.04 30.03
C TYR F 713 2.54 38.88 28.51
N ASN F 714 3.11 39.89 27.86
CA ASN F 714 3.31 39.88 26.42
C ASN F 714 4.77 40.21 26.11
N PRO F 715 5.69 39.39 26.57
CA PRO F 715 7.11 39.66 26.31
C PRO F 715 7.51 39.32 24.88
N LEU F 716 8.63 39.89 24.45
CA LEU F 716 9.19 39.61 23.14
C LEU F 716 10.69 39.42 23.30
N ILE F 717 11.27 38.64 22.38
CA ILE F 717 12.69 38.32 22.44
C ILE F 717 13.21 38.04 21.04
N GLY F 718 14.41 38.54 20.75
CA GLY F 718 15.07 38.29 19.48
C GLY F 718 16.35 37.51 19.69
N ARG F 719 16.92 37.05 18.58
CA ARG F 719 18.12 36.21 18.65
C ARG F 719 18.84 36.29 17.32
N THR F 720 20.16 36.51 17.37
CA THR F 720 21.01 36.51 16.20
C THR F 720 22.01 35.37 16.31
N GLY F 721 22.07 34.51 15.30
CA GLY F 721 22.93 33.35 15.37
C GLY F 721 23.71 33.09 14.09
N VAL F 722 25.00 32.77 14.24
CA VAL F 722 25.86 32.44 13.12
C VAL F 722 26.25 30.98 13.24
N ASP F 723 26.05 30.22 12.17
CA ASP F 723 26.29 28.78 12.17
C ASP F 723 26.87 28.34 10.83
N VAL F 724 27.60 27.24 10.86
CA VAL F 724 28.16 26.61 9.68
C VAL F 724 27.70 25.15 9.67
N GLY F 725 27.04 24.75 8.60
CA GLY F 725 26.54 23.39 8.45
C GLY F 725 27.23 22.68 7.31
N LYS F 726 27.76 21.49 7.60
CA LYS F 726 28.38 20.63 6.60
C LYS F 726 27.48 19.43 6.36
N SER F 727 27.05 19.25 5.12
CA SER F 727 26.09 18.21 4.75
C SER F 727 26.69 17.34 3.65
N PHE F 728 27.46 16.32 4.05
CA PHE F 728 27.98 15.33 3.12
C PHE F 728 26.90 14.29 2.84
N SER F 729 26.96 13.70 1.64
CA SER F 729 25.93 12.77 1.21
C SER F 729 26.50 11.53 0.55
N GLY F 730 25.63 10.73 -0.08
CA GLY F 730 26.02 9.52 -0.75
C GLY F 730 26.12 8.30 0.13
N LYS F 731 25.77 8.42 1.42
CA LYS F 731 25.82 7.34 2.39
C LYS F 731 27.27 6.91 2.67
N ASP F 732 28.22 7.50 1.96
CA ASP F 732 29.63 7.28 2.28
C ASP F 732 30.04 8.07 3.51
N TRP F 733 29.58 9.32 3.61
CA TRP F 733 29.76 10.12 4.82
C TRP F 733 28.41 10.43 5.47
N LYS F 734 27.49 11.03 4.73
CA LYS F 734 26.10 11.21 5.16
C LYS F 734 26.01 11.87 6.53
N VAL F 735 26.85 12.88 6.76
CA VAL F 735 26.95 13.54 8.04
C VAL F 735 26.50 15.00 7.85
N THR F 736 25.37 15.35 8.45
CA THR F 736 24.85 16.72 8.41
C THR F 736 25.23 17.49 9.67
N ALA F 737 26.54 17.60 9.93
CA ALA F 737 27.00 18.29 11.13
C ALA F 737 26.68 19.78 11.05
N ARG F 738 26.49 20.41 12.21
CA ARG F 738 26.12 21.82 12.25
C ARG F 738 26.72 22.44 13.51
N ALA F 739 27.73 23.28 13.32
CA ALA F 739 28.32 24.02 14.41
C ALA F 739 27.88 25.48 14.37
N GLY F 740 28.13 26.19 15.46
CA GLY F 740 27.80 27.61 15.48
C GLY F 740 27.51 28.09 16.89
N LEU F 741 27.02 29.33 16.94
CA LEU F 741 26.66 29.97 18.20
C LEU F 741 25.59 31.02 17.94
N GLY F 742 24.85 31.35 18.98
CA GLY F 742 23.82 32.38 18.88
C GLY F 742 23.70 33.17 20.16
N TYR F 743 23.19 34.39 20.03
CA TYR F 743 22.96 35.28 21.15
C TYR F 743 21.49 35.71 21.16
N GLN F 744 20.84 35.54 22.31
CA GLN F 744 19.41 35.84 22.46
C GLN F 744 19.23 36.95 23.49
N PHE F 745 18.44 37.96 23.14
CA PHE F 745 18.14 39.07 24.02
C PHE F 745 16.62 39.26 24.09
N ASP F 746 16.11 39.35 25.31
CA ASP F 746 14.67 39.53 25.51
C ASP F 746 14.31 40.98 25.25
N LEU F 747 13.58 41.22 24.16
CA LEU F 747 13.19 42.59 23.82
C LEU F 747 12.25 43.17 24.87
N LEU F 748 11.29 42.37 25.33
CA LEU F 748 10.31 42.81 26.32
C LEU F 748 10.16 41.76 27.40
N ALA F 749 9.62 42.19 28.54
CA ALA F 749 9.39 41.30 29.68
C ALA F 749 8.25 41.89 30.50
N ASN F 750 7.08 41.26 30.45
CA ASN F 750 5.88 41.75 31.11
C ASN F 750 5.48 40.88 32.30
N GLY F 751 6.46 40.37 33.05
CA GLY F 751 6.18 39.59 34.23
C GLY F 751 5.92 40.44 35.46
N GLU F 752 4.92 41.32 35.38
CA GLU F 752 4.61 42.24 36.46
C GLU F 752 3.62 41.60 37.42
N THR F 753 3.94 41.64 38.71
CA THR F 753 3.08 41.09 39.75
C THR F 753 3.02 42.08 40.91
N VAL F 754 1.81 42.34 41.40
CA VAL F 754 1.60 43.24 42.53
C VAL F 754 1.20 42.40 43.74
N LEU F 755 1.95 42.56 44.83
CA LEU F 755 1.71 41.79 46.04
C LEU F 755 1.39 42.72 47.20
N ARG F 756 0.39 42.34 47.99
CA ARG F 756 0.01 43.08 49.18
C ARG F 756 0.04 42.15 50.39
N ASP F 757 0.55 42.67 51.50
CA ASP F 757 0.71 41.87 52.71
C ASP F 757 0.73 42.82 53.90
N ALA F 758 1.08 42.28 55.07
CA ALA F 758 1.09 43.08 56.29
C ALA F 758 2.15 44.17 56.22
N SER F 759 3.33 43.86 55.70
CA SER F 759 4.41 44.84 55.66
C SER F 759 4.08 46.00 54.72
N GLY F 760 3.56 45.69 53.53
CA GLY F 760 3.24 46.73 52.58
C GLY F 760 2.96 46.14 51.21
N GLU F 761 2.93 47.03 50.23
CA GLU F 761 2.65 46.67 48.84
C GLU F 761 3.93 46.75 48.03
N LYS F 762 4.14 45.74 47.17
CA LYS F 762 5.32 45.65 46.34
C LYS F 762 4.93 45.31 44.90
N ARG F 763 5.78 45.70 43.97
CA ARG F 763 5.57 45.44 42.55
C ARG F 763 6.81 44.80 41.96
N ILE F 764 6.60 43.91 40.99
CA ILE F 764 7.68 43.20 40.32
C ILE F 764 7.44 43.28 38.82
N LYS F 765 8.53 43.29 38.07
CA LYS F 765 8.47 43.36 36.62
C LYS F 765 9.56 42.48 36.03
N GLY F 766 9.36 42.09 34.77
CA GLY F 766 10.30 41.21 34.11
C GLY F 766 11.59 41.91 33.74
N GLU F 767 12.57 41.09 33.33
CA GLU F 767 13.89 41.57 32.96
C GLU F 767 14.25 41.03 31.57
N LYS F 768 15.17 41.74 30.91
CA LYS F 768 15.62 41.33 29.59
C LYS F 768 16.58 40.14 29.71
N ASP F 769 17.08 39.70 28.57
CA ASP F 769 17.98 38.56 28.50
C ASP F 769 19.24 38.93 27.73
N SER F 770 20.34 38.26 28.08
CA SER F 770 21.61 38.40 27.38
C SER F 770 22.27 37.04 27.24
N ARG F 771 21.49 36.03 26.83
CA ARG F 771 21.96 34.66 26.89
C ARG F 771 22.71 34.28 25.61
N MET F 772 23.54 33.24 25.74
CA MET F 772 24.29 32.70 24.61
C MET F 772 24.07 31.20 24.53
N LEU F 773 24.08 30.68 23.30
CA LEU F 773 23.86 29.26 23.04
C LEU F 773 24.93 28.76 22.07
N MET F 774 25.40 27.54 22.30
CA MET F 774 26.48 26.95 21.53
C MET F 774 25.92 26.05 20.42
N SER F 775 26.80 25.31 19.76
CA SER F 775 26.46 24.42 18.65
C SER F 775 25.81 23.14 19.14
N VAL F 776 25.67 22.16 18.24
CA VAL F 776 25.00 20.89 18.47
C VAL F 776 25.91 19.76 17.99
N GLY F 777 25.37 18.54 18.01
CA GLY F 777 26.13 17.34 17.69
C GLY F 777 26.20 17.04 16.20
N LEU F 778 26.42 15.77 15.90
CA LEU F 778 26.73 15.35 14.53
C LEU F 778 25.45 15.17 13.70
N ASN F 779 24.55 14.30 14.17
CA ASN F 779 23.30 14.01 13.45
C ASN F 779 23.56 13.48 12.05
N ALA F 780 24.18 12.30 11.99
CA ALA F 780 24.58 11.68 10.73
C ALA F 780 23.76 10.42 10.50
N GLU F 781 22.84 10.47 9.54
CA GLU F 781 22.06 9.31 9.12
C GLU F 781 22.76 8.66 7.93
N ILE F 782 23.33 7.48 8.16
CA ILE F 782 24.25 6.90 7.18
C ILE F 782 23.49 6.31 6.00
N ARG F 783 22.66 5.30 6.28
CA ARG F 783 22.02 4.54 5.21
C ARG F 783 20.51 4.68 5.26
N ASP F 784 19.80 3.90 4.43
CA ASP F 784 18.35 3.96 4.39
C ASP F 784 17.69 3.17 5.51
N ASN F 785 18.48 2.48 6.34
CA ASN F 785 17.93 1.68 7.44
C ASN F 785 18.57 1.98 8.78
N VAL F 786 19.61 2.82 8.84
CA VAL F 786 20.30 3.12 10.08
C VAL F 786 20.14 4.61 10.39
N ARG F 787 20.63 4.99 11.56
CA ARG F 787 20.61 6.38 12.00
C ARG F 787 21.76 6.59 12.98
N PHE F 788 22.07 7.86 13.24
CA PHE F 788 23.10 8.23 14.22
C PHE F 788 23.03 9.73 14.46
N GLY F 789 23.22 10.13 15.70
CA GLY F 789 23.14 11.54 16.05
C GLY F 789 23.60 11.79 17.47
N LEU F 790 23.84 13.06 17.76
CA LEU F 790 24.30 13.49 19.07
C LEU F 790 23.88 14.94 19.30
N GLU F 791 23.96 15.36 20.56
CA GLU F 791 23.62 16.72 20.94
C GLU F 791 24.60 17.23 21.98
N PHE F 792 24.76 18.54 22.03
CA PHE F 792 25.67 19.18 22.97
C PHE F 792 24.90 20.07 23.93
N GLU F 793 25.41 20.18 25.16
CA GLU F 793 24.80 20.98 26.20
C GLU F 793 25.80 22.00 26.71
N LYS F 794 25.31 23.22 26.96
CA LYS F 794 26.14 24.32 27.44
C LYS F 794 26.15 24.31 28.96
N SER F 795 27.32 24.07 29.55
CA SER F 795 27.46 24.01 31.01
C SER F 795 27.96 25.36 31.53
N ALA F 796 27.03 26.30 31.60
CA ALA F 796 27.33 27.66 32.07
C ALA F 796 27.28 27.68 33.59
N PHE F 797 28.34 27.14 34.20
CA PHE F 797 28.42 27.09 35.65
C PHE F 797 28.74 28.45 36.26
N GLY F 798 29.64 29.21 35.64
CA GLY F 798 30.05 30.49 36.22
C GLY F 798 28.95 31.53 36.22
N LYS F 799 28.16 31.59 35.14
CA LYS F 799 27.21 32.68 34.99
C LYS F 799 26.04 32.56 35.95
N TYR F 800 25.24 31.50 35.80
CA TYR F 800 24.09 31.29 36.66
C TYR F 800 23.90 29.82 37.00
N ASN F 801 24.99 29.04 36.95
CA ASN F 801 24.93 27.59 37.13
C ASN F 801 23.92 26.95 36.17
N VAL F 802 23.83 27.51 34.97
CA VAL F 802 22.90 27.00 33.97
C VAL F 802 23.50 25.79 33.27
N ASP F 803 22.63 25.01 32.64
CA ASP F 803 23.05 23.81 31.93
C ASP F 803 21.93 23.39 30.98
N ASN F 804 22.19 22.31 30.25
CA ASN F 804 21.22 21.72 29.34
C ASN F 804 21.33 20.21 29.43
N ALA F 805 20.75 19.51 28.47
CA ALA F 805 20.81 18.06 28.40
C ALA F 805 21.53 17.64 27.12
N VAL F 806 22.43 16.66 27.26
CA VAL F 806 23.22 16.15 26.13
C VAL F 806 23.07 14.64 26.09
N ASN F 807 23.08 14.11 24.86
CA ASN F 807 22.91 12.68 24.66
C ASN F 807 23.40 12.31 23.27
N ALA F 808 23.61 11.01 23.06
CA ALA F 808 24.03 10.48 21.78
C ALA F 808 23.57 9.03 21.68
N ASN F 809 22.94 8.69 20.57
CA ASN F 809 22.39 7.36 20.39
C ASN F 809 22.24 7.08 18.90
N PHE F 810 22.06 5.80 18.58
CA PHE F 810 21.81 5.41 17.19
C PHE F 810 21.16 4.04 17.16
N ARG F 811 20.46 3.77 16.06
CA ARG F 811 19.58 2.61 15.95
C ARG F 811 19.96 1.81 14.72
N TYR F 812 20.21 0.52 14.90
CA TYR F 812 20.55 -0.40 13.81
C TYR F 812 19.47 -1.48 13.73
N CYS F 813 18.62 -1.38 12.72
CA CYS F 813 17.55 -2.34 12.50
C CYS F 813 17.88 -3.18 11.27
N PHE F 814 17.81 -4.49 11.44
CA PHE F 814 18.15 -5.42 10.38
C PHE F 814 17.05 -5.49 9.34
#